data_4HN3
#
_entry.id   4HN3
#
_cell.length_a   149.085
_cell.length_b   99.318
_cell.length_c   104.608
_cell.angle_alpha   90.00
_cell.angle_beta   90.00
_cell.angle_gamma   90.00
#
_symmetry.space_group_name_H-M   'P 21 21 2'
#
loop_
_entity.id
_entity.type
_entity.pdbx_description
1 polymer 'Lmo1757 protein'
2 non-polymer GLYCEROL
3 non-polymer DI(HYDROXYETHYL)ETHER
4 non-polymer BETA-MERCAPTOETHANOL
5 water water
#
_entity_poly.entity_id   1
_entity_poly.type   'polypeptide(L)'
_entity_poly.pdbx_seq_one_letter_code
;SNANDKVVQKDDSKAETGI(MSE)TKNQISSNYYKTVLPYKASKSRGLVVSNIYSRYDINELESGL(MSE)RVSQNKYSP
DNYLFQEGQYLDKETLEKWLDRKSDKNPNGLNPASNGNGENRKPIYLAHILEQDYLKQTDKDTVALGGISIALA(MSE)N
SVDYYQKEKYGDTYEQPISDSELLAQGKE(MSE)SATVLNRIRQTKGLENVPVTIAIYKQGARDAVAPGNYIAYATANGD
SLSNWKDIDEKNYVLPSTESAKDHKTDNDNFLNFKKAIEDYYPNFTGVVGRGRYEDGQLAELNIDIPLQFYGEAEIIGFT
QYVTDLVGQHIPKTADLQVNISTSDGPAALITRKANEDAATAHIYD
;
_entity_poly.pdbx_strand_id   A,B,C,D
#
loop_
_chem_comp.id
_chem_comp.type
_chem_comp.name
_chem_comp.formula
BME non-polymer BETA-MERCAPTOETHANOL 'C2 H6 O S'
GOL non-polymer GLYCEROL 'C3 H8 O3'
PEG non-polymer DI(HYDROXYETHYL)ETHER 'C4 H10 O3'
#
# COMPACT_ATOMS: atom_id res chain seq x y z
N ILE A 19 -21.58 13.54 38.38
CA ILE A 19 -20.19 13.88 38.65
C ILE A 19 -19.50 14.60 37.47
N MSE A 20 -18.18 14.49 37.42
CA MSE A 20 -17.40 15.31 36.51
C MSE A 20 -15.97 14.80 36.49
O MSE A 20 -15.57 14.03 37.37
CB MSE A 20 -17.39 16.75 37.02
CG MSE A 20 -16.72 16.90 38.40
SE MSE A 20 -16.78 18.66 39.24
CE MSE A 20 -18.66 18.67 39.71
N THR A 21 -15.19 15.23 35.51
CA THR A 21 -13.76 15.05 35.55
C THR A 21 -13.17 16.04 36.54
N LYS A 22 -12.09 15.66 37.21
CA LYS A 22 -11.50 16.53 38.21
C LYS A 22 -10.37 17.40 37.67
N ASN A 23 -9.65 16.90 36.68
CA ASN A 23 -8.58 17.68 36.07
C ASN A 23 -9.12 18.49 34.90
N GLN A 24 -8.88 19.79 34.90
CA GLN A 24 -9.40 20.66 33.85
C GLN A 24 -8.43 20.78 32.69
N ILE A 25 -7.15 20.60 32.99
CA ILE A 25 -6.05 20.67 32.03
C ILE A 25 -5.65 22.08 31.60
N SER A 26 -6.62 22.88 31.18
CA SER A 26 -6.36 24.24 30.70
C SER A 26 -7.54 25.14 31.02
N SER A 27 -7.22 26.41 31.24
CA SER A 27 -8.22 27.42 31.58
C SER A 27 -9.23 27.57 30.45
N ASN A 28 -8.78 27.28 29.24
CA ASN A 28 -9.65 27.35 28.06
C ASN A 28 -10.68 26.21 28.02
N TYR A 29 -10.54 25.21 28.88
CA TYR A 29 -11.44 24.04 28.84
C TYR A 29 -12.37 24.00 30.04
N TYR A 30 -13.48 23.28 29.88
CA TYR A 30 -14.36 23.01 31.00
C TYR A 30 -14.09 21.61 31.50
N LYS A 31 -14.41 21.36 32.77
CA LYS A 31 -14.53 20.00 33.26
C LYS A 31 -15.72 19.33 32.60
N THR A 32 -15.68 18.01 32.50
CA THR A 32 -16.61 17.29 31.64
C THR A 32 -17.53 16.41 32.44
N VAL A 33 -18.78 16.31 31.99
CA VAL A 33 -19.75 15.53 32.74
C VAL A 33 -19.48 14.03 32.69
N LEU A 34 -19.54 13.41 33.86
CA LEU A 34 -19.52 11.96 34.02
C LEU A 34 -20.85 11.49 34.62
N PRO A 35 -21.30 10.28 34.25
CA PRO A 35 -20.68 9.39 33.27
C PRO A 35 -20.64 10.03 31.90
N TYR A 36 -19.67 9.65 31.08
CA TYR A 36 -19.52 10.24 29.77
C TYR A 36 -20.69 9.90 28.85
N LYS A 37 -21.21 10.92 28.20
CA LYS A 37 -22.18 10.69 27.14
C LYS A 37 -21.60 11.21 25.84
N ALA A 38 -21.51 10.32 24.87
CA ALA A 38 -20.98 10.68 23.55
C ALA A 38 -21.94 11.66 22.88
N SER A 39 -21.39 12.48 22.02
CA SER A 39 -22.19 13.34 21.16
C SER A 39 -23.29 12.52 20.50
N LYS A 40 -24.50 13.07 20.44
CA LYS A 40 -25.55 12.38 19.68
C LYS A 40 -25.28 12.58 18.19
N SER A 41 -24.28 13.38 17.86
CA SER A 41 -23.89 13.50 16.46
C SER A 41 -22.42 13.12 16.29
N ARG A 42 -22.01 12.07 17.00
CA ARG A 42 -20.59 11.70 17.10
C ARG A 42 -19.93 11.48 15.76
N GLY A 43 -18.88 12.24 15.49
CA GLY A 43 -18.11 12.04 14.29
C GLY A 43 -18.60 12.87 13.12
N LEU A 44 -19.79 13.45 13.21
CA LEU A 44 -20.31 14.26 12.10
C LEU A 44 -19.33 15.39 11.76
N VAL A 45 -18.68 15.93 12.77
CA VAL A 45 -17.78 17.03 12.51
C VAL A 45 -16.62 16.61 11.62
N VAL A 46 -16.19 15.36 11.78
CA VAL A 46 -15.14 14.80 10.94
C VAL A 46 -15.61 14.60 9.49
N SER A 47 -16.88 14.23 9.31
CA SER A 47 -17.43 14.08 7.96
C SER A 47 -17.54 15.44 7.28
N ASN A 48 -17.80 16.47 8.07
CA ASN A 48 -18.24 17.75 7.52
C ASN A 48 -17.17 18.81 7.41
N ILE A 49 -16.09 18.65 8.15
CA ILE A 49 -15.08 19.71 8.21
C ILE A 49 -13.80 19.08 7.74
N TYR A 50 -13.25 19.62 6.66
CA TYR A 50 -12.14 18.97 5.96
C TYR A 50 -10.85 18.95 6.80
N SER A 51 -10.47 20.09 7.36
CA SER A 51 -9.16 20.18 8.00
C SER A 51 -9.25 19.96 9.50
N ARG A 52 -8.37 19.11 10.03
CA ARG A 52 -8.33 18.91 11.47
CA ARG A 52 -8.29 18.91 11.48
C ARG A 52 -8.02 20.21 12.22
N TYR A 53 -7.28 21.13 11.59
CA TYR A 53 -7.05 22.43 12.24
C TYR A 53 -8.32 23.26 12.33
N ASP A 54 -9.20 23.19 11.33
CA ASP A 54 -10.51 23.83 11.45
C ASP A 54 -11.35 23.13 12.53
N ILE A 55 -11.29 21.80 12.60
CA ILE A 55 -12.05 21.08 13.63
C ILE A 55 -11.65 21.53 15.03
N ASN A 56 -10.34 21.64 15.27
CA ASN A 56 -9.86 22.12 16.56
C ASN A 56 -10.31 23.54 16.85
N GLU A 57 -10.17 24.42 15.86
CA GLU A 57 -10.62 25.80 16.00
C GLU A 57 -12.11 25.80 16.38
N LEU A 58 -12.90 25.07 15.59
CA LEU A 58 -14.36 25.05 15.77
C LEU A 58 -14.75 24.64 17.20
N GLU A 59 -14.22 23.52 17.68
CA GLU A 59 -14.63 23.03 19.00
C GLU A 59 -13.99 23.78 20.17
N SER A 60 -12.67 23.98 20.12
CA SER A 60 -12.01 24.72 21.19
C SER A 60 -12.48 26.15 21.18
N GLY A 61 -12.60 26.72 20.00
CA GLY A 61 -13.12 28.07 19.83
C GLY A 61 -14.53 28.28 20.37
N LEU A 62 -15.40 27.28 20.25
CA LEU A 62 -16.76 27.44 20.80
C LEU A 62 -16.73 27.41 22.32
N MSE A 63 -15.82 26.61 22.89
CA MSE A 63 -15.59 26.63 24.34
C MSE A 63 -15.11 28.00 24.82
O MSE A 63 -15.58 28.50 25.84
CB MSE A 63 -14.60 25.57 24.78
CG MSE A 63 -15.16 24.16 24.71
SE MSE A 63 -13.73 22.90 25.24
CE MSE A 63 -14.33 22.31 26.94
N ARG A 64 -14.16 28.60 24.10
CA ARG A 64 -13.72 29.95 24.48
C ARG A 64 -14.87 30.95 24.40
N VAL A 65 -15.68 30.86 23.34
CA VAL A 65 -16.86 31.72 23.23
C VAL A 65 -17.82 31.49 24.40
N SER A 66 -18.04 30.22 24.73
CA SER A 66 -18.97 29.86 25.81
C SER A 66 -18.58 30.47 27.15
N GLN A 67 -17.29 30.74 27.35
CA GLN A 67 -16.85 31.26 28.64
C GLN A 67 -17.25 32.73 28.85
N ASN A 68 -17.72 33.38 27.79
CA ASN A 68 -18.31 34.70 27.96
C ASN A 68 -19.64 34.62 28.69
N LYS A 69 -20.28 33.45 28.66
CA LYS A 69 -21.59 33.31 29.28
C LYS A 69 -21.66 32.25 30.38
N TYR A 70 -20.91 31.16 30.20
CA TYR A 70 -20.93 30.06 31.16
C TYR A 70 -19.53 29.85 31.71
N SER A 71 -19.28 30.36 32.91
CA SER A 71 -17.98 30.20 33.54
C SER A 71 -17.66 28.74 33.79
N PRO A 72 -16.44 28.34 33.46
CA PRO A 72 -16.01 26.97 33.78
C PRO A 72 -15.84 26.75 35.27
N ASP A 73 -15.91 27.81 36.07
CA ASP A 73 -15.96 27.67 37.52
C ASP A 73 -17.33 27.17 37.96
N ASN A 74 -18.33 27.37 37.11
CA ASN A 74 -19.74 27.10 37.44
C ASN A 74 -20.45 26.03 36.62
N TYR A 75 -19.95 25.75 35.41
CA TYR A 75 -20.64 24.86 34.48
C TYR A 75 -19.75 23.69 34.08
N LEU A 76 -20.37 22.55 33.84
CA LEU A 76 -19.70 21.38 33.30
C LEU A 76 -20.11 21.21 31.83
N PHE A 77 -19.17 20.67 31.05
CA PHE A 77 -19.33 20.52 29.60
C PHE A 77 -19.83 19.14 29.25
N GLN A 78 -20.75 19.08 28.30
CA GLN A 78 -21.11 17.79 27.72
C GLN A 78 -21.25 17.96 26.22
N GLU A 79 -20.80 17.00 25.42
CA GLU A 79 -21.02 17.08 23.98
C GLU A 79 -22.52 17.08 23.68
N GLY A 80 -22.90 17.69 22.56
CA GLY A 80 -24.30 17.99 22.28
C GLY A 80 -25.19 16.76 22.31
N GLN A 81 -26.23 16.82 23.12
CA GLN A 81 -27.14 15.69 23.25
C GLN A 81 -28.50 15.94 22.61
N TYR A 82 -28.85 17.21 22.36
CA TYR A 82 -30.23 17.56 21.95
C TYR A 82 -30.49 17.61 20.44
N LEU A 83 -29.45 17.84 19.66
CA LEU A 83 -29.58 17.79 18.21
C LEU A 83 -28.86 16.57 17.67
N ASP A 84 -29.61 15.53 17.32
CA ASP A 84 -28.99 14.30 16.86
C ASP A 84 -28.53 14.38 15.39
N LYS A 85 -27.80 13.35 14.98
CA LYS A 85 -27.20 13.32 13.65
C LYS A 85 -28.24 13.52 12.53
N GLU A 86 -29.37 12.83 12.61
CA GLU A 86 -30.37 12.90 11.55
C GLU A 86 -30.95 14.30 11.40
N THR A 87 -31.13 14.98 12.53
CA THR A 87 -31.67 16.32 12.50
C THR A 87 -30.69 17.29 11.87
N LEU A 88 -29.42 17.17 12.26
CA LEU A 88 -28.37 18.07 11.77
C LEU A 88 -28.18 17.86 10.27
N GLU A 89 -28.23 16.59 9.86
CA GLU A 89 -28.04 16.27 8.46
C GLU A 89 -29.18 16.85 7.65
N LYS A 90 -30.37 16.81 8.23
CA LYS A 90 -31.53 17.39 7.60
C LYS A 90 -31.34 18.90 7.41
N TRP A 91 -30.87 19.56 8.46
CA TRP A 91 -30.65 21.01 8.40
C TRP A 91 -29.49 21.40 7.49
N LEU A 92 -28.48 20.55 7.41
CA LEU A 92 -27.30 20.85 6.59
C LEU A 92 -27.56 20.70 5.10
N ASP A 93 -28.62 20.00 4.76
CA ASP A 93 -29.00 19.77 3.38
C ASP A 93 -29.40 21.08 2.68
N ARG A 94 -29.44 21.08 1.35
CA ARG A 94 -30.07 22.17 0.62
C ARG A 94 -31.58 22.08 0.85
N LYS A 95 -32.23 23.22 0.90
CA LYS A 95 -33.69 23.26 0.97
C LYS A 95 -34.25 22.69 -0.34
N SER A 96 -35.28 21.84 -0.24
CA SER A 96 -35.98 21.34 -1.43
C SER A 96 -37.38 20.89 -1.07
N ASP A 97 -38.13 20.42 -2.06
CA ASP A 97 -39.50 19.97 -1.82
C ASP A 97 -39.57 18.75 -0.92
N LYS A 98 -38.60 17.85 -1.07
CA LYS A 98 -38.57 16.67 -0.22
C LYS A 98 -37.97 17.00 1.13
N ASN A 99 -37.14 18.04 1.19
CA ASN A 99 -36.63 18.47 2.49
C ASN A 99 -36.72 19.97 2.68
N PRO A 100 -37.92 20.44 3.04
CA PRO A 100 -38.12 21.87 3.26
C PRO A 100 -37.29 22.36 4.44
N ASN A 101 -36.71 21.44 5.21
CA ASN A 101 -35.95 21.79 6.41
C ASN A 101 -34.49 22.18 6.17
N GLY A 102 -33.98 21.94 4.96
CA GLY A 102 -32.60 22.30 4.67
C GLY A 102 -32.32 23.78 4.84
N LEU A 103 -31.19 24.12 5.45
CA LEU A 103 -30.84 25.52 5.65
C LEU A 103 -30.09 26.10 4.47
N ASN A 104 -29.40 25.24 3.72
CA ASN A 104 -28.67 25.71 2.55
C ASN A 104 -29.62 26.02 1.40
N PRO A 105 -29.20 26.93 0.50
CA PRO A 105 -30.06 27.41 -0.59
C PRO A 105 -30.47 26.28 -1.52
N ALA A 106 -31.70 26.35 -2.02
CA ALA A 106 -32.18 25.37 -2.98
C ALA A 106 -31.25 25.39 -4.16
N SER A 107 -31.06 24.23 -4.77
CA SER A 107 -30.22 24.13 -5.96
C SER A 107 -30.85 24.90 -7.12
N ASN A 108 -30.02 25.58 -7.90
CA ASN A 108 -30.48 26.17 -9.14
C ASN A 108 -29.43 26.03 -10.25
N GLY A 109 -28.79 24.87 -10.27
CA GLY A 109 -27.79 24.55 -11.28
C GLY A 109 -26.38 24.60 -10.76
N ASN A 110 -25.45 24.07 -11.55
CA ASN A 110 -24.02 24.20 -11.29
C ASN A 110 -23.37 25.19 -12.26
N GLY A 111 -24.19 26.12 -12.76
CA GLY A 111 -23.76 27.12 -13.71
C GLY A 111 -23.34 28.44 -13.08
N GLU A 112 -23.34 29.51 -13.88
CA GLU A 112 -22.88 30.82 -13.42
C GLU A 112 -23.73 31.35 -12.26
N ASN A 113 -24.98 30.95 -12.23
CA ASN A 113 -25.91 31.38 -11.20
C ASN A 113 -25.95 30.39 -10.04
N ARG A 114 -24.93 29.56 -9.94
CA ARG A 114 -24.91 28.53 -8.92
C ARG A 114 -24.97 29.10 -7.50
N LYS A 115 -25.93 28.63 -6.71
CA LYS A 115 -25.95 28.97 -5.29
C LYS A 115 -25.12 27.96 -4.49
N PRO A 116 -24.19 28.46 -3.67
CA PRO A 116 -23.23 27.55 -3.05
C PRO A 116 -23.78 26.97 -1.75
N ILE A 117 -23.09 25.97 -1.22
CA ILE A 117 -23.36 25.49 0.12
C ILE A 117 -22.66 26.47 1.08
N TYR A 118 -23.45 27.24 1.80
CA TYR A 118 -22.90 28.24 2.72
C TYR A 118 -22.52 27.62 4.04
N LEU A 119 -23.28 26.63 4.47
CA LEU A 119 -23.16 26.07 5.83
C LEU A 119 -22.68 24.63 5.78
N ALA A 120 -21.52 24.37 6.37
CA ALA A 120 -20.91 23.05 6.31
C ALA A 120 -21.26 22.19 7.51
N HIS A 121 -21.47 22.81 8.67
CA HIS A 121 -21.66 22.00 9.84
C HIS A 121 -22.30 22.81 10.95
N ILE A 122 -22.96 22.11 11.87
CA ILE A 122 -23.55 22.73 13.05
C ILE A 122 -23.04 21.97 14.24
N LEU A 123 -22.46 22.68 15.20
CA LEU A 123 -21.89 22.06 16.38
C LEU A 123 -22.70 22.50 17.58
N GLU A 124 -23.01 21.55 18.46
CA GLU A 124 -23.73 21.83 19.68
C GLU A 124 -22.87 21.49 20.89
N GLN A 125 -22.81 22.39 21.87
CA GLN A 125 -22.14 22.09 23.14
C GLN A 125 -23.11 22.37 24.26
N ASP A 126 -23.19 21.47 25.23
CA ASP A 126 -24.12 21.63 26.35
C ASP A 126 -23.38 22.02 27.61
N TYR A 127 -23.98 22.93 28.38
CA TYR A 127 -23.35 23.39 29.61
C TYR A 127 -24.29 23.13 30.79
N LEU A 128 -23.82 22.33 31.72
CA LEU A 128 -24.66 21.85 32.81
C LEU A 128 -24.21 22.43 34.14
N LYS A 129 -25.17 22.68 35.02
CA LYS A 129 -24.86 23.07 36.39
C LYS A 129 -25.15 21.90 37.31
N GLN A 130 -24.28 21.73 38.31
CA GLN A 130 -24.52 20.74 39.34
C GLN A 130 -25.56 21.30 40.30
N THR A 131 -26.67 20.58 40.45
CA THR A 131 -27.76 21.05 41.29
C THR A 131 -27.64 20.50 42.72
N ASP A 132 -27.12 19.28 42.84
CA ASP A 132 -26.81 18.70 44.15
C ASP A 132 -25.60 17.76 44.02
N LYS A 133 -25.37 16.95 45.05
CA LYS A 133 -24.19 16.08 45.09
C LYS A 133 -24.00 15.22 43.85
N ASP A 134 -25.08 14.62 43.36
CA ASP A 134 -24.98 13.68 42.25
C ASP A 134 -25.94 13.97 41.07
N THR A 135 -26.37 15.22 40.95
CA THR A 135 -27.27 15.60 39.85
C THR A 135 -26.79 16.84 39.12
N VAL A 136 -27.01 16.88 37.81
CA VAL A 136 -26.73 18.08 37.03
C VAL A 136 -27.95 18.45 36.20
N ALA A 137 -28.03 19.71 35.79
CA ALA A 137 -29.14 20.16 34.98
C ALA A 137 -28.64 21.07 33.87
N LEU A 138 -29.28 21.00 32.71
CA LEU A 138 -28.87 21.85 31.60
C LEU A 138 -29.03 23.31 31.99
N GLY A 139 -27.95 24.08 31.85
CA GLY A 139 -27.96 25.49 32.20
C GLY A 139 -27.77 26.41 31.00
N GLY A 140 -27.34 25.84 29.89
CA GLY A 140 -27.15 26.64 28.68
C GLY A 140 -26.58 25.80 27.55
N ILE A 141 -26.71 26.31 26.33
CA ILE A 141 -26.10 25.67 25.19
C ILE A 141 -25.38 26.66 24.33
N SER A 142 -24.41 26.17 23.58
CA SER A 142 -23.74 26.97 22.57
C SER A 142 -23.80 26.23 21.26
N ILE A 143 -23.95 27.00 20.18
CA ILE A 143 -24.08 26.44 18.85
C ILE A 143 -23.07 27.14 17.96
N ALA A 144 -22.36 26.40 17.13
CA ALA A 144 -21.55 27.02 16.09
C ALA A 144 -22.05 26.64 14.72
N LEU A 145 -22.19 27.64 13.85
CA LEU A 145 -22.48 27.40 12.45
C LEU A 145 -21.14 27.56 11.74
N ALA A 146 -20.66 26.47 11.19
CA ALA A 146 -19.41 26.48 10.43
C ALA A 146 -19.70 26.82 8.97
N MSE A 147 -19.26 27.99 8.55
CA MSE A 147 -19.52 28.48 7.20
C MSE A 147 -18.38 28.13 6.24
O MSE A 147 -17.21 28.15 6.64
CB MSE A 147 -19.71 30.00 7.24
CG MSE A 147 -20.63 30.49 8.35
SE MSE A 147 -22.45 29.78 8.18
CE MSE A 147 -23.03 30.73 6.55
N ASN A 148 -18.68 27.82 4.99
CA ASN A 148 -17.63 27.68 3.98
C ASN A 148 -17.08 29.03 3.53
N SER A 149 -15.76 29.15 3.48
CA SER A 149 -15.16 30.30 2.79
C SER A 149 -14.92 29.95 1.34
N VAL A 150 -14.76 28.65 1.07
CA VAL A 150 -14.73 28.14 -0.30
C VAL A 150 -15.63 26.93 -0.35
N ASP A 151 -16.59 26.93 -1.28
CA ASP A 151 -17.43 25.76 -1.47
C ASP A 151 -16.85 24.92 -2.61
N TYR A 152 -16.57 23.66 -2.32
CA TYR A 152 -16.02 22.71 -3.30
C TYR A 152 -17.11 21.80 -3.84
N TYR A 153 -17.13 21.60 -5.15
CA TYR A 153 -18.20 20.80 -5.75
C TYR A 153 -17.76 20.16 -7.04
N GLN A 154 -18.53 19.16 -7.46
CA GLN A 154 -18.29 18.54 -8.75
C GLN A 154 -19.48 18.73 -9.65
N LYS A 155 -19.24 18.94 -10.93
CA LYS A 155 -20.34 19.08 -11.89
C LYS A 155 -20.77 17.70 -12.38
N GLU A 156 -19.80 16.79 -12.47
CA GLU A 156 -20.04 15.42 -12.88
C GLU A 156 -19.49 14.49 -11.81
N LYS A 157 -20.22 13.40 -11.57
CA LYS A 157 -19.72 12.35 -10.68
C LYS A 157 -18.34 11.91 -11.15
N TYR A 158 -17.36 12.02 -10.25
CA TYR A 158 -15.99 11.56 -10.52
C TYR A 158 -15.10 12.62 -11.17
N GLY A 159 -15.68 13.77 -11.50
CA GLY A 159 -14.96 14.82 -12.21
C GLY A 159 -14.11 15.74 -11.35
N ASP A 160 -13.50 16.72 -12.01
CA ASP A 160 -12.67 17.71 -11.34
C ASP A 160 -13.43 18.37 -10.20
N THR A 161 -12.69 18.91 -9.24
CA THR A 161 -13.34 19.63 -8.14
C THR A 161 -13.28 21.12 -8.42
N TYR A 162 -14.45 21.74 -8.51
CA TYR A 162 -14.53 23.18 -8.76
C TYR A 162 -14.70 23.94 -7.45
N GLU A 163 -14.24 25.18 -7.45
CA GLU A 163 -14.24 26.00 -6.24
C GLU A 163 -15.17 27.20 -6.40
N GLN A 164 -15.96 27.48 -5.38
CA GLN A 164 -16.74 28.69 -5.34
C GLN A 164 -16.45 29.44 -4.06
N PRO A 165 -15.55 30.44 -4.13
CA PRO A 165 -15.21 31.26 -2.96
C PRO A 165 -16.41 32.10 -2.49
N ILE A 166 -16.46 32.38 -1.19
CA ILE A 166 -17.53 33.16 -0.58
C ILE A 166 -16.89 34.24 0.28
N SER A 167 -17.28 35.51 0.10
CA SER A 167 -16.67 36.60 0.87
C SER A 167 -17.01 36.53 2.35
N ASP A 168 -16.18 37.13 3.18
CA ASP A 168 -16.50 37.30 4.60
C ASP A 168 -17.88 37.95 4.81
N SER A 169 -18.17 39.02 4.07
CA SER A 169 -19.44 39.71 4.29
C SER A 169 -20.66 38.85 3.95
N GLU A 170 -20.57 38.06 2.87
CA GLU A 170 -21.67 37.18 2.49
C GLU A 170 -21.85 36.02 3.47
N LEU A 171 -20.75 35.40 3.88
CA LEU A 171 -20.86 34.30 4.83
C LEU A 171 -21.28 34.80 6.21
N LEU A 172 -20.87 36.01 6.57
CA LEU A 172 -21.35 36.59 7.82
C LEU A 172 -22.87 36.82 7.75
N ALA A 173 -23.36 37.37 6.63
CA ALA A 173 -24.79 37.65 6.49
C ALA A 173 -25.65 36.40 6.46
N GLN A 174 -25.20 35.40 5.71
CA GLN A 174 -25.91 34.14 5.63
C GLN A 174 -25.92 33.52 7.02
N GLY A 175 -24.79 33.67 7.71
CA GLY A 175 -24.64 33.11 9.05
C GLY A 175 -25.64 33.70 10.03
N LYS A 176 -25.81 35.02 9.98
CA LYS A 176 -26.73 35.68 10.91
C LYS A 176 -28.17 35.25 10.65
N GLU A 177 -28.53 35.11 9.38
CA GLU A 177 -29.89 34.76 9.00
C GLU A 177 -30.19 33.32 9.42
N MSE A 178 -29.26 32.40 9.14
CA MSE A 178 -29.42 31.00 9.52
C MSE A 178 -29.44 30.79 11.04
O MSE A 178 -30.17 29.95 11.56
CB MSE A 178 -28.33 30.15 8.89
CG MSE A 178 -28.41 30.08 7.36
SE MSE A 178 -26.95 29.00 6.63
CE MSE A 178 -27.32 29.17 4.74
N SER A 179 -28.62 31.56 11.75
CA SER A 179 -28.60 31.54 13.20
C SER A 179 -29.99 31.83 13.77
N ALA A 180 -30.69 32.80 13.20
CA ALA A 180 -32.04 33.13 13.64
C ALA A 180 -33.00 31.96 13.44
N THR A 181 -32.92 31.32 12.28
CA THR A 181 -33.75 30.14 11.99
C THR A 181 -33.38 29.00 12.94
N VAL A 182 -32.09 28.78 13.13
CA VAL A 182 -31.65 27.72 14.02
C VAL A 182 -32.17 27.93 15.45
N LEU A 183 -32.14 29.17 15.92
CA LEU A 183 -32.65 29.46 17.26
C LEU A 183 -34.16 29.15 17.38
N ASN A 184 -34.92 29.52 16.35
CA ASN A 184 -36.34 29.18 16.31
C ASN A 184 -36.59 27.69 16.50
N ARG A 185 -35.82 26.86 15.80
CA ARG A 185 -36.00 25.42 15.83
C ARG A 185 -35.51 24.86 17.16
N ILE A 186 -34.48 25.49 17.71
CA ILE A 186 -34.04 25.10 19.04
C ILE A 186 -35.16 25.28 20.03
N ARG A 187 -35.93 26.37 19.91
CA ARG A 187 -37.01 26.62 20.85
C ARG A 187 -38.18 25.63 20.68
N GLN A 188 -38.20 24.91 19.57
CA GLN A 188 -39.22 23.89 19.39
C GLN A 188 -38.68 22.50 19.72
N THR A 189 -37.44 22.46 20.22
CA THR A 189 -36.82 21.19 20.56
C THR A 189 -37.05 20.89 22.04
N LYS A 190 -37.52 19.69 22.35
CA LYS A 190 -37.83 19.34 23.74
C LYS A 190 -36.62 19.51 24.64
N GLY A 191 -36.82 20.19 25.77
CA GLY A 191 -35.72 20.47 26.67
C GLY A 191 -34.95 21.76 26.39
N LEU A 192 -35.12 22.34 25.20
CA LEU A 192 -34.39 23.55 24.89
C LEU A 192 -35.28 24.79 24.82
N GLU A 193 -36.47 24.71 25.39
CA GLU A 193 -37.42 25.82 25.28
C GLU A 193 -37.02 27.07 26.06
N ASN A 194 -36.23 26.92 27.12
CA ASN A 194 -36.00 28.02 28.05
C ASN A 194 -34.54 28.38 28.32
N VAL A 195 -33.63 27.46 28.03
CA VAL A 195 -32.24 27.66 28.40
C VAL A 195 -31.59 28.73 27.57
N PRO A 196 -30.68 29.51 28.18
CA PRO A 196 -29.80 30.43 27.45
C PRO A 196 -29.11 29.72 26.28
N VAL A 197 -29.06 30.43 25.15
CA VAL A 197 -28.43 29.91 23.96
C VAL A 197 -27.40 30.92 23.49
N THR A 198 -26.21 30.43 23.17
CA THR A 198 -25.21 31.26 22.53
C THR A 198 -24.94 30.67 21.14
N ILE A 199 -24.96 31.50 20.10
CA ILE A 199 -24.65 31.00 18.76
C ILE A 199 -23.52 31.82 18.18
N ALA A 200 -22.53 31.13 17.62
CA ALA A 200 -21.36 31.80 17.08
C ALA A 200 -21.18 31.37 15.64
N ILE A 201 -20.69 32.29 14.82
CA ILE A 201 -20.46 32.00 13.40
C ILE A 201 -18.96 31.72 13.18
N TYR A 202 -18.64 30.56 12.59
CA TYR A 202 -17.26 30.18 12.37
C TYR A 202 -16.96 30.19 10.88
N LYS A 203 -15.83 30.76 10.49
CA LYS A 203 -15.41 30.74 9.08
C LYS A 203 -14.36 29.66 8.86
N GLN A 204 -14.71 28.64 8.09
CA GLN A 204 -13.76 27.57 7.75
C GLN A 204 -12.73 28.11 6.77
N GLY A 205 -11.47 27.70 6.92
CA GLY A 205 -10.46 28.06 5.93
C GLY A 205 -10.62 27.23 4.66
N ALA A 206 -9.80 27.51 3.65
CA ALA A 206 -9.77 26.70 2.44
C ALA A 206 -9.04 25.36 2.66
N ARG A 207 -9.25 24.41 1.77
CA ARG A 207 -8.72 23.07 1.96
C ARG A 207 -7.20 23.04 1.90
N ASP A 208 -6.63 23.95 1.11
CA ASP A 208 -5.19 24.01 0.96
C ASP A 208 -4.66 25.30 1.58
N ALA A 209 -5.35 25.78 2.61
CA ALA A 209 -4.93 26.99 3.30
C ALA A 209 -3.75 26.66 4.19
N VAL A 210 -2.82 27.61 4.30
CA VAL A 210 -1.65 27.38 5.14
C VAL A 210 -1.97 27.47 6.64
N ALA A 211 -3.13 28.05 6.98
CA ALA A 211 -3.59 28.20 8.36
C ALA A 211 -5.11 28.07 8.36
N PRO A 212 -5.70 27.59 9.46
CA PRO A 212 -7.16 27.36 9.46
C PRO A 212 -7.94 28.67 9.55
N GLY A 213 -9.27 28.55 9.59
CA GLY A 213 -10.16 29.68 9.64
C GLY A 213 -10.29 30.20 11.07
N ASN A 214 -11.41 30.86 11.38
CA ASN A 214 -11.57 31.52 12.68
C ASN A 214 -13.02 31.87 12.97
N TYR A 215 -13.33 32.06 14.25
CA TYR A 215 -14.63 32.61 14.60
C TYR A 215 -14.72 34.04 14.14
N ILE A 216 -15.92 34.50 13.78
CA ILE A 216 -16.07 35.89 13.38
C ILE A 216 -17.10 36.70 14.17
N ALA A 217 -18.09 36.04 14.77
CA ALA A 217 -19.09 36.78 15.56
C ALA A 217 -19.90 35.84 16.41
N TYR A 218 -20.56 36.40 17.42
CA TYR A 218 -21.49 35.62 18.25
C TYR A 218 -22.61 36.48 18.86
N ALA A 219 -23.70 35.82 19.22
CA ALA A 219 -24.85 36.50 19.77
C ALA A 219 -25.52 35.57 20.78
N THR A 220 -26.37 36.10 21.64
CA THR A 220 -26.97 35.25 22.66
C THR A 220 -28.48 35.47 22.72
N ALA A 221 -29.19 34.48 23.25
CA ALA A 221 -30.63 34.62 23.45
C ALA A 221 -31.08 33.85 24.70
N ASN A 222 -31.72 34.55 25.63
CA ASN A 222 -32.44 33.92 26.71
C ASN A 222 -33.86 33.53 26.29
N GLY A 223 -34.26 34.00 25.11
CA GLY A 223 -35.60 33.77 24.60
C GLY A 223 -35.54 33.43 23.11
N ASP A 224 -36.45 33.99 22.34
CA ASP A 224 -36.54 33.62 20.93
C ASP A 224 -35.92 34.66 20.01
N SER A 225 -35.22 35.62 20.57
CA SER A 225 -34.59 36.65 19.73
C SER A 225 -33.12 36.82 20.07
N LEU A 226 -32.26 36.71 19.06
CA LEU A 226 -30.83 36.89 19.27
C LEU A 226 -30.51 38.34 19.61
N SER A 227 -29.53 38.54 20.48
CA SER A 227 -29.03 39.88 20.80
C SER A 227 -28.37 40.44 19.55
N ASN A 228 -27.88 41.67 19.63
CA ASN A 228 -27.02 42.23 18.60
C ASN A 228 -25.80 41.32 18.48
N TRP A 229 -25.23 41.26 17.29
CA TRP A 229 -24.06 40.42 17.06
C TRP A 229 -22.78 41.10 17.55
N LYS A 230 -21.94 40.33 18.23
CA LYS A 230 -20.67 40.87 18.72
C LYS A 230 -19.55 40.31 17.87
N ASP A 231 -18.72 41.19 17.33
CA ASP A 231 -17.62 40.77 16.48
C ASP A 231 -16.57 40.04 17.32
N ILE A 232 -15.94 39.05 16.71
CA ILE A 232 -14.85 38.30 17.33
C ILE A 232 -13.63 38.52 16.47
N ASP A 233 -12.55 38.99 17.09
CA ASP A 233 -11.32 39.24 16.36
C ASP A 233 -10.36 38.09 16.61
N GLU A 234 -10.41 37.09 15.74
CA GLU A 234 -9.58 35.91 15.88
C GLU A 234 -8.97 35.60 14.54
N LYS A 235 -7.69 35.26 14.53
CA LYS A 235 -7.02 34.96 13.28
C LYS A 235 -5.83 34.04 13.48
N ASN A 236 -5.64 33.12 12.54
CA ASN A 236 -4.49 32.22 12.55
C ASN A 236 -3.47 32.58 11.50
N TYR A 237 -2.20 32.54 11.88
CA TYR A 237 -1.12 32.89 10.97
C TYR A 237 -0.14 31.74 10.91
N VAL A 238 0.61 31.68 9.81
CA VAL A 238 1.74 30.79 9.69
C VAL A 238 2.98 31.62 9.94
N LEU A 239 3.92 31.07 10.70
CA LEU A 239 5.20 31.75 10.91
C LEU A 239 6.33 30.85 10.45
N PRO A 240 7.29 31.43 9.74
CA PRO A 240 7.24 32.84 9.37
C PRO A 240 6.46 32.99 8.08
N SER A 241 6.04 34.21 7.75
CA SER A 241 5.29 34.44 6.52
C SER A 241 5.20 35.93 6.27
N THR A 242 4.83 36.31 5.05
CA THR A 242 4.72 37.71 4.70
C THR A 242 3.62 38.35 5.53
N GLU A 243 2.49 37.65 5.65
CA GLU A 243 1.36 38.11 6.45
C GLU A 243 1.70 38.34 7.93
N SER A 244 2.47 37.44 8.54
CA SER A 244 2.87 37.64 9.93
CA SER A 244 2.89 37.61 9.93
C SER A 244 3.96 38.72 10.05
N ALA A 245 4.86 38.79 9.08
CA ALA A 245 5.85 39.86 9.05
C ALA A 245 5.20 41.26 8.98
N LYS A 246 4.06 41.35 8.29
CA LYS A 246 3.34 42.61 8.20
C LYS A 246 2.52 42.91 9.45
N ASP A 247 1.73 41.93 9.89
CA ASP A 247 0.73 42.18 10.95
C ASP A 247 1.31 42.07 12.36
N HIS A 248 2.36 41.26 12.52
CA HIS A 248 2.88 40.90 13.85
C HIS A 248 4.37 40.75 13.71
N LYS A 249 4.99 41.83 13.28
CA LYS A 249 6.40 41.83 12.96
C LYS A 249 7.25 41.26 14.10
N THR A 250 7.02 41.72 15.33
CA THR A 250 7.84 41.23 16.45
C THR A 250 7.82 39.70 16.63
N ASP A 251 6.63 39.10 16.60
CA ASP A 251 6.47 37.64 16.67
C ASP A 251 7.16 36.96 15.49
N ASN A 252 7.01 37.53 14.28
CA ASN A 252 7.67 36.98 13.11
C ASN A 252 9.18 37.02 13.25
N ASP A 253 9.72 38.18 13.62
CA ASP A 253 11.16 38.34 13.83
C ASP A 253 11.67 37.35 14.87
N ASN A 254 10.99 37.28 16.01
CA ASN A 254 11.38 36.31 17.03
C ASN A 254 11.39 34.90 16.45
N PHE A 255 10.38 34.57 15.64
CA PHE A 255 10.31 33.22 15.07
C PHE A 255 11.41 32.94 14.06
N LEU A 256 11.73 33.93 13.23
CA LEU A 256 12.91 33.81 12.34
C LEU A 256 14.19 33.60 13.12
N ASN A 257 14.41 34.37 14.17
CA ASN A 257 15.61 34.17 14.97
C ASN A 257 15.65 32.77 15.55
N PHE A 258 14.49 32.28 15.95
CA PHE A 258 14.39 30.96 16.56
C PHE A 258 14.76 29.94 15.49
N LYS A 259 14.16 30.08 14.32
CA LYS A 259 14.39 29.15 13.21
C LYS A 259 15.84 29.18 12.80
N LYS A 260 16.43 30.37 12.82
CA LYS A 260 17.83 30.52 12.44
C LYS A 260 18.75 29.83 13.44
N ALA A 261 18.44 29.94 14.73
CA ALA A 261 19.29 29.29 15.73
C ALA A 261 19.26 27.77 15.56
N ILE A 262 18.11 27.24 15.14
CA ILE A 262 18.01 25.81 14.90
C ILE A 262 18.87 25.36 13.73
N GLU A 263 18.84 26.11 12.64
CA GLU A 263 19.59 25.75 11.44
C GLU A 263 21.10 26.02 11.57
N ASP A 264 21.48 26.77 12.60
CA ASP A 264 22.89 27.03 12.87
C ASP A 264 23.63 25.76 13.27
N TYR A 265 23.00 24.92 14.06
CA TYR A 265 23.64 23.70 14.56
C TYR A 265 23.04 22.46 13.93
N TYR A 266 21.83 22.59 13.39
CA TYR A 266 21.13 21.46 12.78
C TYR A 266 20.58 21.87 11.40
N PRO A 267 21.48 22.12 10.44
CA PRO A 267 21.07 22.59 9.11
C PRO A 267 20.29 21.57 8.30
N ASN A 268 20.30 20.31 8.72
CA ASN A 268 19.62 19.25 7.99
C ASN A 268 18.11 19.43 7.94
N PHE A 269 17.47 19.47 9.10
CA PHE A 269 16.01 19.58 9.15
C PHE A 269 15.51 21.01 9.35
N THR A 270 15.11 21.64 8.25
CA THR A 270 14.81 23.07 8.21
C THR A 270 13.33 23.36 8.18
N GLY A 271 12.50 22.33 8.26
CA GLY A 271 11.07 22.49 8.09
C GLY A 271 10.34 22.98 9.32
N VAL A 272 11.00 23.79 10.15
CA VAL A 272 10.36 24.31 11.35
C VAL A 272 9.25 25.29 10.94
N VAL A 273 8.05 25.10 11.46
CA VAL A 273 6.97 26.03 11.11
C VAL A 273 6.16 26.35 12.34
N GLY A 274 5.66 27.58 12.44
CA GLY A 274 4.85 27.99 13.59
C GLY A 274 3.41 28.24 13.14
N ARG A 275 2.47 27.94 14.03
CA ARG A 275 1.05 28.25 13.81
C ARG A 275 0.59 29.10 14.97
N GLY A 276 0.32 30.37 14.70
CA GLY A 276 -0.01 31.32 15.75
C GLY A 276 -1.49 31.70 15.70
N ARG A 277 -2.18 31.52 16.82
CA ARG A 277 -3.59 31.95 16.94
C ARG A 277 -3.61 33.28 17.70
N TYR A 278 -4.22 34.29 17.07
CA TYR A 278 -4.28 35.63 17.63
C TYR A 278 -5.70 35.99 18.02
N GLU A 279 -5.85 36.59 19.19
CA GLU A 279 -7.14 37.12 19.66
C GLU A 279 -7.00 38.61 19.97
N ASP A 280 -7.89 39.42 19.39
CA ASP A 280 -7.79 40.87 19.48
C ASP A 280 -6.39 41.36 19.16
N GLY A 281 -5.77 40.72 18.18
CA GLY A 281 -4.48 41.17 17.67
C GLY A 281 -3.26 40.75 18.46
N GLN A 282 -3.46 39.94 19.51
CA GLN A 282 -2.34 39.50 20.35
C GLN A 282 -2.18 37.99 20.30
N LEU A 283 -0.93 37.53 20.25
CA LEU A 283 -0.66 36.11 20.16
C LEU A 283 -1.20 35.37 21.39
N ALA A 284 -2.09 34.42 21.17
CA ALA A 284 -2.63 33.65 22.27
C ALA A 284 -2.01 32.26 22.38
N GLU A 285 -1.62 31.69 21.25
CA GLU A 285 -1.16 30.31 21.28
C GLU A 285 -0.24 30.07 20.11
N LEU A 286 0.95 29.55 20.38
CA LEU A 286 1.94 29.30 19.35
C LEU A 286 2.24 27.82 19.34
N ASN A 287 2.04 27.20 18.19
CA ASN A 287 2.26 25.78 18.02
C ASN A 287 3.36 25.64 16.99
N ILE A 288 4.50 25.13 17.44
CA ILE A 288 5.64 24.97 16.57
C ILE A 288 5.75 23.50 16.14
N ASP A 289 5.73 23.28 14.83
CA ASP A 289 5.86 21.92 14.31
C ASP A 289 7.27 21.72 13.81
N ILE A 290 7.92 20.66 14.29
CA ILE A 290 9.23 20.26 13.79
C ILE A 290 9.22 18.79 13.41
N PRO A 291 8.95 18.50 12.14
CA PRO A 291 8.93 17.11 11.67
C PRO A 291 10.35 16.64 11.36
N LEU A 292 10.71 15.47 11.87
CA LEU A 292 12.07 14.96 11.70
C LEU A 292 12.06 13.60 11.05
N GLN A 293 13.18 13.22 10.44
CA GLN A 293 13.42 11.82 10.08
C GLN A 293 14.13 11.15 11.26
N PHE A 294 13.87 9.87 11.50
CA PHE A 294 14.48 9.22 12.66
C PHE A 294 15.83 8.64 12.31
N TYR A 295 16.86 9.09 13.04
CA TYR A 295 18.20 8.52 12.88
C TYR A 295 18.70 7.87 14.18
N GLY A 296 18.10 8.23 15.30
CA GLY A 296 18.48 7.64 16.55
C GLY A 296 17.90 8.40 17.72
N GLU A 297 17.93 7.80 18.90
CA GLU A 297 17.24 8.41 20.05
C GLU A 297 18.07 9.51 20.72
N ALA A 298 19.37 9.28 20.87
CA ALA A 298 20.24 10.28 21.50
C ALA A 298 20.13 11.60 20.73
N GLU A 299 20.07 11.48 19.41
CA GLU A 299 19.96 12.64 18.52
C GLU A 299 18.72 13.46 18.87
N ILE A 300 17.59 12.79 19.04
CA ILE A 300 16.36 13.46 19.45
C ILE A 300 16.52 14.14 20.82
N ILE A 301 17.10 13.43 21.77
CA ILE A 301 17.28 13.96 23.12
C ILE A 301 18.09 15.26 23.10
N GLY A 302 19.25 15.23 22.45
CA GLY A 302 20.10 16.42 22.37
C GLY A 302 19.40 17.58 21.69
N PHE A 303 18.73 17.29 20.58
CA PHE A 303 18.01 18.31 19.82
C PHE A 303 16.90 18.93 20.65
N THR A 304 16.19 18.11 21.40
CA THR A 304 15.10 18.61 22.21
C THR A 304 15.61 19.54 23.33
N GLN A 305 16.75 19.19 23.92
CA GLN A 305 17.36 20.04 24.95
C GLN A 305 17.68 21.40 24.31
N TYR A 306 18.31 21.37 23.14
CA TYR A 306 18.70 22.59 22.47
C TYR A 306 17.49 23.46 22.14
N VAL A 307 16.43 22.86 21.60
CA VAL A 307 15.23 23.62 21.25
C VAL A 307 14.57 24.16 22.51
N THR A 308 14.62 23.39 23.59
CA THR A 308 14.12 23.86 24.87
C THR A 308 14.89 25.13 25.31
N ASP A 309 16.21 25.12 25.13
CA ASP A 309 17.03 26.33 25.32
C ASP A 309 16.56 27.48 24.44
N LEU A 310 16.34 27.19 23.16
CA LEU A 310 16.01 28.25 22.21
C LEU A 310 14.64 28.90 22.46
N VAL A 311 13.65 28.12 22.90
CA VAL A 311 12.35 28.73 23.19
CA VAL A 311 12.34 28.68 23.23
C VAL A 311 12.49 29.75 24.33
N GLY A 312 13.36 29.47 25.29
CA GLY A 312 13.58 30.41 26.37
C GLY A 312 14.28 31.67 25.88
N GLN A 313 15.20 31.51 24.92
CA GLN A 313 15.97 32.63 24.42
C GLN A 313 15.23 33.45 23.36
N HIS A 314 14.38 32.80 22.57
CA HIS A 314 13.76 33.48 21.42
C HIS A 314 12.26 33.69 21.44
N ILE A 315 11.53 32.87 22.19
CA ILE A 315 10.08 32.96 22.17
C ILE A 315 9.58 33.67 23.44
N PRO A 316 8.94 34.84 23.28
CA PRO A 316 8.48 35.57 24.47
C PRO A 316 7.36 34.79 25.16
N LYS A 317 7.29 34.90 26.48
CA LYS A 317 6.39 34.05 27.26
C LYS A 317 4.97 34.62 27.35
N THR A 318 4.54 35.36 26.33
CA THR A 318 3.26 36.04 26.38
C THR A 318 2.13 35.13 25.92
N ALA A 319 2.48 33.94 25.40
CA ALA A 319 1.49 33.05 24.83
C ALA A 319 1.73 31.61 25.25
N ASP A 320 0.67 30.78 25.25
CA ASP A 320 0.84 29.36 25.50
C ASP A 320 1.63 28.79 24.33
N LEU A 321 2.56 27.89 24.62
CA LEU A 321 3.48 27.41 23.62
C LEU A 321 3.51 25.88 23.59
N GLN A 322 3.52 25.34 22.38
CA GLN A 322 3.64 23.89 22.15
C GLN A 322 4.61 23.64 21.00
N VAL A 323 5.62 22.81 21.25
CA VAL A 323 6.52 22.36 20.19
C VAL A 323 6.38 20.86 19.98
N ASN A 324 5.89 20.47 18.80
CA ASN A 324 5.67 19.08 18.47
C ASN A 324 6.80 18.59 17.59
N ILE A 325 7.76 17.91 18.20
CA ILE A 325 8.83 17.27 17.44
C ILE A 325 8.38 15.83 17.16
N SER A 326 8.20 15.49 15.89
CA SER A 326 7.63 14.20 15.56
C SER A 326 8.31 13.57 14.36
N THR A 327 8.14 12.25 14.22
CA THR A 327 8.55 11.54 13.02
C THR A 327 7.30 10.98 12.36
N SER A 328 7.48 10.35 11.21
CA SER A 328 6.35 9.82 10.45
C SER A 328 5.60 8.73 11.23
N ASP A 329 6.28 8.09 12.16
CA ASP A 329 5.67 6.99 12.91
C ASP A 329 5.20 7.40 14.32
N GLY A 330 5.19 8.70 14.59
CA GLY A 330 4.66 9.19 15.84
C GLY A 330 5.49 10.27 16.50
N PRO A 331 5.03 10.74 17.66
CA PRO A 331 5.67 11.86 18.35
C PRO A 331 7.03 11.45 18.88
N ALA A 332 7.99 12.38 18.89
CA ALA A 332 9.31 12.07 19.46
C ALA A 332 9.58 12.87 20.74
N ALA A 333 9.17 14.14 20.73
CA ALA A 333 9.32 14.97 21.90
C ALA A 333 8.25 16.06 21.90
N LEU A 334 7.86 16.49 23.09
CA LEU A 334 6.97 17.64 23.23
C LEU A 334 7.60 18.66 24.19
N ILE A 335 7.58 19.94 23.83
CA ILE A 335 7.98 20.99 24.78
C ILE A 335 6.79 21.92 24.97
N THR A 336 6.46 22.25 26.22
CA THR A 336 5.36 23.16 26.48
C THR A 336 5.73 24.28 27.46
N ARG A 337 5.03 25.39 27.34
CA ARG A 337 5.17 26.52 28.26
C ARG A 337 3.88 27.30 28.23
N LYS A 338 3.26 27.48 29.39
CA LYS A 338 2.05 28.30 29.47
C LYS A 338 2.38 29.78 29.36
N ALA A 339 1.39 30.60 28.98
CA ALA A 339 1.57 32.04 29.01
C ALA A 339 2.05 32.44 30.43
N ASN A 340 3.12 33.23 30.46
CA ASN A 340 3.67 33.79 31.71
C ASN A 340 4.47 32.80 32.55
N GLU A 341 4.70 31.61 31.99
CA GLU A 341 5.53 30.63 32.66
C GLU A 341 6.96 30.82 32.20
N ASP A 342 7.87 30.94 33.15
CA ASP A 342 9.28 31.19 32.85
C ASP A 342 9.99 30.00 32.20
N ALA A 343 9.82 28.81 32.77
CA ALA A 343 10.53 27.64 32.28
C ALA A 343 9.63 26.79 31.38
N ALA A 344 10.15 26.36 30.23
CA ALA A 344 9.42 25.41 29.39
C ALA A 344 9.68 24.01 29.95
N THR A 345 8.75 23.07 29.72
CA THR A 345 8.98 21.70 30.17
C THR A 345 9.00 20.78 28.95
N ALA A 346 9.97 19.88 28.92
CA ALA A 346 10.11 18.99 27.77
C ALA A 346 9.83 17.56 28.19
N HIS A 347 9.32 16.76 27.26
CA HIS A 347 9.17 15.32 27.47
C HIS A 347 9.63 14.57 26.24
N ILE A 348 10.44 13.54 26.45
CA ILE A 348 10.94 12.70 25.36
C ILE A 348 10.06 11.47 25.31
N TYR A 349 9.50 11.15 24.14
CA TYR A 349 8.64 9.96 24.10
C TYR A 349 9.44 8.66 24.18
N ASP A 350 9.00 7.74 25.02
CA ASP A 350 9.59 6.42 25.10
C ASP A 350 8.58 5.35 24.73
N THR B 17 36.56 22.58 21.58
CA THR B 17 35.69 22.48 22.73
C THR B 17 34.59 23.55 22.69
N GLY B 18 33.71 23.57 23.70
CA GLY B 18 32.65 24.55 23.76
C GLY B 18 31.60 24.31 24.82
N ILE B 19 30.50 25.05 24.73
CA ILE B 19 29.40 25.01 25.71
C ILE B 19 28.60 23.71 25.65
N MSE B 20 27.41 23.72 26.25
CA MSE B 20 26.50 22.58 26.17
C MSE B 20 25.06 23.06 26.20
O MSE B 20 24.79 24.26 26.33
CB MSE B 20 26.76 21.59 27.30
CG MSE B 20 26.15 21.97 28.65
SE MSE B 20 27.12 23.31 29.68
CE MSE B 20 26.82 22.62 31.48
N THR B 21 24.10 22.14 26.06
CA THR B 21 22.70 22.54 26.25
C THR B 21 22.52 22.92 27.72
N LYS B 22 21.50 23.71 28.03
CA LYS B 22 21.31 24.16 29.41
C LYS B 22 20.16 23.42 30.10
N ASN B 23 19.32 22.77 29.31
CA ASN B 23 18.18 21.99 29.81
C ASN B 23 18.48 20.51 29.73
N GLN B 24 18.34 19.83 30.85
CA GLN B 24 18.69 18.42 30.90
C GLN B 24 17.49 17.51 30.58
N ILE B 25 16.29 18.03 30.84
CA ILE B 25 15.03 17.30 30.63
C ILE B 25 14.74 16.21 31.68
N SER B 26 15.69 15.29 31.87
CA SER B 26 15.58 14.27 32.92
C SER B 26 16.95 13.80 33.44
N SER B 27 16.98 13.46 34.73
CA SER B 27 18.20 13.01 35.39
C SER B 27 18.81 11.80 34.70
N ASN B 28 17.99 10.98 34.04
CA ASN B 28 18.49 9.83 33.29
C ASN B 28 19.27 10.25 32.06
N TYR B 29 19.17 11.53 31.72
CA TYR B 29 19.89 12.09 30.58
C TYR B 29 21.06 12.98 31.00
N TYR B 30 22.01 13.13 30.10
CA TYR B 30 23.08 14.09 30.26
C TYR B 30 22.76 15.29 29.42
N LYS B 31 23.35 16.44 29.79
CA LYS B 31 23.33 17.59 28.92
C LYS B 31 24.20 17.20 27.74
N THR B 32 23.93 17.80 26.58
CA THR B 32 24.63 17.39 25.36
C THR B 32 25.56 18.49 24.92
N VAL B 33 26.72 18.12 24.38
CA VAL B 33 27.72 19.11 23.98
C VAL B 33 27.31 19.83 22.70
N LEU B 34 27.55 21.13 22.66
CA LEU B 34 27.49 21.93 21.44
C LEU B 34 28.77 22.74 21.24
N PRO B 35 29.09 23.09 19.98
CA PRO B 35 28.34 22.79 18.77
C PRO B 35 27.95 21.30 18.61
N TYR B 36 26.76 21.09 18.07
CA TYR B 36 26.27 19.74 17.83
C TYR B 36 27.25 18.97 16.96
N LYS B 37 27.69 17.82 17.45
CA LYS B 37 28.42 16.88 16.61
C LYS B 37 27.57 15.64 16.36
N ALA B 38 27.20 15.45 15.09
CA ALA B 38 26.40 14.31 14.67
C ALA B 38 27.21 13.02 14.70
N SER B 39 26.59 11.95 15.16
CA SER B 39 27.22 10.63 15.17
C SER B 39 28.03 10.37 13.90
N LYS B 40 29.26 9.90 14.05
CA LYS B 40 30.07 9.51 12.89
C LYS B 40 29.56 8.21 12.25
N SER B 41 28.54 7.61 12.86
CA SER B 41 27.88 6.45 12.26
C SER B 41 26.37 6.69 12.23
N ARG B 42 25.99 7.95 12.03
CA ARG B 42 24.61 8.39 12.13
C ARG B 42 23.63 7.53 11.31
N GLY B 43 22.64 6.96 11.98
CA GLY B 43 21.58 6.23 11.28
C GLY B 43 21.80 4.73 11.22
N LEU B 44 23.03 4.29 11.43
CA LEU B 44 23.35 2.87 11.35
C LEU B 44 22.49 2.07 12.32
N VAL B 45 22.24 2.61 13.50
CA VAL B 45 21.41 1.93 14.49
C VAL B 45 20.01 1.60 13.93
N VAL B 46 19.48 2.48 13.09
CA VAL B 46 18.15 2.28 12.52
C VAL B 46 18.13 1.11 11.55
N SER B 47 19.24 0.91 10.83
CA SER B 47 19.29 -0.18 9.87
C SER B 47 19.64 -1.51 10.54
N ASN B 48 20.31 -1.43 11.67
CA ASN B 48 20.76 -2.64 12.36
C ASN B 48 19.80 -3.18 13.42
N ILE B 49 18.97 -2.30 14.00
CA ILE B 49 18.07 -2.71 15.09
C ILE B 49 16.62 -2.63 14.62
N TYR B 50 15.94 -3.77 14.62
CA TYR B 50 14.63 -3.86 14.01
C TYR B 50 13.59 -2.97 14.69
N SER B 51 13.47 -3.10 16.01
CA SER B 51 12.42 -2.42 16.75
C SER B 51 12.85 -1.09 17.33
N ARG B 52 12.04 -0.05 17.17
CA ARG B 52 12.32 1.25 17.76
CA ARG B 52 12.36 1.24 17.76
C ARG B 52 12.36 1.17 19.29
N TYR B 53 11.66 0.19 19.86
CA TYR B 53 11.67 0.03 21.33
C TYR B 53 13.02 -0.53 21.81
N ASP B 54 13.64 -1.38 21.00
CA ASP B 54 15.01 -1.86 21.30
C ASP B 54 16.01 -0.73 21.11
N ILE B 55 15.79 0.10 20.09
CA ILE B 55 16.68 1.24 19.86
C ILE B 55 16.67 2.17 21.08
N ASN B 56 15.47 2.52 21.57
CA ASN B 56 15.35 3.40 22.72
C ASN B 56 16.01 2.82 23.96
N GLU B 57 15.72 1.55 24.23
CA GLU B 57 16.36 0.81 25.30
C GLU B 57 17.90 0.85 25.22
N LEU B 58 18.41 0.55 24.03
CA LEU B 58 19.84 0.51 23.80
C LEU B 58 20.51 1.84 24.15
N GLU B 59 19.98 2.94 23.62
CA GLU B 59 20.63 4.23 23.78
C GLU B 59 20.36 4.82 25.17
N SER B 60 19.11 4.82 25.60
CA SER B 60 18.75 5.27 26.94
C SER B 60 19.40 4.43 28.02
N GLY B 61 19.37 3.11 27.84
CA GLY B 61 19.95 2.20 28.80
C GLY B 61 21.46 2.38 28.94
N LEU B 62 22.15 2.68 27.84
CA LEU B 62 23.61 2.85 27.94
C LEU B 62 23.93 4.15 28.70
N MSE B 63 23.06 5.14 28.59
CA MSE B 63 23.20 6.36 29.39
C MSE B 63 22.96 6.04 30.85
O MSE B 63 23.60 6.62 31.74
CB MSE B 63 22.22 7.42 28.94
CG MSE B 63 22.64 8.16 27.70
SE MSE B 63 21.20 9.39 27.14
CE MSE B 63 22.32 10.94 26.79
N ARG B 64 22.03 5.13 31.11
CA ARG B 64 21.78 4.68 32.48
C ARG B 64 23.02 4.00 33.05
N VAL B 65 23.62 3.09 32.29
CA VAL B 65 24.84 2.40 32.73
C VAL B 65 26.00 3.37 32.95
N SER B 66 26.14 4.35 32.06
CA SER B 66 27.21 5.33 32.19
C SER B 66 27.10 6.11 33.49
N GLN B 67 25.88 6.31 33.96
CA GLN B 67 25.64 7.08 35.18
C GLN B 67 26.17 6.38 36.43
N ASN B 68 26.55 5.12 36.29
CA ASN B 68 27.22 4.48 37.42
C ASN B 68 28.63 5.04 37.64
N LYS B 69 29.23 5.57 36.57
CA LYS B 69 30.61 6.06 36.67
C LYS B 69 30.71 7.57 36.46
N TYR B 70 29.86 8.08 35.57
CA TYR B 70 29.92 9.49 35.17
C TYR B 70 28.62 10.20 35.51
N SER B 71 28.68 11.06 36.52
CA SER B 71 27.50 11.82 36.91
C SER B 71 27.08 12.85 35.86
N PRO B 72 25.78 12.98 35.61
CA PRO B 72 25.34 14.10 34.79
C PRO B 72 25.52 15.45 35.51
N ASP B 73 25.70 15.43 36.83
CA ASP B 73 26.02 16.66 37.56
C ASP B 73 27.35 17.23 37.04
N ASN B 74 28.24 16.35 36.57
CA ASN B 74 29.60 16.75 36.21
C ASN B 74 30.08 16.43 34.76
N TYR B 75 29.35 15.59 34.03
CA TYR B 75 29.77 15.19 32.68
C TYR B 75 28.74 15.56 31.60
N LEU B 76 29.20 15.74 30.36
CA LEU B 76 28.35 16.06 29.22
C LEU B 76 28.39 14.94 28.20
N PHE B 77 27.31 14.82 27.44
CA PHE B 77 27.17 13.72 26.49
C PHE B 77 27.43 14.16 25.05
N GLN B 78 28.06 13.28 24.28
CA GLN B 78 28.18 13.51 22.84
C GLN B 78 28.05 12.18 22.13
N GLU B 79 27.36 12.17 20.99
CA GLU B 79 27.21 10.93 20.23
C GLU B 79 28.58 10.50 19.72
N GLY B 80 28.72 9.20 19.48
CA GLY B 80 30.01 8.60 19.19
C GLY B 80 30.77 9.22 18.05
N GLN B 81 31.95 9.75 18.35
CA GLN B 81 32.77 10.42 17.34
C GLN B 81 33.99 9.60 16.92
N TYR B 82 34.40 8.62 17.72
CA TYR B 82 35.70 7.96 17.48
C TYR B 82 35.64 6.73 16.59
N LEU B 83 34.52 6.00 16.63
CA LEU B 83 34.33 4.88 15.70
C LEU B 83 33.33 5.24 14.62
N ASP B 84 33.77 5.25 13.36
CA ASP B 84 32.94 5.73 12.26
C ASP B 84 32.11 4.60 11.65
N LYS B 85 31.18 4.98 10.78
CA LYS B 85 30.25 4.05 10.14
C LYS B 85 31.00 2.90 9.49
N GLU B 86 31.94 3.24 8.61
CA GLU B 86 32.72 2.25 7.89
C GLU B 86 33.41 1.25 8.84
N THR B 87 34.07 1.75 9.88
CA THR B 87 34.74 0.88 10.84
C THR B 87 33.74 -0.02 11.56
N LEU B 88 32.65 0.56 12.04
CA LEU B 88 31.62 -0.19 12.74
C LEU B 88 31.03 -1.28 11.84
N GLU B 89 30.83 -0.95 10.57
CA GLU B 89 30.28 -1.91 9.60
C GLU B 89 31.24 -3.06 9.34
N LYS B 90 32.54 -2.80 9.44
CA LYS B 90 33.50 -3.89 9.25
C LYS B 90 33.47 -4.80 10.46
N TRP B 91 33.34 -4.22 11.64
CA TRP B 91 33.30 -5.03 12.86
C TRP B 91 32.02 -5.85 12.93
N LEU B 92 30.92 -5.31 12.43
CA LEU B 92 29.63 -5.98 12.49
C LEU B 92 29.50 -7.13 11.48
N ASP B 93 30.29 -7.07 10.42
CA ASP B 93 30.26 -8.13 9.42
C ASP B 93 30.94 -9.41 9.94
N ARG B 94 30.63 -10.54 9.32
CA ARG B 94 31.31 -11.78 9.65
C ARG B 94 32.81 -11.66 9.37
N LYS B 95 33.61 -12.32 10.19
CA LYS B 95 35.06 -12.34 9.99
C LYS B 95 35.38 -12.95 8.63
N SER B 96 36.50 -12.54 8.06
CA SER B 96 36.94 -13.02 6.75
C SER B 96 38.27 -12.41 6.29
N ASP B 97 38.96 -13.11 5.38
CA ASP B 97 40.23 -12.63 4.86
C ASP B 97 40.07 -11.29 4.15
N LYS B 98 38.85 -10.99 3.71
CA LYS B 98 38.56 -9.70 3.08
C LYS B 98 37.92 -8.76 4.11
N ASN B 99 37.62 -9.29 5.29
CA ASN B 99 37.05 -8.49 6.37
C ASN B 99 37.64 -8.96 7.69
N PRO B 100 38.95 -8.76 7.85
CA PRO B 100 39.74 -9.36 8.95
C PRO B 100 39.37 -8.81 10.33
N ASN B 101 38.71 -7.65 10.35
CA ASN B 101 38.34 -7.05 11.63
C ASN B 101 36.93 -7.37 12.06
N GLY B 102 36.22 -8.15 11.24
CA GLY B 102 34.87 -8.56 11.55
C GLY B 102 34.80 -9.23 12.92
N LEU B 103 33.80 -8.84 13.71
CA LEU B 103 33.60 -9.43 15.03
C LEU B 103 32.72 -10.69 15.05
N ASN B 104 31.81 -10.81 14.08
CA ASN B 104 30.92 -11.97 14.04
C ASN B 104 31.66 -13.19 13.49
N PRO B 105 31.20 -14.40 13.83
CA PRO B 105 31.90 -15.61 13.37
C PRO B 105 31.90 -15.75 11.85
N ALA B 106 33.01 -16.27 11.31
CA ALA B 106 33.08 -16.56 9.89
C ALA B 106 32.01 -17.58 9.53
N SER B 107 31.42 -17.43 8.35
CA SER B 107 30.36 -18.32 7.88
C SER B 107 30.85 -19.75 7.63
N ASN B 108 30.10 -20.73 8.10
CA ASN B 108 30.39 -22.12 7.79
C ASN B 108 29.11 -22.83 7.39
N GLY B 109 28.32 -22.18 6.54
CA GLY B 109 27.13 -22.79 6.00
C GLY B 109 25.85 -22.30 6.67
N ASN B 110 24.74 -22.44 5.96
CA ASN B 110 23.44 -22.06 6.47
C ASN B 110 22.69 -23.27 7.02
N GLY B 111 23.43 -24.36 7.26
CA GLY B 111 22.85 -25.62 7.69
C GLY B 111 22.68 -25.76 9.19
N GLU B 112 23.22 -26.83 9.74
CA GLU B 112 22.94 -27.20 11.12
C GLU B 112 23.97 -26.70 12.13
N ASN B 113 25.25 -26.95 11.86
CA ASN B 113 26.30 -26.43 12.74
C ASN B 113 26.59 -24.97 12.41
N ARG B 114 25.64 -24.35 11.71
CA ARG B 114 25.71 -22.96 11.32
C ARG B 114 26.13 -22.02 12.45
N LYS B 115 27.01 -21.08 12.14
CA LYS B 115 27.39 -20.06 13.12
C LYS B 115 26.55 -18.79 12.90
N PRO B 116 25.84 -18.37 13.94
CA PRO B 116 24.90 -17.25 13.77
C PRO B 116 25.58 -15.89 13.78
N ILE B 117 24.82 -14.88 13.37
CA ILE B 117 25.17 -13.51 13.65
C ILE B 117 24.82 -13.30 15.12
N TYR B 118 25.84 -13.23 15.96
CA TYR B 118 25.62 -12.97 17.37
C TYR B 118 25.45 -11.47 17.62
N LEU B 119 26.20 -10.66 16.88
CA LEU B 119 26.26 -9.22 17.13
C LEU B 119 25.49 -8.42 16.07
N ALA B 120 24.51 -7.63 16.51
CA ALA B 120 23.68 -6.84 15.59
C ALA B 120 24.18 -5.41 15.43
N HIS B 121 24.72 -4.83 16.49
CA HIS B 121 25.08 -3.41 16.44
C HIS B 121 26.07 -3.01 17.53
N ILE B 122 26.83 -1.96 17.27
CA ILE B 122 27.73 -1.41 18.26
C ILE B 122 27.42 0.07 18.42
N LEU B 123 27.14 0.47 19.65
CA LEU B 123 26.81 1.86 19.92
C LEU B 123 27.93 2.51 20.73
N GLU B 124 28.36 3.71 20.32
CA GLU B 124 29.37 4.47 21.07
C GLU B 124 28.77 5.74 21.67
N GLN B 125 29.00 5.98 22.95
CA GLN B 125 28.66 7.27 23.56
C GLN B 125 29.91 7.86 24.22
N ASP B 126 30.13 9.15 24.01
CA ASP B 126 31.29 9.85 24.57
C ASP B 126 30.90 10.71 25.75
N TYR B 127 31.70 10.66 26.81
CA TYR B 127 31.40 11.45 28.00
C TYR B 127 32.49 12.47 28.28
N LEU B 128 32.11 13.74 28.18
CA LEU B 128 33.08 14.83 28.25
C LEU B 128 32.93 15.63 29.53
N LYS B 129 34.06 16.12 30.04
CA LYS B 129 34.07 16.90 31.26
C LYS B 129 34.55 18.30 30.96
N GLN B 130 33.79 19.31 31.38
CA GLN B 130 34.19 20.70 31.16
C GLN B 130 35.34 21.00 32.11
N THR B 131 36.43 21.51 31.56
CA THR B 131 37.62 21.76 32.37
C THR B 131 37.86 23.25 32.62
N ASP B 132 37.19 24.09 31.84
CA ASP B 132 37.18 25.53 32.10
C ASP B 132 36.06 26.24 31.33
N LYS B 133 36.21 27.55 31.16
CA LYS B 133 35.18 28.37 30.52
C LYS B 133 34.69 27.78 29.20
N ASP B 134 35.59 27.62 28.24
CA ASP B 134 35.19 27.21 26.90
C ASP B 134 35.74 25.85 26.45
N THR B 135 36.21 25.04 27.39
CA THR B 135 36.84 23.77 27.04
C THR B 135 36.22 22.53 27.70
N VAL B 136 36.02 21.48 26.89
CA VAL B 136 35.63 20.18 27.40
C VAL B 136 36.60 19.11 26.91
N ALA B 137 36.93 18.16 27.78
CA ALA B 137 37.79 17.04 27.42
C ALA B 137 37.11 15.71 27.64
N LEU B 138 37.52 14.71 26.88
CA LEU B 138 36.94 13.37 26.96
C LEU B 138 37.30 12.71 28.29
N GLY B 139 36.27 12.34 29.06
CA GLY B 139 36.48 11.73 30.36
C GLY B 139 36.19 10.25 30.34
N GLY B 140 35.50 9.78 29.31
CA GLY B 140 35.26 8.36 29.15
C GLY B 140 34.32 8.03 28.00
N ILE B 141 34.37 6.80 27.51
CA ILE B 141 33.44 6.38 26.48
C ILE B 141 32.67 5.17 26.93
N SER B 142 31.44 5.04 26.44
CA SER B 142 30.67 3.84 26.72
C SER B 142 30.37 3.14 25.40
N ILE B 143 30.39 1.82 25.42
CA ILE B 143 30.09 1.01 24.27
C ILE B 143 28.98 0.04 24.62
N ALA B 144 28.01 -0.10 23.72
CA ALA B 144 27.01 -1.17 23.84
C ALA B 144 27.18 -2.16 22.70
N LEU B 145 27.25 -3.44 23.03
CA LEU B 145 27.14 -4.49 22.03
C LEU B 145 25.70 -4.99 22.07
N ALA B 146 24.96 -4.75 21.00
CA ALA B 146 23.60 -5.25 20.90
C ALA B 146 23.61 -6.65 20.29
N MSE B 147 23.30 -7.64 21.12
CA MSE B 147 23.36 -9.05 20.75
C MSE B 147 21.99 -9.51 20.25
O MSE B 147 20.96 -9.01 20.71
CB MSE B 147 23.76 -9.89 21.95
CG MSE B 147 24.97 -9.36 22.72
SE MSE B 147 26.58 -9.37 21.60
CE MSE B 147 26.66 -11.25 21.15
N ASN B 148 21.98 -10.47 19.33
CA ASN B 148 20.72 -11.05 18.87
C ASN B 148 20.25 -12.09 19.86
N SER B 149 18.97 -12.06 20.24
CA SER B 149 18.38 -13.20 20.95
C SER B 149 17.77 -14.18 19.92
N VAL B 150 17.44 -13.67 18.73
CA VAL B 150 17.01 -14.51 17.62
C VAL B 150 17.76 -14.04 16.38
N ASP B 151 18.43 -14.95 15.70
CA ASP B 151 19.13 -14.61 14.47
C ASP B 151 18.24 -15.01 13.30
N TYR B 152 17.92 -14.06 12.44
CA TYR B 152 17.09 -14.31 11.27
C TYR B 152 17.94 -14.40 10.02
N TYR B 153 17.68 -15.42 9.20
CA TYR B 153 18.45 -15.59 7.97
C TYR B 153 17.65 -16.33 6.91
N GLN B 154 18.09 -16.19 5.67
CA GLN B 154 17.51 -16.93 4.55
C GLN B 154 18.58 -17.81 3.95
N LYS B 155 18.19 -18.95 3.39
CA LYS B 155 19.13 -19.82 2.68
C LYS B 155 19.21 -19.43 1.21
N GLU B 156 18.27 -18.62 0.76
CA GLU B 156 18.27 -18.14 -0.61
C GLU B 156 17.35 -16.93 -0.74
N LYS B 157 17.58 -16.13 -1.78
CA LYS B 157 16.73 -14.98 -2.03
C LYS B 157 15.31 -15.49 -2.25
N TYR B 158 14.34 -14.86 -1.58
CA TYR B 158 12.93 -15.25 -1.70
C TYR B 158 12.62 -16.54 -0.96
N GLY B 159 13.60 -17.06 -0.22
CA GLY B 159 13.38 -18.26 0.54
C GLY B 159 12.67 -17.89 1.81
N ASP B 160 12.35 -18.89 2.63
CA ASP B 160 11.73 -18.64 3.91
C ASP B 160 12.73 -17.95 4.85
N THR B 161 12.20 -17.21 5.81
CA THR B 161 13.06 -16.62 6.82
C THR B 161 13.13 -17.52 8.06
N TYR B 162 14.29 -18.14 8.25
CA TYR B 162 14.51 -19.04 9.38
C TYR B 162 14.96 -18.27 10.63
N GLU B 163 14.70 -18.86 11.80
CA GLU B 163 15.11 -18.27 13.07
C GLU B 163 16.00 -19.22 13.86
N GLN B 164 17.12 -18.70 14.34
CA GLN B 164 17.95 -19.45 15.27
C GLN B 164 17.97 -18.72 16.61
N PRO B 165 17.30 -19.29 17.63
CA PRO B 165 17.27 -18.75 19.00
C PRO B 165 18.64 -18.81 19.63
N ILE B 166 19.01 -17.77 20.37
CA ILE B 166 20.28 -17.76 21.09
C ILE B 166 20.00 -17.51 22.58
N SER B 167 20.49 -18.37 23.46
CA SER B 167 20.18 -18.20 24.88
C SER B 167 20.92 -17.01 25.50
N ASP B 168 20.41 -16.54 26.63
CA ASP B 168 21.06 -15.46 27.36
C ASP B 168 22.50 -15.84 27.69
N SER B 169 22.70 -17.09 28.10
CA SER B 169 24.03 -17.57 28.48
C SER B 169 25.01 -17.55 27.31
N GLU B 170 24.56 -17.98 26.14
CA GLU B 170 25.42 -17.98 24.95
C GLU B 170 25.70 -16.55 24.49
N LEU B 171 24.67 -15.72 24.40
CA LEU B 171 24.89 -14.34 23.98
C LEU B 171 25.73 -13.59 25.00
N LEU B 172 25.56 -13.87 26.28
CA LEU B 172 26.43 -13.29 27.30
C LEU B 172 27.89 -13.71 27.08
N ALA B 173 28.12 -15.02 26.92
CA ALA B 173 29.48 -15.51 26.69
C ALA B 173 30.14 -14.91 25.45
N GLN B 174 29.40 -14.86 24.34
CA GLN B 174 29.92 -14.25 23.11
C GLN B 174 30.21 -12.76 23.30
N GLY B 175 29.29 -12.06 23.97
CA GLY B 175 29.44 -10.63 24.20
C GLY B 175 30.69 -10.29 25.01
N LYS B 176 30.96 -11.10 26.04
CA LYS B 176 32.12 -10.87 26.87
C LYS B 176 33.40 -11.02 26.05
N GLU B 177 33.42 -12.01 25.17
CA GLU B 177 34.60 -12.28 24.36
C GLU B 177 34.80 -11.15 23.34
N MSE B 178 33.72 -10.77 22.66
CA MSE B 178 33.82 -9.68 21.70
C MSE B 178 34.16 -8.37 22.39
O MSE B 178 34.88 -7.54 21.83
CB MSE B 178 32.53 -9.54 20.90
CG MSE B 178 32.27 -10.68 19.94
SE MSE B 178 30.43 -10.55 19.28
CE MSE B 178 30.35 -12.19 18.25
N SER B 179 33.65 -8.18 23.60
CA SER B 179 33.95 -6.95 24.34
C SER B 179 35.46 -6.80 24.59
N ALA B 180 36.14 -7.91 24.86
CA ALA B 180 37.59 -7.89 25.04
C ALA B 180 38.30 -7.35 23.80
N THR B 181 37.94 -7.91 22.64
CA THR B 181 38.49 -7.47 21.38
C THR B 181 38.22 -5.99 21.12
N VAL B 182 36.99 -5.57 21.39
CA VAL B 182 36.63 -4.17 21.19
C VAL B 182 37.50 -3.26 22.07
N LEU B 183 37.69 -3.61 23.34
CA LEU B 183 38.49 -2.80 24.26
C LEU B 183 39.90 -2.65 23.76
N ASN B 184 40.48 -3.75 23.28
CA ASN B 184 41.84 -3.72 22.77
C ASN B 184 41.98 -2.75 21.60
N ARG B 185 40.94 -2.68 20.77
CA ARG B 185 40.99 -1.80 19.60
C ARG B 185 40.84 -0.34 19.97
N ILE B 186 39.85 -0.03 20.80
CA ILE B 186 39.73 1.31 21.35
C ILE B 186 41.06 1.79 21.92
N ARG B 187 41.74 0.91 22.66
CA ARG B 187 43.05 1.22 23.21
C ARG B 187 44.08 1.57 22.15
N GLN B 188 43.87 1.08 20.92
CA GLN B 188 44.78 1.36 19.81
C GLN B 188 44.23 2.46 18.92
N THR B 189 43.23 3.19 19.42
CA THR B 189 42.58 4.24 18.65
C THR B 189 43.01 5.62 19.14
N LYS B 190 43.55 6.41 18.23
CA LYS B 190 44.08 7.73 18.55
C LYS B 190 43.11 8.50 19.45
N GLY B 191 43.62 8.97 20.58
CA GLY B 191 42.82 9.78 21.49
C GLY B 191 41.95 8.97 22.42
N LEU B 192 42.02 7.65 22.31
CA LEU B 192 41.29 6.77 23.22
C LEU B 192 42.26 5.88 24.02
N GLU B 193 43.57 6.08 23.84
CA GLU B 193 44.53 5.16 24.42
C GLU B 193 44.40 5.13 25.93
N ASN B 194 43.98 6.27 26.50
CA ASN B 194 43.96 6.46 27.94
C ASN B 194 42.60 6.33 28.58
N VAL B 195 41.58 6.82 27.88
CA VAL B 195 40.27 6.99 28.46
C VAL B 195 39.68 5.69 28.99
N PRO B 196 39.10 5.76 30.20
CA PRO B 196 38.38 4.62 30.77
C PRO B 196 37.28 4.20 29.80
N VAL B 197 37.14 2.91 29.55
CA VAL B 197 36.10 2.41 28.65
C VAL B 197 35.09 1.56 29.41
N THR B 198 33.82 1.92 29.28
CA THR B 198 32.75 1.12 29.86
C THR B 198 32.02 0.38 28.73
N ILE B 199 31.93 -0.94 28.85
CA ILE B 199 31.23 -1.75 27.85
C ILE B 199 30.04 -2.51 28.45
N ALA B 200 28.90 -2.45 27.77
CA ALA B 200 27.69 -3.10 28.23
C ALA B 200 27.16 -4.02 27.14
N ILE B 201 26.59 -5.14 27.57
CA ILE B 201 26.00 -6.10 26.65
C ILE B 201 24.47 -5.99 26.67
N TYR B 202 23.89 -5.71 25.51
CA TYR B 202 22.45 -5.55 25.38
C TYR B 202 21.85 -6.75 24.65
N LYS B 203 20.73 -7.25 25.16
CA LYS B 203 20.01 -8.31 24.47
C LYS B 203 18.83 -7.76 23.69
N GLN B 204 18.89 -7.86 22.36
CA GLN B 204 17.79 -7.41 21.53
C GLN B 204 16.62 -8.39 21.62
N GLY B 205 15.39 -7.90 21.59
CA GLY B 205 14.23 -8.78 21.64
C GLY B 205 13.98 -9.36 20.27
N ALA B 206 13.00 -10.26 20.17
CA ALA B 206 12.64 -10.85 18.89
C ALA B 206 11.88 -9.80 18.08
N ARG B 207 11.77 -10.02 16.76
CA ARG B 207 11.12 -9.04 15.90
C ARG B 207 9.64 -8.92 16.21
N ASP B 208 9.03 -10.05 16.57
CA ASP B 208 7.60 -10.08 16.87
C ASP B 208 7.33 -10.08 18.37
N ALA B 209 8.34 -9.69 19.14
CA ALA B 209 8.23 -9.72 20.60
C ALA B 209 7.18 -8.72 21.07
N VAL B 210 6.43 -9.11 22.09
CA VAL B 210 5.47 -8.17 22.69
C VAL B 210 6.16 -7.05 23.50
N ALA B 211 7.41 -7.28 23.90
CA ALA B 211 8.18 -6.25 24.65
C ALA B 211 9.64 -6.30 24.19
N PRO B 212 10.37 -5.17 24.30
CA PRO B 212 11.77 -5.13 23.81
C PRO B 212 12.70 -5.94 24.70
N GLY B 213 13.98 -6.03 24.31
CA GLY B 213 14.95 -6.73 25.13
C GLY B 213 15.42 -5.86 26.28
N ASN B 214 16.64 -6.11 26.75
CA ASN B 214 17.15 -5.42 27.93
C ASN B 214 18.65 -5.56 28.06
N TYR B 215 19.27 -4.69 28.87
CA TYR B 215 20.69 -4.88 29.18
C TYR B 215 20.87 -6.09 30.09
N ILE B 216 22.03 -6.74 30.01
CA ILE B 216 22.25 -7.90 30.87
C ILE B 216 23.53 -7.82 31.70
N ALA B 217 24.54 -7.11 31.23
CA ALA B 217 25.76 -6.95 32.03
C ALA B 217 26.65 -5.84 31.52
N TYR B 218 27.60 -5.43 32.34
CA TYR B 218 28.57 -4.43 31.91
C TYR B 218 29.88 -4.57 32.65
N ALA B 219 30.93 -4.02 32.07
CA ALA B 219 32.25 -4.03 32.68
C ALA B 219 32.96 -2.74 32.27
N THR B 220 33.96 -2.36 33.05
CA THR B 220 34.70 -1.12 32.84
C THR B 220 36.19 -1.40 32.80
N ALA B 221 36.88 -0.73 31.88
CA ALA B 221 38.31 -0.87 31.73
C ALA B 221 39.02 0.44 32.05
N ASN B 222 39.52 0.57 33.27
CA ASN B 222 40.31 1.73 33.64
C ASN B 222 41.64 1.71 32.91
N GLY B 223 42.18 0.51 32.75
CA GLY B 223 43.44 0.31 32.04
C GLY B 223 43.27 -0.52 30.78
N ASP B 224 44.03 -1.60 30.69
CA ASP B 224 44.11 -2.41 29.47
C ASP B 224 43.22 -3.65 29.47
N SER B 225 42.52 -3.89 30.58
CA SER B 225 41.63 -5.06 30.68
C SER B 225 40.30 -4.74 31.35
N LEU B 226 39.25 -5.46 30.95
CA LEU B 226 37.94 -5.29 31.56
C LEU B 226 37.87 -5.83 33.00
N SER B 227 37.18 -5.08 33.87
CA SER B 227 36.86 -5.55 35.22
C SER B 227 36.00 -6.81 35.14
N ASN B 228 35.70 -7.39 36.29
CA ASN B 228 34.68 -8.43 36.35
C ASN B 228 33.36 -7.86 35.79
N TRP B 229 32.60 -8.70 35.12
CA TRP B 229 31.31 -8.27 34.60
C TRP B 229 30.29 -8.20 35.71
N LYS B 230 29.49 -7.14 35.71
CA LYS B 230 28.42 -6.99 36.67
C LYS B 230 27.11 -7.22 35.96
N ASP B 231 26.22 -7.98 36.59
CA ASP B 231 24.96 -8.31 35.95
C ASP B 231 24.01 -7.12 36.10
N ILE B 232 23.13 -6.95 35.12
CA ILE B 232 22.11 -5.91 35.20
C ILE B 232 20.77 -6.63 35.23
N ASP B 233 19.92 -6.29 36.18
CA ASP B 233 18.60 -6.90 36.26
C ASP B 233 17.60 -5.91 35.66
N GLU B 234 17.39 -6.02 34.36
CA GLU B 234 16.47 -5.14 33.66
C GLU B 234 15.55 -5.99 32.83
N LYS B 235 14.25 -5.67 32.85
CA LYS B 235 13.29 -6.43 32.06
C LYS B 235 12.07 -5.60 31.71
N ASN B 236 11.56 -5.81 30.50
CA ASN B 236 10.37 -5.12 30.01
C ASN B 236 9.16 -6.06 29.96
N TYR B 237 8.03 -5.57 30.42
CA TYR B 237 6.82 -6.37 30.47
C TYR B 237 5.73 -5.61 29.73
N VAL B 238 4.76 -6.36 29.24
CA VAL B 238 3.53 -5.80 28.72
C VAL B 238 2.49 -5.88 29.82
N LEU B 239 1.68 -4.84 29.94
CA LEU B 239 0.60 -4.83 30.93
C LEU B 239 -0.74 -4.54 30.25
N PRO B 240 -1.77 -5.33 30.55
CA PRO B 240 -1.70 -6.53 31.40
C PRO B 240 -1.25 -7.72 30.58
N SER B 241 -0.72 -8.74 31.25
CA SER B 241 -0.38 -9.98 30.57
C SER B 241 -0.14 -11.05 31.63
N THR B 242 -0.10 -12.30 31.18
CA THR B 242 0.13 -13.43 32.09
C THR B 242 1.48 -13.29 32.80
N GLU B 243 2.52 -12.90 32.05
CA GLU B 243 3.84 -12.69 32.64
C GLU B 243 3.83 -11.61 33.73
N SER B 244 3.12 -10.50 33.50
CA SER B 244 3.01 -9.46 34.52
C SER B 244 2.20 -9.94 35.71
N ALA B 245 1.11 -10.64 35.42
CA ALA B 245 0.26 -11.19 36.47
C ALA B 245 1.11 -12.07 37.38
N LYS B 246 2.02 -12.81 36.75
CA LYS B 246 2.90 -13.72 37.48
C LYS B 246 3.98 -13.00 38.29
N ASP B 247 4.76 -12.12 37.66
CA ASP B 247 5.93 -11.52 38.33
C ASP B 247 5.63 -10.22 39.09
N HIS B 248 4.62 -9.48 38.64
CA HIS B 248 4.29 -8.19 39.22
C HIS B 248 2.77 -8.05 39.35
N LYS B 249 2.18 -8.95 40.13
CA LYS B 249 0.73 -9.04 40.21
C LYS B 249 0.09 -7.70 40.61
N THR B 250 0.68 -7.01 41.57
CA THR B 250 0.14 -5.73 42.02
C THR B 250 0.09 -4.69 40.89
N ASP B 251 1.18 -4.57 40.14
CA ASP B 251 1.21 -3.70 38.97
C ASP B 251 0.16 -4.16 37.96
N ASN B 252 0.13 -5.47 37.70
CA ASN B 252 -0.83 -6.02 36.74
C ASN B 252 -2.28 -5.72 37.15
N ASP B 253 -2.62 -5.98 38.42
CA ASP B 253 -3.95 -5.70 38.96
C ASP B 253 -4.30 -4.22 38.88
N ASN B 254 -3.38 -3.37 39.31
CA ASN B 254 -3.60 -1.93 39.21
C ASN B 254 -3.89 -1.55 37.77
N PHE B 255 -3.11 -2.11 36.86
CA PHE B 255 -3.30 -1.79 35.45
C PHE B 255 -4.65 -2.26 34.94
N LEU B 256 -5.04 -3.48 35.32
CA LEU B 256 -6.34 -4.02 34.94
C LEU B 256 -7.49 -3.14 35.44
N ASN B 257 -7.36 -2.63 36.67
CA ASN B 257 -8.36 -1.71 37.20
C ASN B 257 -8.42 -0.43 36.39
N PHE B 258 -7.24 0.12 36.11
CA PHE B 258 -7.12 1.30 35.27
C PHE B 258 -7.85 1.04 33.96
N LYS B 259 -7.52 -0.07 33.30
CA LYS B 259 -8.16 -0.44 32.04
C LYS B 259 -9.66 -0.55 32.17
N LYS B 260 -10.12 -1.25 33.21
CA LYS B 260 -11.55 -1.45 33.34
C LYS B 260 -12.27 -0.12 33.54
N ALA B 261 -11.66 0.77 34.32
CA ALA B 261 -12.23 2.09 34.58
C ALA B 261 -12.40 2.87 33.29
N ILE B 262 -11.39 2.79 32.42
CA ILE B 262 -11.46 3.39 31.11
C ILE B 262 -12.65 2.83 30.31
N GLU B 263 -12.77 1.51 30.28
CA GLU B 263 -13.81 0.86 29.49
C GLU B 263 -15.22 0.99 30.08
N ASP B 264 -15.31 1.24 31.38
CA ASP B 264 -16.62 1.44 32.02
C ASP B 264 -17.33 2.68 31.48
N TYR B 265 -16.56 3.71 31.16
CA TYR B 265 -17.12 4.96 30.63
C TYR B 265 -16.86 5.10 29.13
N TYR B 266 -15.83 4.40 28.64
CA TYR B 266 -15.48 4.41 27.23
C TYR B 266 -15.30 2.98 26.70
N PRO B 267 -16.41 2.23 26.56
CA PRO B 267 -16.44 0.79 26.26
C PRO B 267 -15.56 0.35 25.08
N ASN B 268 -15.60 1.08 23.96
CA ASN B 268 -14.87 0.65 22.76
C ASN B 268 -13.37 0.93 22.77
N PHE B 269 -12.91 1.79 23.68
CA PHE B 269 -11.48 2.10 23.77
C PHE B 269 -10.74 0.99 24.52
N THR B 270 -10.56 -0.15 23.87
CA THR B 270 -10.00 -1.32 24.54
C THR B 270 -8.53 -1.56 24.21
N GLY B 271 -7.95 -0.70 23.39
CA GLY B 271 -6.57 -0.85 22.99
C GLY B 271 -5.56 -0.41 24.04
N VAL B 272 -6.03 -0.08 25.25
CA VAL B 272 -5.13 0.45 26.27
C VAL B 272 -4.09 -0.61 26.61
N VAL B 273 -2.81 -0.27 26.44
CA VAL B 273 -1.76 -1.24 26.76
C VAL B 273 -0.64 -0.53 27.48
N GLY B 274 0.03 -1.23 28.38
CA GLY B 274 1.15 -0.64 29.10
C GLY B 274 2.46 -1.33 28.80
N ARG B 275 3.53 -0.54 28.71
CA ARG B 275 4.90 -1.04 28.53
C ARG B 275 5.69 -0.65 29.78
N GLY B 276 5.96 -1.63 30.64
CA GLY B 276 6.62 -1.37 31.91
C GLY B 276 8.07 -1.83 31.89
N ARG B 277 8.97 -0.90 32.19
CA ARG B 277 10.38 -1.24 32.34
C ARG B 277 10.73 -1.42 33.81
N TYR B 278 11.24 -2.60 34.15
CA TYR B 278 11.60 -2.93 35.53
C TYR B 278 13.11 -2.96 35.74
N GLU B 279 13.57 -2.41 36.86
CA GLU B 279 14.96 -2.52 37.22
C GLU B 279 15.01 -3.16 38.61
N ASP B 280 15.88 -4.14 38.77
CA ASP B 280 15.96 -4.90 40.01
C ASP B 280 14.58 -5.29 40.51
N GLY B 281 13.68 -5.63 39.58
CA GLY B 281 12.36 -6.09 39.97
C GLY B 281 11.38 -5.02 40.39
N GLN B 282 11.75 -3.76 40.22
CA GLN B 282 10.85 -2.65 40.56
C GLN B 282 10.50 -1.84 39.33
N LEU B 283 9.24 -1.43 39.22
CA LEU B 283 8.81 -0.68 38.06
C LEU B 283 9.49 0.69 38.03
N ALA B 284 10.28 0.97 36.99
CA ALA B 284 10.97 2.26 36.91
C ALA B 284 10.23 3.23 35.98
N GLU B 285 9.61 2.69 34.94
CA GLU B 285 8.97 3.52 33.92
C GLU B 285 7.83 2.80 33.23
N LEU B 286 6.65 3.43 33.22
CA LEU B 286 5.47 2.85 32.60
C LEU B 286 4.99 3.74 31.46
N ASN B 287 4.99 3.20 30.25
CA ASN B 287 4.46 3.90 29.09
C ASN B 287 3.15 3.28 28.68
N ILE B 288 2.10 4.07 28.77
CA ILE B 288 0.76 3.58 28.50
C ILE B 288 0.36 4.09 27.12
N ASP B 289 0.05 3.19 26.23
CA ASP B 289 -0.31 3.56 24.88
C ASP B 289 -1.81 3.46 24.75
N ILE B 290 -2.43 4.53 24.24
CA ILE B 290 -3.87 4.51 24.01
C ILE B 290 -4.18 5.00 22.61
N PRO B 291 -4.13 4.10 21.62
CA PRO B 291 -4.43 4.50 20.24
C PRO B 291 -5.93 4.65 20.02
N LEU B 292 -6.35 5.79 19.45
CA LEU B 292 -7.76 6.11 19.27
C LEU B 292 -8.08 6.37 17.80
N GLN B 293 -9.33 6.24 17.43
CA GLN B 293 -9.81 6.79 16.18
C GLN B 293 -10.36 8.18 16.49
N PHE B 294 -10.18 9.14 15.57
CA PHE B 294 -10.59 10.51 15.83
C PHE B 294 -12.05 10.75 15.46
N TYR B 295 -12.85 11.17 16.43
CA TYR B 295 -14.25 11.47 16.17
C TYR B 295 -14.60 12.94 16.43
N GLY B 296 -13.68 13.65 17.08
CA GLY B 296 -13.90 15.04 17.42
C GLY B 296 -12.96 15.47 18.53
N GLU B 297 -12.73 16.77 18.65
CA GLU B 297 -11.71 17.25 19.59
C GLU B 297 -12.22 17.30 21.04
N ALA B 298 -13.47 17.67 21.25
CA ALA B 298 -14.01 17.69 22.63
C ALA B 298 -13.97 16.28 23.27
N GLU B 299 -14.19 15.27 22.44
CA GLU B 299 -14.14 13.90 22.90
C GLU B 299 -12.76 13.58 23.47
N ILE B 300 -11.72 14.02 22.76
CA ILE B 300 -10.34 13.85 23.21
C ILE B 300 -10.10 14.62 24.51
N ILE B 301 -10.58 15.85 24.58
CA ILE B 301 -10.32 16.67 25.76
C ILE B 301 -10.91 16.00 27.01
N GLY B 302 -12.18 15.62 26.93
CA GLY B 302 -12.86 14.99 28.06
C GLY B 302 -12.21 13.67 28.43
N PHE B 303 -11.83 12.90 27.41
CA PHE B 303 -11.18 11.61 27.67
C PHE B 303 -9.87 11.78 28.41
N THR B 304 -9.10 12.79 28.01
CA THR B 304 -7.78 13.00 28.59
C THR B 304 -7.90 13.47 30.04
N GLN B 305 -8.89 14.33 30.31
CA GLN B 305 -9.18 14.76 31.67
C GLN B 305 -9.46 13.53 32.55
N TYR B 306 -10.30 12.65 32.03
CA TYR B 306 -10.73 11.46 32.77
C TYR B 306 -9.52 10.54 33.04
N VAL B 307 -8.72 10.29 32.02
CA VAL B 307 -7.55 9.42 32.18
C VAL B 307 -6.58 10.03 33.17
N THR B 308 -6.46 11.36 33.15
CA THR B 308 -5.58 12.03 34.11
C THR B 308 -6.05 11.75 35.54
N ASP B 309 -7.37 11.82 35.76
CA ASP B 309 -7.94 11.38 37.06
C ASP B 309 -7.58 9.92 37.35
N LEU B 310 -7.74 9.06 36.35
CA LEU B 310 -7.53 7.64 36.57
C LEU B 310 -6.08 7.28 36.92
N VAL B 311 -5.10 7.98 36.33
CA VAL B 311 -3.70 7.66 36.69
C VAL B 311 -3.41 8.04 38.13
N GLY B 312 -4.05 9.11 38.59
CA GLY B 312 -3.93 9.51 39.99
C GLY B 312 -4.45 8.42 40.90
N GLN B 313 -5.51 7.74 40.48
CA GLN B 313 -6.18 6.76 41.32
C GLN B 313 -5.71 5.30 41.16
N HIS B 314 -5.03 4.98 40.06
CA HIS B 314 -4.69 3.57 39.80
C HIS B 314 -3.21 3.25 39.58
N ILE B 315 -2.42 4.24 39.20
CA ILE B 315 -1.03 3.98 38.81
C ILE B 315 -0.07 4.40 39.92
N PRO B 316 0.83 3.49 40.33
CA PRO B 316 1.75 3.76 41.45
C PRO B 316 2.61 4.98 41.11
N LYS B 317 2.83 5.86 42.08
CA LYS B 317 3.58 7.09 41.82
C LYS B 317 5.10 6.92 42.01
N THR B 318 5.56 5.68 42.08
CA THR B 318 6.98 5.40 42.25
C THR B 318 7.72 5.21 40.92
N ALA B 319 6.99 5.31 39.81
CA ALA B 319 7.59 5.16 38.49
C ALA B 319 7.33 6.39 37.65
N ASP B 320 8.23 6.69 36.72
CA ASP B 320 7.97 7.69 35.70
C ASP B 320 6.84 7.20 34.80
N LEU B 321 5.95 8.11 34.43
CA LEU B 321 4.73 7.75 33.72
C LEU B 321 4.54 8.60 32.47
N GLN B 322 4.20 7.94 31.37
CA GLN B 322 3.86 8.61 30.12
C GLN B 322 2.62 7.92 29.54
N VAL B 323 1.59 8.71 29.23
CA VAL B 323 0.41 8.17 28.56
C VAL B 323 0.35 8.85 27.20
N ASN B 324 0.59 8.08 26.14
CA ASN B 324 0.51 8.58 24.78
C ASN B 324 -0.86 8.30 24.17
N ILE B 325 -1.72 9.31 24.14
CA ILE B 325 -3.01 9.20 23.47
C ILE B 325 -2.86 9.73 22.04
N SER B 326 -3.07 8.87 21.06
CA SER B 326 -2.78 9.26 19.69
C SER B 326 -3.76 8.69 18.67
N THR B 327 -3.79 9.30 17.50
CA THR B 327 -4.59 8.81 16.38
C THR B 327 -3.64 8.50 15.25
N SER B 328 -4.18 8.07 14.11
CA SER B 328 -3.34 7.75 12.96
C SER B 328 -2.61 8.98 12.43
N ASP B 329 -3.27 10.14 12.52
CA ASP B 329 -2.71 11.42 12.08
C ASP B 329 -1.67 12.02 13.06
N GLY B 330 -1.46 11.36 14.19
CA GLY B 330 -0.45 11.84 15.14
C GLY B 330 -0.94 11.95 16.58
N PRO B 331 -0.12 12.53 17.45
CA PRO B 331 -0.43 12.61 18.88
C PRO B 331 -1.68 13.43 19.12
N ALA B 332 -2.51 12.99 20.05
CA ALA B 332 -3.72 13.69 20.44
C ALA B 332 -3.56 14.34 21.82
N ALA B 333 -2.92 13.62 22.73
CA ALA B 333 -2.71 14.16 24.07
C ALA B 333 -1.57 13.41 24.74
N LEU B 334 -0.93 14.08 25.69
CA LEU B 334 0.16 13.48 26.46
C LEU B 334 -0.17 13.71 27.93
N ILE B 335 -0.04 12.65 28.73
CA ILE B 335 -0.08 12.79 30.17
C ILE B 335 1.24 12.28 30.75
N THR B 336 1.86 13.07 31.63
CA THR B 336 3.10 12.63 32.26
C THR B 336 3.09 12.86 33.76
N ARG B 337 3.82 12.01 34.47
CA ARG B 337 4.04 12.19 35.89
C ARG B 337 5.39 11.57 36.24
N LYS B 338 6.24 12.33 36.90
CA LYS B 338 7.57 11.82 37.26
C LYS B 338 7.47 10.96 38.50
N ALA B 339 8.41 10.03 38.66
CA ALA B 339 8.50 9.23 39.87
C ALA B 339 8.48 10.13 41.08
N ASN B 340 7.71 9.74 42.10
CA ASN B 340 7.68 10.47 43.37
C ASN B 340 7.03 11.84 43.26
N GLU B 341 6.19 12.03 42.25
CA GLU B 341 5.50 13.28 42.04
C GLU B 341 4.00 13.01 42.22
N ASP B 342 3.31 13.87 42.97
CA ASP B 342 1.89 13.65 43.25
C ASP B 342 1.01 13.87 42.04
N ALA B 343 1.26 14.95 41.31
CA ALA B 343 0.32 15.38 40.28
C ALA B 343 0.79 15.06 38.88
N ALA B 344 -0.11 14.47 38.09
CA ALA B 344 0.16 14.24 36.66
C ALA B 344 -0.06 15.54 35.92
N THR B 345 0.60 15.72 34.77
CA THR B 345 0.35 16.90 33.94
C THR B 345 -0.05 16.43 32.55
N ALA B 346 -1.07 17.05 32.00
CA ALA B 346 -1.64 16.61 30.74
C ALA B 346 -1.53 17.74 29.73
N HIS B 347 -1.33 17.37 28.47
CA HIS B 347 -1.36 18.35 27.38
C HIS B 347 -2.20 17.83 26.21
N ILE B 348 -3.08 18.70 25.70
CA ILE B 348 -3.89 18.37 24.51
C ILE B 348 -3.16 18.97 23.31
N TYR B 349 -2.89 18.17 22.28
CA TYR B 349 -2.16 18.69 21.12
C TYR B 349 -3.04 19.58 20.27
N ASP B 350 -2.50 20.71 19.85
CA ASP B 350 -3.22 21.65 19.02
C ASP B 350 -2.53 21.84 17.70
N MSE C 20 3.18 -39.14 -17.62
CA MSE C 20 3.38 -38.61 -18.96
C MSE C 20 2.20 -37.74 -19.44
O MSE C 20 1.14 -38.26 -19.76
CB MSE C 20 3.63 -39.76 -19.94
CG MSE C 20 3.74 -39.34 -21.40
SE MSE C 20 3.99 -40.88 -22.58
CE MSE C 20 3.94 -39.98 -24.31
N THR C 21 2.39 -36.42 -19.47
CA THR C 21 1.40 -35.53 -20.06
C THR C 21 1.19 -35.91 -21.52
N LYS C 22 -0.02 -35.74 -22.03
CA LYS C 22 -0.35 -36.18 -23.38
C LYS C 22 -0.39 -35.02 -24.37
N ASN C 23 -0.38 -33.80 -23.85
CA ASN C 23 -0.35 -32.59 -24.67
C ASN C 23 1.02 -31.93 -24.66
N GLN C 24 1.61 -31.78 -25.84
CA GLN C 24 2.96 -31.25 -25.95
C GLN C 24 2.96 -29.73 -26.11
N ILE C 25 1.83 -29.19 -26.60
CA ILE C 25 1.66 -27.75 -26.80
C ILE C 25 2.46 -27.16 -27.97
N SER C 26 3.76 -27.42 -27.99
CA SER C 26 4.59 -26.92 -29.07
C SER C 26 5.78 -27.83 -29.32
N SER C 27 6.17 -27.96 -30.59
CA SER C 27 7.26 -28.85 -30.94
C SER C 27 8.57 -28.42 -30.31
N ASN C 28 8.65 -27.17 -29.86
CA ASN C 28 9.81 -26.72 -29.08
C ASN C 28 9.81 -27.26 -27.65
N TYR C 29 8.73 -27.92 -27.24
CA TYR C 29 8.67 -28.51 -25.90
C TYR C 29 8.65 -30.04 -25.95
N TYR C 30 8.91 -30.66 -24.80
CA TYR C 30 8.79 -32.10 -24.63
C TYR C 30 7.53 -32.40 -23.81
N LYS C 31 6.94 -33.57 -24.00
CA LYS C 31 5.94 -34.03 -23.05
C LYS C 31 6.63 -34.23 -21.69
N THR C 32 5.90 -34.06 -20.61
CA THR C 32 6.49 -34.06 -19.28
C THR C 32 6.07 -35.29 -18.50
N VAL C 33 6.95 -35.76 -17.62
CA VAL C 33 6.69 -37.02 -16.92
C VAL C 33 5.67 -36.88 -15.80
N LEU C 34 4.66 -37.77 -15.85
CA LEU C 34 3.74 -37.98 -14.74
C LEU C 34 3.98 -39.40 -14.20
N PRO C 35 3.86 -39.58 -12.88
CA PRO C 35 3.50 -38.55 -11.90
C PRO C 35 4.56 -37.46 -11.80
N TYR C 36 4.16 -36.25 -12.14
CA TYR C 36 5.05 -35.10 -12.09
C TYR C 36 5.91 -35.06 -10.83
N LYS C 37 7.18 -34.75 -11.02
CA LYS C 37 8.10 -34.56 -9.91
C LYS C 37 8.72 -33.18 -10.02
N ALA C 38 8.61 -32.39 -8.96
CA ALA C 38 9.16 -31.04 -8.94
C ALA C 38 10.69 -31.07 -8.87
N SER C 39 11.32 -30.05 -9.45
CA SER C 39 12.76 -29.91 -9.37
C SER C 39 13.24 -30.13 -7.93
N LYS C 40 14.36 -30.84 -7.77
CA LYS C 40 14.97 -30.98 -6.46
C LYS C 40 15.63 -29.66 -6.04
N SER C 41 15.59 -28.69 -6.95
CA SER C 41 16.08 -27.35 -6.66
C SER C 41 14.97 -26.34 -6.93
N ARG C 42 13.74 -26.72 -6.63
CA ARG C 42 12.57 -25.94 -7.05
C ARG C 42 12.66 -24.47 -6.59
N GLY C 43 12.58 -23.55 -7.54
CA GLY C 43 12.53 -22.13 -7.22
C GLY C 43 13.90 -21.47 -7.20
N LEU C 44 14.96 -22.28 -7.25
CA LEU C 44 16.29 -21.72 -7.10
C LEU C 44 16.61 -20.82 -8.28
N VAL C 45 16.07 -21.15 -9.45
CA VAL C 45 16.32 -20.33 -10.63
C VAL C 45 15.79 -18.91 -10.41
N VAL C 46 14.67 -18.79 -9.71
CA VAL C 46 14.12 -17.48 -9.39
C VAL C 46 15.02 -16.74 -8.41
N SER C 47 15.67 -17.47 -7.51
CA SER C 47 16.55 -16.84 -6.53
C SER C 47 17.80 -16.32 -7.22
N ASN C 48 18.23 -17.03 -8.25
CA ASN C 48 19.54 -16.79 -8.84
C ASN C 48 19.56 -15.99 -10.12
N ILE C 49 18.41 -15.85 -10.76
CA ILE C 49 18.38 -15.18 -12.07
C ILE C 49 17.47 -13.99 -11.98
N TYR C 50 18.02 -12.80 -12.16
CA TYR C 50 17.31 -11.57 -11.89
C TYR C 50 16.08 -11.36 -12.78
N SER C 51 16.27 -11.54 -14.08
CA SER C 51 15.23 -11.15 -15.05
C SER C 51 14.43 -12.36 -15.47
N ARG C 52 13.11 -12.25 -15.42
CA ARG C 52 12.25 -13.33 -15.86
CA ARG C 52 12.26 -13.34 -15.86
C ARG C 52 12.49 -13.66 -17.34
N TYR C 53 12.83 -12.64 -18.13
CA TYR C 53 13.17 -12.88 -19.55
C TYR C 53 14.42 -13.77 -19.71
N ASP C 54 15.42 -13.59 -18.84
CA ASP C 54 16.56 -14.48 -18.82
C ASP C 54 16.14 -15.89 -18.34
N ILE C 55 15.24 -15.96 -17.36
CA ILE C 55 14.79 -17.28 -16.91
C ILE C 55 14.15 -18.07 -18.06
N ASN C 56 13.23 -17.43 -18.77
CA ASN C 56 12.58 -18.02 -19.92
C ASN C 56 13.57 -18.47 -21.00
N GLU C 57 14.53 -17.61 -21.34
CA GLU C 57 15.59 -17.93 -22.30
C GLU C 57 16.34 -19.15 -21.81
N LEU C 58 16.75 -19.11 -20.55
CA LEU C 58 17.56 -20.18 -19.96
C LEU C 58 16.85 -21.51 -20.08
N GLU C 59 15.62 -21.58 -19.58
CA GLU C 59 14.94 -22.87 -19.57
C GLU C 59 14.44 -23.33 -20.96
N SER C 60 13.81 -22.43 -21.71
CA SER C 60 13.31 -22.75 -23.05
C SER C 60 14.46 -23.05 -24.00
N GLY C 61 15.52 -22.28 -23.84
CA GLY C 61 16.69 -22.42 -24.68
C GLY C 61 17.40 -23.73 -24.43
N LEU C 62 17.44 -24.19 -23.17
CA LEU C 62 18.11 -25.47 -22.90
C LEU C 62 17.30 -26.60 -23.52
N MSE C 63 15.97 -26.45 -23.56
CA MSE C 63 15.13 -27.43 -24.24
C MSE C 63 15.40 -27.45 -25.73
O MSE C 63 15.49 -28.52 -26.34
CB MSE C 63 13.65 -27.15 -23.99
CG MSE C 63 13.22 -27.38 -22.56
SE MSE C 63 11.37 -26.80 -22.35
CE MSE C 63 10.48 -28.48 -22.61
N ARG C 64 15.53 -26.26 -26.33
CA ARG C 64 15.88 -26.19 -27.75
C ARG C 64 17.18 -26.92 -27.99
N VAL C 65 18.17 -26.67 -27.12
CA VAL C 65 19.48 -27.32 -27.25
C VAL C 65 19.35 -28.82 -27.09
N SER C 66 18.51 -29.25 -26.16
CA SER C 66 18.34 -30.66 -25.89
C SER C 66 17.82 -31.42 -27.11
N GLN C 67 17.11 -30.73 -27.99
CA GLN C 67 16.54 -31.40 -29.17
C GLN C 67 17.58 -31.74 -30.23
N ASN C 68 18.82 -31.32 -30.00
CA ASN C 68 19.92 -31.72 -30.88
C ASN C 68 20.30 -33.17 -30.61
N LYS C 69 19.98 -33.64 -29.40
CA LYS C 69 20.40 -34.97 -28.96
C LYS C 69 19.23 -35.86 -28.57
N TYR C 70 18.19 -35.27 -27.96
CA TYR C 70 17.06 -36.05 -27.48
C TYR C 70 15.76 -35.61 -28.16
N SER C 71 15.19 -36.47 -29.00
CA SER C 71 13.97 -36.10 -29.70
C SER C 71 12.77 -36.16 -28.77
N PRO C 72 11.91 -35.14 -28.81
CA PRO C 72 10.72 -35.19 -27.99
C PRO C 72 9.77 -36.29 -28.41
N ASP C 73 10.13 -37.05 -29.43
CA ASP C 73 9.35 -38.20 -29.82
C ASP C 73 9.81 -39.46 -29.10
N ASN C 74 11.04 -39.45 -28.60
CA ASN C 74 11.62 -40.60 -27.90
C ASN C 74 11.70 -40.36 -26.39
N TYR C 75 11.78 -39.08 -26.02
CA TYR C 75 12.13 -38.69 -24.66
C TYR C 75 11.08 -37.84 -23.98
N LEU C 76 10.91 -38.06 -22.69
CA LEU C 76 10.07 -37.22 -21.85
C LEU C 76 10.97 -36.33 -20.99
N PHE C 77 10.48 -35.16 -20.62
CA PHE C 77 11.22 -34.16 -19.86
C PHE C 77 10.86 -34.28 -18.39
N GLN C 78 11.87 -34.18 -17.53
CA GLN C 78 11.61 -33.98 -16.11
C GLN C 78 12.56 -32.92 -15.57
N GLU C 79 12.05 -32.00 -14.74
CA GLU C 79 12.92 -31.01 -14.11
C GLU C 79 13.99 -31.75 -13.28
N GLY C 80 15.17 -31.16 -13.19
CA GLY C 80 16.34 -31.80 -12.59
C GLY C 80 16.10 -32.46 -11.26
N GLN C 81 16.43 -33.75 -11.18
CA GLN C 81 16.27 -34.52 -9.95
C GLN C 81 17.58 -34.88 -9.27
N TYR C 82 18.68 -34.87 -10.03
CA TYR C 82 19.91 -35.49 -9.56
C TYR C 82 20.88 -34.55 -8.84
N LEU C 83 20.82 -33.27 -9.16
CA LEU C 83 21.62 -32.26 -8.48
C LEU C 83 20.68 -31.50 -7.56
N ASP C 84 20.71 -31.80 -6.27
CA ASP C 84 19.77 -31.17 -5.35
C ASP C 84 20.17 -29.75 -5.00
N LYS C 85 19.29 -29.04 -4.31
CA LYS C 85 19.50 -27.64 -3.96
C LYS C 85 20.80 -27.40 -3.16
N GLU C 86 21.06 -28.26 -2.20
CA GLU C 86 22.22 -28.10 -1.33
C GLU C 86 23.51 -28.22 -2.14
N THR C 87 23.52 -29.14 -3.09
CA THR C 87 24.69 -29.35 -3.93
C THR C 87 24.94 -28.13 -4.82
N LEU C 88 23.89 -27.65 -5.49
CA LEU C 88 24.02 -26.52 -6.39
C LEU C 88 24.54 -25.27 -5.66
N GLU C 89 23.99 -25.02 -4.48
CA GLU C 89 24.39 -23.84 -3.71
C GLU C 89 25.86 -23.94 -3.30
N LYS C 90 26.31 -25.15 -3.04
CA LYS C 90 27.72 -25.41 -2.74
C LYS C 90 28.57 -25.00 -3.94
N TRP C 91 28.22 -25.51 -5.12
CA TRP C 91 28.99 -25.21 -6.34
C TRP C 91 28.92 -23.76 -6.75
N LEU C 92 27.79 -23.12 -6.48
CA LEU C 92 27.59 -21.74 -6.92
C LEU C 92 28.39 -20.74 -6.10
N ASP C 93 28.77 -21.13 -4.89
CA ASP C 93 29.54 -20.24 -4.02
C ASP C 93 30.97 -20.09 -4.51
N ARG C 94 31.67 -19.11 -3.94
CA ARG C 94 33.08 -18.95 -4.21
C ARG C 94 33.84 -20.13 -3.61
N LYS C 95 34.98 -20.47 -4.21
CA LYS C 95 35.91 -21.44 -3.66
C LYS C 95 36.51 -20.85 -2.40
N SER C 96 36.58 -21.64 -1.32
CA SER C 96 37.24 -21.23 -0.09
C SER C 96 37.63 -22.47 0.70
N ASP C 97 38.54 -22.31 1.65
CA ASP C 97 38.88 -23.44 2.50
C ASP C 97 37.65 -23.86 3.30
N LYS C 98 36.71 -22.93 3.49
CA LYS C 98 35.45 -23.27 4.15
C LYS C 98 34.51 -24.02 3.20
N ASN C 99 34.62 -23.73 1.92
CA ASN C 99 33.84 -24.44 0.92
C ASN C 99 34.68 -24.74 -0.30
N PRO C 100 35.47 -25.82 -0.24
CA PRO C 100 36.44 -26.05 -1.31
C PRO C 100 35.75 -26.52 -2.59
N ASN C 101 34.44 -26.72 -2.54
CA ASN C 101 33.69 -27.15 -3.72
C ASN C 101 33.13 -26.01 -4.57
N GLY C 102 33.26 -24.77 -4.10
CA GLY C 102 32.73 -23.65 -4.87
C GLY C 102 33.36 -23.56 -6.24
N LEU C 103 32.56 -23.28 -7.28
CA LEU C 103 33.10 -23.12 -8.62
C LEU C 103 33.57 -21.69 -8.88
N ASN C 104 32.97 -20.73 -8.21
CA ASN C 104 33.35 -19.34 -8.41
C ASN C 104 34.70 -19.03 -7.77
N PRO C 105 35.42 -18.03 -8.31
CA PRO C 105 36.78 -17.73 -7.84
C PRO C 105 36.82 -17.29 -6.38
N ALA C 106 37.87 -17.68 -5.66
CA ALA C 106 38.04 -17.27 -4.27
C ALA C 106 38.09 -15.75 -4.15
N SER C 107 37.45 -15.23 -3.11
CA SER C 107 37.41 -13.79 -2.88
C SER C 107 38.80 -13.25 -2.58
N ASN C 108 39.11 -12.09 -3.17
CA ASN C 108 40.35 -11.38 -2.87
C ASN C 108 40.07 -9.91 -2.65
N GLY C 109 38.89 -9.60 -2.13
CA GLY C 109 38.49 -8.24 -1.83
C GLY C 109 37.28 -7.79 -2.62
N ASN C 113 40.93 -5.20 -8.46
CA ASN C 113 41.56 -6.50 -8.28
C ASN C 113 40.56 -7.61 -7.90
N ARG C 114 39.33 -7.20 -7.60
CA ARG C 114 38.24 -8.13 -7.30
C ARG C 114 38.02 -9.13 -8.42
N LYS C 115 37.92 -10.41 -8.07
CA LYS C 115 37.48 -11.46 -9.00
C LYS C 115 35.96 -11.58 -8.91
N PRO C 116 35.26 -11.58 -10.05
CA PRO C 116 33.82 -11.53 -9.94
C PRO C 116 33.20 -12.90 -9.75
N ILE C 117 31.92 -12.90 -9.41
CA ILE C 117 31.09 -14.10 -9.53
C ILE C 117 30.82 -14.29 -11.02
N TYR C 118 31.46 -15.28 -11.63
CA TYR C 118 31.22 -15.62 -13.04
C TYR C 118 29.92 -16.41 -13.25
N LEU C 119 29.63 -17.31 -12.32
CA LEU C 119 28.55 -18.28 -12.49
C LEU C 119 27.39 -17.99 -11.53
N ALA C 120 26.21 -17.69 -12.09
CA ALA C 120 25.05 -17.34 -11.27
C ALA C 120 24.17 -18.53 -10.97
N HIS C 121 24.14 -19.50 -11.85
CA HIS C 121 23.18 -20.57 -11.66
C HIS C 121 23.51 -21.79 -12.50
N ILE C 122 23.11 -22.96 -12.00
CA ILE C 122 23.21 -24.17 -12.79
C ILE C 122 21.83 -24.80 -12.93
N LEU C 123 21.43 -25.06 -14.18
CA LEU C 123 20.12 -25.62 -14.47
C LEU C 123 20.25 -27.05 -15.02
N GLU C 124 19.49 -27.99 -14.45
CA GLU C 124 19.51 -29.38 -14.91
C GLU C 124 18.15 -29.76 -15.46
N GLN C 125 18.13 -30.36 -16.65
CA GLN C 125 16.93 -30.94 -17.22
C GLN C 125 17.18 -32.43 -17.48
N ASP C 126 16.24 -33.29 -17.07
CA ASP C 126 16.40 -34.73 -17.24
C ASP C 126 15.56 -35.21 -18.41
N TYR C 127 16.12 -36.12 -19.20
CA TYR C 127 15.38 -36.67 -20.33
C TYR C 127 15.25 -38.18 -20.22
N LEU C 128 14.00 -38.63 -20.18
CA LEU C 128 13.69 -40.03 -19.90
C LEU C 128 13.15 -40.78 -21.09
N LYS C 129 13.65 -42.01 -21.28
CA LYS C 129 13.11 -42.92 -22.29
C LYS C 129 12.06 -43.82 -21.65
N GLN C 130 10.90 -43.90 -22.28
CA GLN C 130 9.85 -44.78 -21.79
C GLN C 130 10.19 -46.24 -22.11
N THR C 131 10.19 -47.07 -21.06
CA THR C 131 10.45 -48.50 -21.19
C THR C 131 9.45 -49.29 -20.36
N ASP C 132 8.97 -50.41 -20.90
CA ASP C 132 8.01 -51.25 -20.17
C ASP C 132 6.64 -50.60 -20.10
N LYS C 133 6.47 -49.46 -20.78
CA LYS C 133 5.18 -48.79 -20.88
C LYS C 133 4.66 -48.27 -19.55
N ASP C 134 5.17 -48.81 -18.45
CA ASP C 134 4.75 -48.38 -17.12
C ASP C 134 5.88 -47.65 -16.40
N THR C 135 7.11 -47.85 -16.87
CA THR C 135 8.28 -47.27 -16.24
C THR C 135 9.02 -46.31 -17.16
N VAL C 136 9.89 -45.50 -16.56
CA VAL C 136 10.71 -44.57 -17.33
C VAL C 136 12.15 -44.65 -16.83
N ALA C 137 13.10 -44.62 -17.76
CA ALA C 137 14.51 -44.62 -17.38
C ALA C 137 15.20 -43.35 -17.86
N LEU C 138 16.10 -42.83 -17.04
CA LEU C 138 16.94 -41.69 -17.42
C LEU C 138 17.69 -42.04 -18.70
N GLY C 139 17.55 -41.21 -19.72
CA GLY C 139 18.19 -41.48 -21.00
C GLY C 139 19.26 -40.46 -21.34
N GLY C 140 19.24 -39.34 -20.63
CA GLY C 140 20.21 -38.29 -20.86
C GLY C 140 19.88 -37.07 -20.03
N ILE C 141 20.87 -36.23 -19.81
CA ILE C 141 20.63 -34.98 -19.11
C ILE C 141 21.19 -33.79 -19.89
N SER C 142 20.65 -32.63 -19.59
CA SER C 142 21.16 -31.39 -20.13
C SER C 142 21.44 -30.46 -18.98
N ILE C 143 22.51 -29.70 -19.10
CA ILE C 143 22.92 -28.78 -18.05
C ILE C 143 23.18 -27.44 -18.69
N ALA C 144 22.72 -26.36 -18.06
CA ALA C 144 23.11 -25.03 -18.49
C ALA C 144 23.87 -24.35 -17.35
N LEU C 145 24.99 -23.71 -17.69
CA LEU C 145 25.66 -22.80 -16.78
C LEU C 145 25.27 -21.37 -17.14
N ALA C 146 24.58 -20.69 -16.22
CA ALA C 146 24.17 -19.33 -16.46
C ALA C 146 25.24 -18.37 -15.96
N MSE C 147 25.94 -17.75 -16.90
CA MSE C 147 27.03 -16.81 -16.60
C MSE C 147 26.52 -15.38 -16.43
O MSE C 147 25.61 -14.96 -17.14
CB MSE C 147 28.08 -16.84 -17.72
CG MSE C 147 28.44 -18.24 -18.22
SE MSE C 147 29.18 -19.36 -16.76
CE MSE C 147 30.92 -18.50 -16.64
N ASN C 148 27.11 -14.64 -15.50
CA ASN C 148 26.90 -13.20 -15.42
C ASN C 148 27.64 -12.43 -16.53
N SER C 149 26.95 -11.54 -17.24
CA SER C 149 27.66 -10.58 -18.09
C SER C 149 27.96 -9.30 -17.30
N VAL C 150 27.20 -9.07 -16.23
CA VAL C 150 27.53 -8.02 -15.28
C VAL C 150 27.37 -8.61 -13.90
N ASP C 151 28.40 -8.49 -13.07
CA ASP C 151 28.29 -8.98 -11.70
C ASP C 151 27.94 -7.81 -10.80
N TYR C 152 26.89 -7.97 -10.00
CA TYR C 152 26.45 -6.91 -9.08
C TYR C 152 26.82 -7.26 -7.65
N TYR C 153 27.27 -6.28 -6.89
CA TYR C 153 27.68 -6.52 -5.52
C TYR C 153 27.65 -5.25 -4.69
N GLN C 154 27.63 -5.40 -3.37
CA GLN C 154 27.68 -4.26 -2.48
C GLN C 154 28.96 -4.33 -1.65
N LYS C 155 29.46 -3.17 -1.23
CA LYS C 155 30.65 -3.12 -0.39
C LYS C 155 30.25 -3.07 1.07
N GLU C 156 29.01 -2.65 1.31
CA GLU C 156 28.49 -2.54 2.68
C GLU C 156 27.02 -2.93 2.70
N LYS C 157 26.55 -3.42 3.84
CA LYS C 157 25.15 -3.80 3.98
C LYS C 157 24.26 -2.59 3.68
N TYR C 158 23.23 -2.81 2.88
CA TYR C 158 22.29 -1.76 2.50
C TYR C 158 22.98 -0.61 1.75
N GLY C 159 24.20 -0.86 1.25
CA GLY C 159 24.95 0.14 0.52
C GLY C 159 24.69 0.11 -0.97
N ASP C 160 25.38 0.99 -1.70
CA ASP C 160 25.21 1.08 -3.14
C ASP C 160 25.58 -0.23 -3.82
N THR C 161 24.91 -0.51 -4.93
CA THR C 161 25.21 -1.70 -5.71
C THR C 161 26.15 -1.36 -6.85
N TYR C 162 27.36 -1.88 -6.77
CA TYR C 162 28.36 -1.66 -7.80
C TYR C 162 28.26 -2.73 -8.87
N GLU C 163 28.80 -2.43 -10.05
CA GLU C 163 28.71 -3.33 -11.20
C GLU C 163 30.11 -3.67 -11.70
N GLN C 164 30.30 -4.94 -12.08
CA GLN C 164 31.57 -5.38 -12.66
C GLN C 164 31.25 -6.16 -13.94
N PRO C 165 31.33 -5.48 -15.10
CA PRO C 165 31.03 -6.14 -16.37
C PRO C 165 32.06 -7.24 -16.69
N ILE C 166 31.66 -8.25 -17.46
CA ILE C 166 32.53 -9.35 -17.86
C ILE C 166 32.41 -9.57 -19.37
N SER C 167 33.52 -9.65 -20.08
CA SER C 167 33.48 -9.80 -21.55
C SER C 167 32.88 -11.14 -22.02
N ASP C 168 32.39 -11.14 -23.25
CA ASP C 168 31.91 -12.38 -23.86
C ASP C 168 33.02 -13.44 -23.86
N SER C 169 34.26 -13.02 -24.12
CA SER C 169 35.38 -13.94 -24.21
C SER C 169 35.74 -14.55 -22.86
N GLU C 170 35.66 -13.75 -21.80
CA GLU C 170 36.06 -14.21 -20.48
C GLU C 170 34.97 -15.14 -19.95
N LEU C 171 33.73 -14.74 -20.19
CA LEU C 171 32.56 -15.49 -19.80
C LEU C 171 32.52 -16.87 -20.51
N LEU C 172 32.80 -16.88 -21.80
CA LEU C 172 32.91 -18.14 -22.54
C LEU C 172 34.04 -19.05 -21.99
N ALA C 173 35.21 -18.46 -21.76
CA ALA C 173 36.35 -19.22 -21.27
C ALA C 173 36.07 -19.84 -19.90
N GLN C 174 35.58 -19.02 -18.97
CA GLN C 174 35.17 -19.53 -17.65
C GLN C 174 34.11 -20.62 -17.79
N GLY C 175 33.15 -20.40 -18.68
CA GLY C 175 32.04 -21.34 -18.86
C GLY C 175 32.52 -22.70 -19.34
N LYS C 176 33.42 -22.69 -20.31
CA LYS C 176 34.02 -23.94 -20.82
C LYS C 176 34.78 -24.66 -19.72
N GLU C 177 35.58 -23.92 -18.97
CA GLU C 177 36.37 -24.50 -17.90
C GLU C 177 35.48 -25.06 -16.79
N MSE C 178 34.48 -24.29 -16.39
CA MSE C 178 33.60 -24.76 -15.32
C MSE C 178 32.76 -25.93 -15.81
O MSE C 178 32.42 -26.83 -15.03
CB MSE C 178 32.72 -23.63 -14.80
CG MSE C 178 33.51 -22.57 -14.04
SE MSE C 178 32.32 -21.09 -13.51
CE MSE C 178 33.60 -19.99 -12.56
N SER C 179 32.42 -25.92 -17.10
CA SER C 179 31.64 -27.01 -17.66
C SER C 179 32.38 -28.35 -17.56
N ALA C 180 33.68 -28.33 -17.77
CA ALA C 180 34.47 -29.55 -17.65
C ALA C 180 34.45 -30.05 -16.22
N THR C 181 34.61 -29.14 -15.26
CA THR C 181 34.58 -29.52 -13.85
C THR C 181 33.24 -30.13 -13.48
N VAL C 182 32.16 -29.47 -13.90
CA VAL C 182 30.80 -29.92 -13.61
C VAL C 182 30.54 -31.31 -14.20
N LEU C 183 31.02 -31.55 -15.42
CA LEU C 183 30.86 -32.87 -16.01
C LEU C 183 31.60 -33.91 -15.15
N ASN C 184 32.81 -33.58 -14.72
CA ASN C 184 33.58 -34.49 -13.86
C ASN C 184 32.80 -34.86 -12.60
N ARG C 185 32.13 -33.87 -12.01
CA ARG C 185 31.34 -34.08 -10.81
C ARG C 185 30.06 -34.85 -11.13
N ILE C 186 29.46 -34.57 -12.27
CA ILE C 186 28.28 -35.31 -12.70
C ILE C 186 28.61 -36.80 -12.80
N ARG C 187 29.82 -37.10 -13.28
CA ARG C 187 30.24 -38.49 -13.44
C ARG C 187 30.43 -39.18 -12.10
N GLN C 188 30.49 -38.41 -11.01
CA GLN C 188 30.62 -39.03 -9.70
C GLN C 188 29.30 -38.95 -8.96
N THR C 189 28.25 -38.53 -9.66
CA THR C 189 26.93 -38.45 -9.04
C THR C 189 26.15 -39.74 -9.26
N LYS C 190 25.69 -40.34 -8.16
CA LYS C 190 24.97 -41.60 -8.24
C LYS C 190 23.82 -41.50 -9.25
N GLY C 191 23.87 -42.37 -10.26
CA GLY C 191 22.82 -42.41 -11.27
C GLY C 191 23.20 -41.71 -12.57
N LEU C 192 24.25 -40.89 -12.55
CA LEU C 192 24.64 -40.15 -13.74
C LEU C 192 25.99 -40.62 -14.30
N GLU C 193 26.44 -41.80 -13.88
CA GLU C 193 27.72 -42.33 -14.34
C GLU C 193 27.75 -42.59 -15.85
N ASN C 194 26.59 -42.93 -16.41
CA ASN C 194 26.58 -43.50 -17.75
C ASN C 194 25.87 -42.69 -18.83
N VAL C 195 24.90 -41.89 -18.44
CA VAL C 195 24.04 -41.23 -19.41
C VAL C 195 24.76 -40.17 -20.24
N PRO C 196 24.35 -40.00 -21.50
CA PRO C 196 24.85 -38.87 -22.29
C PRO C 196 24.56 -37.56 -21.58
N VAL C 197 25.52 -36.63 -21.64
CA VAL C 197 25.35 -35.32 -21.04
C VAL C 197 25.54 -34.24 -22.09
N THR C 198 24.65 -33.27 -22.10
CA THR C 198 24.79 -32.08 -22.90
C THR C 198 24.92 -30.87 -21.99
N ILE C 199 25.95 -30.05 -22.21
CA ILE C 199 26.15 -28.84 -21.39
C ILE C 199 26.20 -27.60 -22.26
N ALA C 200 25.44 -26.58 -21.88
CA ALA C 200 25.38 -25.34 -22.68
C ALA C 200 25.72 -24.14 -21.82
N ILE C 201 26.36 -23.15 -22.42
CA ILE C 201 26.73 -21.92 -21.70
C ILE C 201 25.78 -20.79 -22.06
N TYR C 202 25.15 -20.22 -21.05
CA TYR C 202 24.19 -19.13 -21.22
C TYR C 202 24.71 -17.81 -20.67
N LYS C 203 24.57 -16.75 -21.46
CA LYS C 203 24.98 -15.40 -21.04
C LYS C 203 23.74 -14.62 -20.57
N GLN C 204 23.67 -14.31 -19.29
CA GLN C 204 22.60 -13.48 -18.75
C GLN C 204 22.79 -12.04 -19.24
N GLY C 205 21.72 -11.31 -19.49
CA GLY C 205 21.88 -9.90 -19.81
C GLY C 205 22.02 -9.12 -18.51
N ALA C 206 22.23 -7.81 -18.64
CA ALA C 206 22.27 -6.91 -17.47
C ALA C 206 20.88 -6.77 -16.86
N ARG C 207 20.81 -6.29 -15.63
CA ARG C 207 19.54 -6.18 -14.92
C ARG C 207 18.61 -5.12 -15.51
N ASP C 208 19.19 -4.08 -16.09
CA ASP C 208 18.43 -3.01 -16.71
C ASP C 208 18.50 -3.11 -18.22
N ALA C 209 18.82 -4.30 -18.73
CA ALA C 209 18.93 -4.51 -20.17
C ALA C 209 17.58 -4.36 -20.86
N VAL C 210 17.60 -3.84 -22.09
CA VAL C 210 16.37 -3.70 -22.88
C VAL C 210 15.92 -5.03 -23.48
N ALA C 211 16.82 -6.02 -23.49
CA ALA C 211 16.53 -7.36 -24.00
C ALA C 211 17.35 -8.36 -23.19
N PRO C 212 16.89 -9.62 -23.10
CA PRO C 212 17.62 -10.61 -22.31
C PRO C 212 18.88 -11.13 -23.01
N GLY C 213 19.63 -11.95 -22.29
CA GLY C 213 20.87 -12.51 -22.82
C GLY C 213 20.56 -13.67 -23.76
N ASN C 214 21.49 -14.62 -23.86
CA ASN C 214 21.38 -15.68 -24.85
C ASN C 214 22.39 -16.79 -24.65
N TYR C 215 22.07 -17.97 -25.18
CA TYR C 215 23.02 -19.08 -25.24
C TYR C 215 24.19 -18.74 -26.15
N ILE C 216 25.37 -19.25 -25.84
CA ILE C 216 26.53 -18.95 -26.70
C ILE C 216 27.30 -20.17 -27.19
N ALA C 217 27.18 -21.30 -26.49
CA ALA C 217 27.87 -22.52 -26.92
C ALA C 217 27.33 -23.77 -26.23
N TYR C 218 27.56 -24.94 -26.82
CA TYR C 218 27.22 -26.19 -26.14
C TYR C 218 28.16 -27.32 -26.54
N ALA C 219 28.28 -28.30 -25.64
CA ALA C 219 29.10 -29.48 -25.89
C ALA C 219 28.35 -30.71 -25.40
N THR C 220 28.78 -31.89 -25.84
CA THR C 220 28.14 -33.12 -25.40
C THR C 220 29.21 -34.15 -25.02
N ALA C 221 28.89 -35.04 -24.09
CA ALA C 221 29.81 -36.04 -23.63
C ALA C 221 29.08 -37.36 -23.38
N ASN C 222 29.66 -38.45 -23.84
CA ASN C 222 29.17 -39.78 -23.46
C ASN C 222 30.08 -40.36 -22.40
N GLY C 223 31.23 -39.72 -22.21
CA GLY C 223 32.17 -40.11 -21.18
C GLY C 223 32.51 -38.94 -20.30
N ASP C 224 33.78 -38.86 -19.90
CA ASP C 224 34.23 -37.81 -18.99
C ASP C 224 34.99 -36.71 -19.73
N SER C 225 34.79 -36.61 -21.03
CA SER C 225 35.51 -35.63 -21.81
C SER C 225 34.58 -34.93 -22.80
N LEU C 226 34.38 -33.63 -22.58
CA LEU C 226 33.47 -32.86 -23.43
C LEU C 226 33.94 -32.80 -24.88
N SER C 227 33.01 -33.03 -25.80
CA SER C 227 33.23 -32.84 -27.23
C SER C 227 33.80 -31.45 -27.51
N ASN C 228 34.08 -31.19 -28.79
CA ASN C 228 34.33 -29.82 -29.19
C ASN C 228 33.08 -28.97 -28.98
N TRP C 229 33.28 -27.76 -28.50
CA TRP C 229 32.20 -26.82 -28.31
C TRP C 229 31.66 -26.35 -29.66
N LYS C 230 30.33 -26.23 -29.75
CA LYS C 230 29.70 -25.68 -30.94
C LYS C 230 29.10 -24.33 -30.59
N ASP C 231 29.38 -23.33 -31.41
CA ASP C 231 28.84 -22.02 -31.15
C ASP C 231 27.33 -21.98 -31.34
N ILE C 232 26.66 -21.21 -30.51
CA ILE C 232 25.24 -20.94 -30.70
C ILE C 232 25.15 -19.46 -31.06
N ASP C 233 24.51 -19.17 -32.18
CA ASP C 233 24.30 -17.80 -32.60
C ASP C 233 22.85 -17.45 -32.26
N GLU C 234 22.65 -16.89 -31.09
CA GLU C 234 21.32 -16.54 -30.62
C GLU C 234 21.38 -15.16 -30.03
N LYS C 235 20.36 -14.35 -30.32
CA LYS C 235 20.38 -12.95 -29.88
C LYS C 235 18.96 -12.39 -29.82
N ASN C 236 18.71 -11.58 -28.79
CA ASN C 236 17.41 -10.93 -28.59
C ASN C 236 17.52 -9.44 -28.84
N TYR C 237 16.53 -8.91 -29.55
CA TYR C 237 16.50 -7.51 -29.92
C TYR C 237 15.18 -6.90 -29.47
N VAL C 238 15.18 -5.59 -29.35
CA VAL C 238 13.97 -4.81 -29.14
C VAL C 238 13.58 -4.15 -30.46
N LEU C 239 12.29 -4.21 -30.80
CA LEU C 239 11.79 -3.54 -32.00
C LEU C 239 10.73 -2.51 -31.66
N PRO C 240 10.85 -1.31 -32.22
CA PRO C 240 11.95 -0.96 -33.11
C PRO C 240 13.14 -0.49 -32.28
N SER C 241 14.33 -0.49 -32.87
CA SER C 241 15.51 0.06 -32.21
C SER C 241 16.62 0.28 -33.22
N THR C 242 17.62 1.05 -32.82
CA THR C 242 18.77 1.29 -33.66
C THR C 242 19.45 -0.02 -34.04
N GLU C 243 19.66 -0.88 -33.04
CA GLU C 243 20.33 -2.15 -33.24
C GLU C 243 19.56 -3.05 -34.21
N SER C 244 18.25 -3.09 -34.11
CA SER C 244 17.48 -3.92 -35.04
C SER C 244 17.42 -3.28 -36.44
N ALA C 245 17.28 -1.96 -36.51
CA ALA C 245 17.37 -1.25 -37.79
C ALA C 245 18.67 -1.56 -38.52
N LYS C 246 19.76 -1.71 -37.77
CA LYS C 246 21.06 -2.05 -38.35
C LYS C 246 21.16 -3.51 -38.79
N ASP C 247 20.83 -4.43 -37.89
CA ASP C 247 21.11 -5.84 -38.11
C ASP C 247 19.97 -6.58 -38.82
N HIS C 248 18.76 -6.04 -38.69
CA HIS C 248 17.57 -6.72 -39.20
C HIS C 248 16.60 -5.69 -39.75
N LYS C 249 17.07 -4.95 -40.75
CA LYS C 249 16.36 -3.76 -41.19
C LYS C 249 14.93 -4.09 -41.59
N THR C 250 14.77 -5.11 -42.42
CA THR C 250 13.43 -5.40 -42.92
C THR C 250 12.43 -5.77 -41.80
N ASP C 251 12.88 -6.53 -40.81
CA ASP C 251 12.06 -6.80 -39.62
C ASP C 251 11.72 -5.51 -38.87
N ASN C 252 12.71 -4.65 -38.71
CA ASN C 252 12.49 -3.34 -38.11
C ASN C 252 11.51 -2.48 -38.91
N ASP C 253 11.71 -2.42 -40.22
CA ASP C 253 10.81 -1.68 -41.09
C ASP C 253 9.38 -2.18 -40.94
N ASN C 254 9.19 -3.50 -41.02
CA ASN C 254 7.85 -4.06 -40.91
C ASN C 254 7.22 -3.73 -39.54
N PHE C 255 8.02 -3.80 -38.48
CA PHE C 255 7.51 -3.48 -37.16
C PHE C 255 7.12 -2.01 -37.07
N LEU C 256 7.93 -1.14 -37.65
CA LEU C 256 7.60 0.28 -37.72
C LEU C 256 6.29 0.53 -38.46
N ASN C 257 6.09 -0.17 -39.57
CA ASN C 257 4.84 -0.02 -40.31
C ASN C 257 3.65 -0.48 -39.47
N PHE C 258 3.86 -1.55 -38.72
CA PHE C 258 2.84 -2.12 -37.86
C PHE C 258 2.47 -1.11 -36.75
N LYS C 259 3.49 -0.56 -36.11
CA LYS C 259 3.31 0.45 -35.07
C LYS C 259 2.62 1.70 -35.65
N LYS C 260 3.03 2.09 -36.85
CA LYS C 260 2.43 3.24 -37.51
C LYS C 260 0.95 3.01 -37.88
N ALA C 261 0.60 1.81 -38.31
CA ALA C 261 -0.80 1.52 -38.65
C ALA C 261 -1.65 1.46 -37.39
N ILE C 262 -1.03 1.16 -36.26
CA ILE C 262 -1.75 1.16 -34.99
C ILE C 262 -2.11 2.59 -34.59
N GLU C 263 -1.14 3.49 -34.61
CA GLU C 263 -1.42 4.88 -34.26
C GLU C 263 -2.24 5.65 -35.30
N ASP C 264 -2.34 5.13 -36.51
CA ASP C 264 -3.15 5.79 -37.56
C ASP C 264 -4.64 5.79 -37.22
N TYR C 265 -5.08 4.81 -36.46
CA TYR C 265 -6.48 4.71 -36.04
C TYR C 265 -6.60 4.79 -34.53
N TYR C 266 -5.52 4.47 -33.82
CA TYR C 266 -5.53 4.53 -32.36
C TYR C 266 -4.36 5.32 -31.81
N PRO C 267 -4.34 6.64 -32.04
CA PRO C 267 -3.23 7.44 -31.51
C PRO C 267 -3.24 7.40 -29.98
N ASN C 268 -2.08 7.63 -29.37
CA ASN C 268 -1.93 7.56 -27.91
C ASN C 268 -1.56 6.16 -27.40
N PHE C 269 -2.03 5.13 -28.09
CA PHE C 269 -1.67 3.74 -27.75
C PHE C 269 -0.27 3.45 -28.29
N THR C 270 0.72 4.20 -27.81
CA THR C 270 2.05 4.21 -28.41
C THR C 270 3.06 3.29 -27.73
N GLY C 271 2.62 2.54 -26.73
CA GLY C 271 3.53 1.67 -25.99
C GLY C 271 3.85 0.36 -26.69
N VAL C 272 3.48 0.26 -27.96
CA VAL C 272 3.72 -0.96 -28.73
C VAL C 272 5.21 -1.25 -28.83
N VAL C 273 5.61 -2.44 -28.40
CA VAL C 273 7.02 -2.79 -28.39
C VAL C 273 7.18 -4.25 -28.77
N GLY C 274 8.26 -4.57 -29.49
CA GLY C 274 8.51 -5.91 -29.96
C GLY C 274 9.75 -6.50 -29.28
N ARG C 275 9.69 -7.79 -28.96
CA ARG C 275 10.85 -8.52 -28.44
C ARG C 275 11.13 -9.66 -29.40
N GLY C 276 12.24 -9.56 -30.13
CA GLY C 276 12.56 -10.48 -31.21
C GLY C 276 13.72 -11.39 -30.85
N ARG C 277 13.49 -12.71 -30.89
CA ARG C 277 14.55 -13.69 -30.65
C ARG C 277 15.05 -14.19 -32.00
N TYR C 278 16.36 -14.06 -32.22
CA TYR C 278 16.99 -14.41 -33.48
C TYR C 278 17.89 -15.65 -33.31
N GLU C 279 17.79 -16.60 -34.23
CA GLU C 279 18.67 -17.76 -34.22
C GLU C 279 19.37 -17.81 -35.56
N ASP C 280 20.69 -17.94 -35.54
CA ASP C 280 21.50 -17.88 -36.75
C ASP C 280 21.07 -16.72 -37.63
N GLY C 281 20.73 -15.60 -37.01
CA GLY C 281 20.47 -14.38 -37.75
C GLY C 281 19.08 -14.24 -38.33
N GLN C 282 18.20 -15.17 -38.00
CA GLN C 282 16.82 -15.14 -38.49
C GLN C 282 15.83 -15.01 -37.35
N LEU C 283 14.76 -14.24 -37.58
CA LEU C 283 13.77 -14.05 -36.52
C LEU C 283 13.08 -15.39 -36.28
N ALA C 284 13.15 -15.87 -35.05
CA ALA C 284 12.49 -17.14 -34.74
C ALA C 284 11.20 -16.90 -33.97
N GLU C 285 11.19 -15.85 -33.15
CA GLU C 285 10.07 -15.62 -32.26
C GLU C 285 9.93 -14.12 -31.99
N LEU C 286 8.73 -13.60 -32.21
CA LEU C 286 8.45 -12.20 -32.02
C LEU C 286 7.32 -12.05 -31.01
N ASN C 287 7.64 -11.44 -29.88
CA ASN C 287 6.64 -11.18 -28.87
C ASN C 287 6.33 -9.69 -28.84
N ILE C 288 5.09 -9.36 -29.15
CA ILE C 288 4.66 -7.95 -29.20
C ILE C 288 3.84 -7.64 -27.96
N ASP C 289 4.26 -6.61 -27.21
CA ASP C 289 3.55 -6.20 -26.01
C ASP C 289 2.81 -4.93 -26.29
N ILE C 290 1.53 -4.93 -25.98
CA ILE C 290 0.72 -3.73 -26.11
C ILE C 290 0.00 -3.47 -24.79
N PRO C 291 0.63 -2.67 -23.91
CA PRO C 291 -0.05 -2.35 -22.65
C PRO C 291 -1.04 -1.21 -22.87
N LEU C 292 -2.27 -1.38 -22.41
CA LEU C 292 -3.32 -0.37 -22.54
C LEU C 292 -3.96 -0.03 -21.20
N GLN C 293 -4.67 1.08 -21.16
CA GLN C 293 -5.52 1.42 -20.03
C GLN C 293 -6.95 1.00 -20.37
N PHE C 294 -7.68 0.50 -19.38
CA PHE C 294 -9.02 -0.03 -19.62
C PHE C 294 -10.07 1.07 -19.58
N TYR C 295 -10.77 1.22 -20.69
CA TYR C 295 -11.88 2.16 -20.81
C TYR C 295 -13.22 1.47 -21.06
N GLY C 296 -13.18 0.23 -21.52
CA GLY C 296 -14.39 -0.52 -21.84
C GLY C 296 -14.07 -1.79 -22.62
N GLU C 297 -14.98 -2.76 -22.62
CA GLU C 297 -14.66 -4.07 -23.19
C GLU C 297 -14.81 -4.07 -24.73
N ALA C 298 -15.76 -3.30 -25.25
CA ALA C 298 -15.96 -3.25 -26.71
C ALA C 298 -14.77 -2.61 -27.40
N GLU C 299 -14.20 -1.59 -26.76
CA GLU C 299 -12.99 -0.95 -27.25
C GLU C 299 -11.88 -1.98 -27.44
N ILE C 300 -11.72 -2.87 -26.46
CA ILE C 300 -10.70 -3.91 -26.56
C ILE C 300 -11.00 -4.86 -27.72
N ILE C 301 -12.27 -5.16 -27.92
CA ILE C 301 -12.65 -6.12 -28.94
C ILE C 301 -12.30 -5.59 -30.33
N GLY C 302 -12.74 -4.37 -30.60
CA GLY C 302 -12.45 -3.73 -31.87
C GLY C 302 -10.96 -3.59 -32.12
N PHE C 303 -10.24 -3.19 -31.08
CA PHE C 303 -8.81 -2.98 -31.22
C PHE C 303 -8.12 -4.29 -31.56
N THR C 304 -8.56 -5.36 -30.88
CA THR C 304 -7.93 -6.66 -31.08
C THR C 304 -8.22 -7.18 -32.50
N GLN C 305 -9.41 -6.90 -33.03
CA GLN C 305 -9.74 -7.29 -34.40
C GLN C 305 -8.82 -6.55 -35.36
N TYR C 306 -8.67 -5.25 -35.14
CA TYR C 306 -7.80 -4.42 -35.95
C TYR C 306 -6.35 -4.92 -35.95
N VAL C 307 -5.79 -5.16 -34.77
CA VAL C 307 -4.41 -5.64 -34.63
C VAL C 307 -4.26 -7.01 -35.30
N THR C 308 -5.28 -7.85 -35.18
CA THR C 308 -5.24 -9.13 -35.85
C THR C 308 -5.13 -8.93 -37.39
N ASP C 309 -5.88 -7.97 -37.93
CA ASP C 309 -5.75 -7.64 -39.36
C ASP C 309 -4.32 -7.24 -39.65
N LEU C 310 -3.80 -6.34 -38.81
CA LEU C 310 -2.47 -5.76 -39.00
C LEU C 310 -1.31 -6.76 -38.97
N VAL C 311 -1.38 -7.76 -38.10
CA VAL C 311 -0.28 -8.74 -38.10
C VAL C 311 -0.24 -9.50 -39.41
N GLY C 312 -1.40 -9.68 -40.03
CA GLY C 312 -1.47 -10.29 -41.35
C GLY C 312 -0.87 -9.40 -42.43
N GLN C 313 -1.12 -8.10 -42.33
CA GLN C 313 -0.65 -7.16 -43.34
C GLN C 313 0.85 -6.83 -43.19
N HIS C 314 1.37 -6.82 -41.98
CA HIS C 314 2.69 -6.23 -41.74
C HIS C 314 3.78 -7.14 -41.18
N ILE C 315 3.39 -8.22 -40.50
CA ILE C 315 4.36 -9.04 -39.78
C ILE C 315 4.65 -10.33 -40.56
N PRO C 316 5.94 -10.58 -40.84
CA PRO C 316 6.35 -11.71 -41.69
C PRO C 316 5.93 -13.01 -41.03
N LYS C 317 5.42 -13.97 -41.80
CA LYS C 317 4.97 -15.21 -41.21
C LYS C 317 6.10 -16.25 -41.02
N THR C 318 7.34 -15.81 -41.00
CA THR C 318 8.45 -16.75 -40.81
C THR C 318 8.80 -17.03 -39.34
N ALA C 319 8.19 -16.27 -38.44
CA ALA C 319 8.47 -16.45 -37.02
C ALA C 319 7.20 -16.74 -36.21
N ASP C 320 7.36 -17.47 -35.11
CA ASP C 320 6.26 -17.62 -34.16
C ASP C 320 5.92 -16.25 -33.61
N LEU C 321 4.62 -16.00 -33.44
CA LEU C 321 4.17 -14.66 -33.06
C LEU C 321 3.21 -14.71 -31.88
N GLN C 322 3.43 -13.81 -30.93
CA GLN C 322 2.57 -13.65 -29.77
C GLN C 322 2.32 -12.16 -29.58
N VAL C 323 1.06 -11.76 -29.53
CA VAL C 323 0.74 -10.36 -29.22
C VAL C 323 0.03 -10.36 -27.89
N ASN C 324 0.66 -9.75 -26.90
CA ASN C 324 0.10 -9.67 -25.55
C ASN C 324 -0.53 -8.32 -25.33
N ILE C 325 -1.85 -8.24 -25.46
CA ILE C 325 -2.58 -7.00 -25.19
C ILE C 325 -3.09 -7.07 -23.74
N SER C 326 -2.64 -6.15 -22.89
CA SER C 326 -2.99 -6.24 -21.48
C SER C 326 -3.26 -4.88 -20.85
N THR C 327 -3.87 -4.90 -19.67
CA THR C 327 -4.06 -3.72 -18.85
C THR C 327 -3.43 -3.99 -17.49
N SER C 328 -3.48 -3.00 -16.59
CA SER C 328 -2.87 -3.15 -15.28
C SER C 328 -3.48 -4.31 -14.50
N ASP C 329 -4.79 -4.48 -14.63
CA ASP C 329 -5.50 -5.55 -13.95
C ASP C 329 -5.22 -6.97 -14.49
N GLY C 330 -4.81 -7.06 -15.75
CA GLY C 330 -4.42 -8.34 -16.31
C GLY C 330 -4.49 -8.39 -17.83
N PRO C 331 -4.45 -9.60 -18.39
CA PRO C 331 -4.50 -9.80 -19.85
C PRO C 331 -5.85 -9.33 -20.40
N ALA C 332 -5.82 -8.73 -21.59
CA ALA C 332 -7.05 -8.28 -22.25
C ALA C 332 -7.33 -9.13 -23.49
N ALA C 333 -6.28 -9.38 -24.26
CA ALA C 333 -6.36 -10.24 -25.43
C ALA C 333 -5.01 -10.85 -25.76
N LEU C 334 -5.07 -11.98 -26.45
CA LEU C 334 -3.89 -12.64 -26.99
C LEU C 334 -4.12 -12.91 -28.48
N ILE C 335 -3.11 -12.59 -29.29
CA ILE C 335 -3.12 -13.00 -30.69
C ILE C 335 -1.88 -13.87 -30.93
N THR C 336 -2.05 -15.03 -31.53
CA THR C 336 -0.89 -15.87 -31.83
C THR C 336 -0.91 -16.36 -33.27
N ARG C 337 0.27 -16.72 -33.76
CA ARG C 337 0.40 -17.29 -35.09
C ARG C 337 1.73 -18.02 -35.13
N LYS C 338 1.71 -19.31 -35.48
CA LYS C 338 2.98 -20.04 -35.60
C LYS C 338 3.75 -19.63 -36.85
N ALA C 339 5.05 -19.91 -36.86
CA ALA C 339 5.84 -19.67 -38.06
C ALA C 339 5.18 -20.47 -39.18
N ASN C 340 5.10 -19.86 -40.36
CA ASN C 340 4.56 -20.51 -41.57
C ASN C 340 3.04 -20.65 -41.56
N GLU C 341 2.41 -20.20 -40.47
CA GLU C 341 0.96 -20.25 -40.37
C GLU C 341 0.36 -19.00 -40.98
N ASP C 342 -0.64 -19.16 -41.83
CA ASP C 342 -1.24 -18.02 -42.52
C ASP C 342 -2.14 -17.20 -41.61
N ALA C 343 -3.04 -17.87 -40.90
CA ALA C 343 -4.04 -17.18 -40.09
C ALA C 343 -3.58 -16.95 -38.65
N ALA C 344 -3.75 -15.72 -38.16
CA ALA C 344 -3.53 -15.41 -36.76
C ALA C 344 -4.80 -15.73 -35.97
N THR C 345 -4.62 -16.28 -34.77
CA THR C 345 -5.75 -16.62 -33.91
C THR C 345 -5.80 -15.67 -32.72
N ALA C 346 -6.96 -15.05 -32.49
CA ALA C 346 -7.13 -14.09 -31.40
C ALA C 346 -8.05 -14.64 -30.31
N HIS C 347 -7.75 -14.33 -29.04
CA HIS C 347 -8.68 -14.63 -27.97
C HIS C 347 -8.88 -13.38 -27.11
N ILE C 348 -10.13 -13.06 -26.80
CA ILE C 348 -10.42 -11.96 -25.88
C ILE C 348 -10.62 -12.55 -24.50
N TYR C 349 -9.94 -12.00 -23.50
CA TYR C 349 -10.11 -12.53 -22.15
C TYR C 349 -11.43 -12.10 -21.51
N ASP C 350 -12.17 -13.08 -20.97
CA ASP C 350 -13.42 -12.82 -20.25
C ASP C 350 -13.30 -13.13 -18.76
N GLY D 18 -10.46 -1.09 -45.37
CA GLY D 18 -11.45 -0.25 -46.02
C GLY D 18 -12.40 0.42 -45.04
N ILE D 19 -13.48 -0.28 -44.69
CA ILE D 19 -14.53 0.27 -43.85
C ILE D 19 -14.93 -0.67 -42.70
N MSE D 20 -14.21 -1.77 -42.54
CA MSE D 20 -14.49 -2.71 -41.46
C MSE D 20 -13.25 -3.52 -41.11
O MSE D 20 -12.43 -3.82 -41.97
CB MSE D 20 -15.62 -3.65 -41.88
CG MSE D 20 -15.17 -4.77 -42.82
SE MSE D 20 -16.61 -5.90 -43.50
CE MSE D 20 -15.54 -7.48 -43.95
N THR D 21 -13.10 -3.89 -39.84
CA THR D 21 -12.08 -4.87 -39.49
C THR D 21 -12.40 -6.17 -40.23
N LYS D 22 -11.38 -6.96 -40.51
CA LYS D 22 -11.57 -8.14 -41.35
C LYS D 22 -11.75 -9.39 -40.51
N ASN D 23 -11.23 -9.36 -39.30
CA ASN D 23 -11.26 -10.49 -38.39
C ASN D 23 -12.32 -10.31 -37.33
N GLN D 24 -13.28 -11.22 -37.29
CA GLN D 24 -14.43 -11.10 -36.38
C GLN D 24 -14.10 -11.69 -35.03
N ILE D 25 -13.16 -12.65 -35.04
CA ILE D 25 -12.66 -13.28 -33.82
C ILE D 25 -13.63 -14.28 -33.20
N SER D 26 -14.90 -13.92 -33.11
CA SER D 26 -15.91 -14.78 -32.47
C SER D 26 -17.34 -14.51 -32.97
N SER D 27 -18.07 -15.60 -33.20
CA SER D 27 -19.43 -15.51 -33.69
C SER D 27 -20.26 -14.64 -32.78
N ASN D 28 -19.93 -14.65 -31.48
CA ASN D 28 -20.61 -13.80 -30.52
C ASN D 28 -20.26 -12.32 -30.72
N TYR D 29 -19.27 -12.05 -31.56
CA TYR D 29 -18.82 -10.67 -31.83
C TYR D 29 -19.25 -10.15 -33.22
N TYR D 30 -19.26 -8.82 -33.37
CA TYR D 30 -19.46 -8.19 -34.67
C TYR D 30 -18.13 -7.65 -35.16
N LYS D 31 -17.93 -7.59 -36.48
CA LYS D 31 -16.82 -6.82 -37.04
C LYS D 31 -17.08 -5.35 -36.69
N THR D 32 -16.01 -4.57 -36.60
CA THR D 32 -16.13 -3.22 -36.07
C THR D 32 -15.82 -2.18 -37.13
N VAL D 33 -16.63 -1.12 -37.15
CA VAL D 33 -16.48 -0.09 -38.16
C VAL D 33 -15.14 0.64 -38.05
N LEU D 34 -14.50 0.77 -39.22
CA LEU D 34 -13.32 1.59 -39.43
C LEU D 34 -13.67 2.70 -40.42
N PRO D 35 -13.03 3.87 -40.29
CA PRO D 35 -12.04 4.16 -39.25
C PRO D 35 -12.66 4.14 -37.86
N TYR D 36 -11.86 3.83 -36.86
CA TYR D 36 -12.36 3.68 -35.50
C TYR D 36 -12.93 4.99 -34.98
N LYS D 37 -14.08 4.89 -34.33
CA LYS D 37 -14.64 6.03 -33.59
C LYS D 37 -14.80 5.67 -32.12
N ALA D 38 -14.15 6.42 -31.24
CA ALA D 38 -14.25 6.15 -29.81
C ALA D 38 -15.68 6.41 -29.34
N SER D 39 -16.09 5.74 -28.27
CA SER D 39 -17.38 6.04 -27.65
C SER D 39 -17.48 7.51 -27.25
N LYS D 40 -18.60 8.14 -27.57
CA LYS D 40 -18.85 9.52 -27.14
C LYS D 40 -19.02 9.65 -25.63
N SER D 41 -19.08 8.53 -24.92
CA SER D 41 -19.07 8.53 -23.45
C SER D 41 -17.97 7.60 -22.94
N ARG D 42 -16.85 7.60 -23.65
CA ARG D 42 -15.76 6.68 -23.37
C ARG D 42 -15.35 6.65 -21.90
N GLY D 43 -15.29 5.45 -21.34
CA GLY D 43 -14.80 5.25 -19.99
C GLY D 43 -15.84 5.57 -18.93
N LEU D 44 -17.02 6.04 -19.35
CA LEU D 44 -18.05 6.34 -18.36
C LEU D 44 -18.51 5.07 -17.65
N VAL D 45 -18.47 3.94 -18.36
CA VAL D 45 -18.92 2.67 -17.80
C VAL D 45 -18.00 2.20 -16.67
N VAL D 46 -16.72 2.56 -16.76
CA VAL D 46 -15.76 2.17 -15.74
C VAL D 46 -16.07 2.94 -14.47
N SER D 47 -16.57 4.17 -14.62
CA SER D 47 -16.91 4.99 -13.47
C SER D 47 -18.20 4.52 -12.80
N ASN D 48 -19.10 3.94 -13.60
CA ASN D 48 -20.44 3.65 -13.09
C ASN D 48 -20.67 2.21 -12.66
N ILE D 49 -19.89 1.29 -13.22
CA ILE D 49 -20.05 -0.13 -12.95
C ILE D 49 -18.88 -0.64 -12.14
N TYR D 50 -19.17 -1.19 -10.96
CA TYR D 50 -18.12 -1.53 -10.01
C TYR D 50 -17.21 -2.65 -10.52
N SER D 51 -17.83 -3.74 -10.96
CA SER D 51 -17.10 -4.96 -11.28
C SER D 51 -16.80 -5.10 -12.77
N ARG D 52 -15.54 -5.36 -13.10
CA ARG D 52 -15.19 -5.55 -14.51
CA ARG D 52 -15.12 -5.61 -14.48
C ARG D 52 -15.92 -6.75 -15.10
N TYR D 53 -16.28 -7.73 -14.27
CA TYR D 53 -17.11 -8.83 -14.75
C TYR D 53 -18.51 -8.32 -15.15
N ASP D 54 -19.04 -7.37 -14.39
CA ASP D 54 -20.34 -6.77 -14.77
C ASP D 54 -20.19 -5.96 -16.05
N ILE D 55 -19.07 -5.24 -16.18
CA ILE D 55 -18.82 -4.45 -17.39
C ILE D 55 -18.74 -5.36 -18.62
N ASN D 56 -17.94 -6.42 -18.53
CA ASN D 56 -17.86 -7.40 -19.61
C ASN D 56 -19.24 -7.97 -19.96
N GLU D 57 -20.00 -8.35 -18.93
CA GLU D 57 -21.37 -8.88 -19.14
C GLU D 57 -22.26 -7.86 -19.84
N LEU D 58 -22.28 -6.65 -19.28
CA LEU D 58 -23.06 -5.56 -19.85
C LEU D 58 -22.73 -5.39 -21.34
N GLU D 59 -21.45 -5.27 -21.65
CA GLU D 59 -21.10 -4.96 -23.03
C GLU D 59 -21.28 -6.14 -23.99
N SER D 60 -20.69 -7.29 -23.67
CA SER D 60 -20.82 -8.46 -24.55
CA SER D 60 -20.82 -8.44 -24.57
C SER D 60 -22.24 -8.99 -24.56
N GLY D 61 -22.95 -8.77 -23.45
CA GLY D 61 -24.33 -9.16 -23.34
C GLY D 61 -25.21 -8.36 -24.30
N LEU D 62 -24.95 -7.06 -24.41
CA LEU D 62 -25.78 -6.25 -25.30
C LEU D 62 -25.53 -6.66 -26.76
N MSE D 63 -24.33 -7.16 -27.06
CA MSE D 63 -24.05 -7.67 -28.41
C MSE D 63 -24.79 -8.96 -28.69
O MSE D 63 -25.28 -9.18 -29.80
CB MSE D 63 -22.55 -7.88 -28.61
CG MSE D 63 -21.74 -6.60 -28.51
SE MSE D 63 -19.82 -7.07 -28.58
CE MSE D 63 -19.56 -7.34 -30.46
N ARG D 64 -24.83 -9.86 -27.69
CA ARG D 64 -25.62 -11.08 -27.83
C ARG D 64 -27.08 -10.74 -28.07
N VAL D 65 -27.63 -9.82 -27.28
CA VAL D 65 -29.01 -9.38 -27.47
C VAL D 65 -29.23 -8.83 -28.87
N SER D 66 -28.29 -8.01 -29.33
CA SER D 66 -28.42 -7.34 -30.63
C SER D 66 -28.46 -8.35 -31.78
N GLN D 67 -27.82 -9.49 -31.56
CA GLN D 67 -27.79 -10.53 -32.60
C GLN D 67 -29.16 -11.15 -32.89
N ASN D 68 -30.10 -10.99 -31.96
CA ASN D 68 -31.47 -11.42 -32.22
C ASN D 68 -32.10 -10.64 -33.36
N LYS D 69 -31.59 -9.44 -33.62
CA LYS D 69 -32.24 -8.59 -34.62
C LYS D 69 -31.30 -8.18 -35.76
N TYR D 70 -30.05 -7.93 -35.42
CA TYR D 70 -29.06 -7.46 -36.39
C TYR D 70 -27.93 -8.49 -36.50
N SER D 71 -27.95 -9.30 -37.53
CA SER D 71 -26.95 -10.36 -37.67
C SER D 71 -25.54 -9.81 -37.83
N PRO D 72 -24.55 -10.44 -37.18
CA PRO D 72 -23.18 -10.00 -37.53
C PRO D 72 -22.83 -10.38 -38.99
N ASP D 73 -23.67 -11.19 -39.65
CA ASP D 73 -23.49 -11.44 -41.09
C ASP D 73 -23.56 -10.16 -41.93
N ASN D 74 -24.41 -9.24 -41.51
CA ASN D 74 -24.75 -8.06 -42.30
C ASN D 74 -24.46 -6.70 -41.65
N TYR D 75 -24.28 -6.69 -40.33
CA TYR D 75 -24.12 -5.45 -39.58
C TYR D 75 -22.76 -5.31 -38.92
N LEU D 76 -22.27 -4.07 -38.88
CA LEU D 76 -21.00 -3.72 -38.24
C LEU D 76 -21.27 -2.96 -36.95
N PHE D 77 -20.40 -3.15 -35.98
CA PHE D 77 -20.56 -2.57 -34.64
C PHE D 77 -19.77 -1.28 -34.53
N GLN D 78 -20.36 -0.28 -33.86
CA GLN D 78 -19.63 0.92 -33.49
C GLN D 78 -20.09 1.33 -32.11
N GLU D 79 -19.14 1.70 -31.24
CA GLU D 79 -19.50 2.18 -29.93
C GLU D 79 -20.40 3.41 -30.05
N GLY D 80 -21.23 3.62 -29.03
CA GLY D 80 -22.25 4.67 -29.04
C GLY D 80 -21.75 6.06 -29.40
N GLN D 81 -22.28 6.58 -30.49
CA GLN D 81 -21.91 7.89 -31.01
C GLN D 81 -22.97 8.97 -30.75
N TYR D 82 -24.21 8.58 -30.49
CA TYR D 82 -25.31 9.56 -30.49
C TYR D 82 -25.64 10.13 -29.11
N LEU D 83 -25.45 9.34 -28.08
CA LEU D 83 -25.73 9.78 -26.71
C LEU D 83 -24.42 10.09 -26.01
N ASP D 84 -24.06 11.37 -25.90
CA ASP D 84 -22.75 11.71 -25.36
C ASP D 84 -22.70 11.73 -23.83
N LYS D 85 -21.49 11.81 -23.30
CA LYS D 85 -21.26 11.70 -21.85
C LYS D 85 -22.13 12.68 -21.07
N GLU D 86 -22.12 13.94 -21.49
CA GLU D 86 -22.87 14.97 -20.78
C GLU D 86 -24.35 14.61 -20.73
N THR D 87 -24.86 14.04 -21.82
CA THR D 87 -26.28 13.73 -21.90
C THR D 87 -26.66 12.54 -21.03
N LEU D 88 -25.81 11.51 -21.04
CA LEU D 88 -26.07 10.32 -20.25
C LEU D 88 -26.00 10.62 -18.77
N GLU D 89 -25.06 11.48 -18.38
CA GLU D 89 -24.92 11.88 -16.97
C GLU D 89 -26.19 12.53 -16.42
N LYS D 90 -26.83 13.38 -17.22
CA LYS D 90 -28.06 14.03 -16.78
C LYS D 90 -29.14 12.97 -16.56
N TRP D 91 -29.24 12.04 -17.49
CA TRP D 91 -30.23 10.98 -17.39
C TRP D 91 -29.98 10.07 -16.18
N LEU D 92 -28.70 9.88 -15.86
CA LEU D 92 -28.34 8.99 -14.77
C LEU D 92 -28.61 9.65 -13.41
N ASP D 93 -28.54 10.98 -13.39
CA ASP D 93 -28.81 11.75 -12.17
C ASP D 93 -30.24 11.56 -11.68
N ARG D 94 -30.43 11.84 -10.40
CA ARG D 94 -31.77 11.82 -9.85
C ARG D 94 -32.59 12.93 -10.50
N LYS D 95 -33.83 12.60 -10.81
CA LYS D 95 -34.80 13.59 -11.26
C LYS D 95 -34.93 14.67 -10.18
N SER D 96 -35.09 15.91 -10.62
CA SER D 96 -35.28 17.02 -9.69
C SER D 96 -35.77 18.25 -10.45
N ASP D 97 -35.90 19.36 -9.74
CA ASP D 97 -36.28 20.61 -10.38
C ASP D 97 -35.11 21.10 -11.24
N LYS D 98 -33.90 20.98 -10.70
CA LYS D 98 -32.70 21.42 -11.42
C LYS D 98 -32.39 20.54 -12.64
N ASN D 99 -33.05 19.39 -12.75
CA ASN D 99 -32.74 18.41 -13.81
C ASN D 99 -33.93 17.50 -14.09
N PRO D 100 -34.86 17.96 -14.93
CA PRO D 100 -36.09 17.22 -15.25
C PRO D 100 -35.80 15.92 -16.00
N ASN D 101 -34.67 15.86 -16.70
CA ASN D 101 -34.34 14.71 -17.54
C ASN D 101 -33.76 13.55 -16.73
N GLY D 102 -33.41 13.82 -15.49
CA GLY D 102 -32.88 12.80 -14.60
C GLY D 102 -33.86 11.65 -14.50
N LEU D 103 -33.34 10.44 -14.70
CA LEU D 103 -34.19 9.24 -14.75
C LEU D 103 -34.35 8.57 -13.39
N ASN D 104 -33.38 8.76 -12.51
CA ASN D 104 -33.48 8.16 -11.19
C ASN D 104 -34.39 8.93 -10.26
N PRO D 105 -35.13 8.20 -9.41
CA PRO D 105 -36.18 8.75 -8.53
C PRO D 105 -35.76 10.04 -7.84
N ALA D 106 -36.67 10.99 -7.75
CA ALA D 106 -36.45 12.16 -6.92
C ALA D 106 -36.28 11.69 -5.47
N SER D 107 -35.21 12.15 -4.83
CA SER D 107 -34.83 11.66 -3.50
C SER D 107 -35.83 12.02 -2.39
N ASN D 108 -35.63 11.46 -1.21
CA ASN D 108 -36.48 11.74 -0.05
C ASN D 108 -35.69 11.77 1.26
N GLY D 111 -33.64 7.25 4.69
CA GLY D 111 -34.53 6.77 5.72
C GLY D 111 -35.46 5.68 5.21
N GLU D 112 -36.73 6.03 5.03
CA GLU D 112 -37.71 5.10 4.51
C GLU D 112 -39.05 5.79 4.28
N ARG D 114 -37.13 5.44 1.69
CA ARG D 114 -36.02 5.84 0.82
C ARG D 114 -36.16 5.29 -0.59
N LYS D 115 -36.09 6.18 -1.57
CA LYS D 115 -36.07 5.78 -2.96
C LYS D 115 -34.63 5.75 -3.41
N PRO D 116 -34.15 4.55 -3.81
CA PRO D 116 -32.74 4.36 -4.14
C PRO D 116 -32.38 4.81 -5.55
N ILE D 117 -31.13 4.59 -5.92
CA ILE D 117 -30.69 4.74 -7.29
C ILE D 117 -31.00 3.42 -7.97
N TYR D 118 -31.96 3.42 -8.90
CA TYR D 118 -32.33 2.19 -9.58
C TYR D 118 -31.39 1.91 -10.75
N LEU D 119 -30.95 2.98 -11.41
CA LEU D 119 -30.24 2.90 -12.67
C LEU D 119 -28.82 3.41 -12.53
N ALA D 120 -27.85 2.50 -12.74
CA ALA D 120 -26.43 2.77 -12.56
C ALA D 120 -25.73 3.30 -13.82
N HIS D 121 -26.15 2.82 -14.98
CA HIS D 121 -25.44 3.19 -16.20
C HIS D 121 -26.34 2.97 -17.42
N ILE D 122 -26.09 3.76 -18.45
CA ILE D 122 -26.73 3.56 -19.75
C ILE D 122 -25.67 3.34 -20.81
N LEU D 123 -25.83 2.28 -21.60
CA LEU D 123 -24.85 1.90 -22.61
C LEU D 123 -25.48 1.96 -24.00
N GLU D 124 -24.79 2.58 -24.94
CA GLU D 124 -25.29 2.65 -26.31
C GLU D 124 -24.36 1.90 -27.25
N GLN D 125 -24.93 1.05 -28.09
CA GLN D 125 -24.18 0.42 -29.19
C GLN D 125 -24.88 0.70 -30.51
N ASP D 126 -24.10 1.06 -31.52
CA ASP D 126 -24.65 1.38 -32.85
C ASP D 126 -24.35 0.26 -33.85
N TYR D 127 -25.33 -0.06 -34.69
CA TYR D 127 -25.19 -1.13 -35.65
C TYR D 127 -25.40 -0.57 -37.07
N LEU D 128 -24.34 -0.70 -37.87
CA LEU D 128 -24.29 -0.08 -39.19
C LEU D 128 -24.30 -1.17 -40.24
N LYS D 129 -24.87 -0.85 -41.38
CA LYS D 129 -24.97 -1.82 -42.47
C LYS D 129 -24.22 -1.24 -43.66
N GLN D 130 -23.36 -2.04 -44.27
CA GLN D 130 -22.69 -1.58 -45.49
C GLN D 130 -23.72 -1.55 -46.60
N THR D 131 -23.94 -0.37 -47.17
CA THR D 131 -24.89 -0.20 -48.25
C THR D 131 -24.20 -0.01 -49.59
N ASP D 132 -23.02 0.61 -49.55
CA ASP D 132 -22.18 0.80 -50.74
C ASP D 132 -20.77 0.32 -50.42
N LYS D 133 -19.93 0.22 -51.46
CA LYS D 133 -18.57 -0.27 -51.29
C LYS D 133 -17.83 0.44 -50.16
N ASP D 134 -17.87 1.76 -50.18
CA ASP D 134 -17.10 2.55 -49.22
C ASP D 134 -17.99 3.27 -48.20
N THR D 135 -19.28 2.95 -48.20
CA THR D 135 -20.22 3.64 -47.32
C THR D 135 -20.92 2.70 -46.35
N VAL D 136 -21.31 3.26 -45.21
CA VAL D 136 -22.02 2.48 -44.21
C VAL D 136 -23.11 3.38 -43.61
N ALA D 137 -24.30 2.83 -43.39
CA ALA D 137 -25.39 3.60 -42.81
C ALA D 137 -25.91 2.96 -41.53
N LEU D 138 -26.47 3.78 -40.64
CA LEU D 138 -26.97 3.31 -39.36
C LEU D 138 -28.21 2.45 -39.56
N GLY D 139 -28.18 1.24 -39.01
CA GLY D 139 -29.29 0.31 -39.19
C GLY D 139 -30.09 0.10 -37.92
N GLY D 140 -29.44 0.32 -36.78
CA GLY D 140 -30.13 0.12 -35.52
C GLY D 140 -29.26 0.55 -34.35
N ILE D 141 -29.89 0.77 -33.21
CA ILE D 141 -29.17 1.18 -32.03
C ILE D 141 -29.63 0.29 -30.89
N SER D 142 -28.70 -0.23 -30.10
CA SER D 142 -29.09 -0.97 -28.90
C SER D 142 -28.72 -0.19 -27.65
N ILE D 143 -29.59 -0.25 -26.65
CA ILE D 143 -29.40 0.44 -25.39
C ILE D 143 -29.49 -0.57 -24.25
N ALA D 144 -28.54 -0.52 -23.33
CA ALA D 144 -28.70 -1.30 -22.11
C ALA D 144 -28.83 -0.35 -20.93
N LEU D 145 -29.84 -0.60 -20.10
CA LEU D 145 -29.93 0.06 -18.80
C LEU D 145 -29.39 -0.86 -17.72
N ALA D 146 -28.33 -0.43 -17.05
CA ALA D 146 -27.73 -1.22 -16.00
C ALA D 146 -28.36 -0.87 -14.65
N MSE D 147 -29.21 -1.75 -14.15
CA MSE D 147 -29.94 -1.51 -12.90
C MSE D 147 -29.15 -2.04 -11.69
O MSE D 147 -28.39 -3.00 -11.80
CB MSE D 147 -31.31 -2.19 -12.94
CG MSE D 147 -32.06 -2.03 -14.24
SE MSE D 147 -32.57 -0.19 -14.54
CE MSE D 147 -33.76 0.02 -13.00
N ASN D 148 -29.36 -1.42 -10.54
CA ASN D 148 -28.77 -1.92 -9.30
C ASN D 148 -29.64 -3.02 -8.71
N SER D 149 -29.01 -4.08 -8.23
CA SER D 149 -29.71 -5.10 -7.45
C SER D 149 -29.54 -4.75 -5.99
N VAL D 150 -28.44 -4.07 -5.69
CA VAL D 150 -28.18 -3.50 -4.38
C VAL D 150 -27.71 -2.07 -4.60
N ASP D 151 -28.28 -1.14 -3.87
CA ASP D 151 -27.88 0.25 -3.97
C ASP D 151 -27.09 0.65 -2.73
N TYR D 152 -25.83 1.01 -2.94
CA TYR D 152 -24.92 1.33 -1.86
C TYR D 152 -24.84 2.84 -1.65
N TYR D 153 -25.00 3.29 -0.41
CA TYR D 153 -24.93 4.71 -0.09
C TYR D 153 -24.35 4.95 1.29
N GLN D 154 -24.18 6.22 1.61
CA GLN D 154 -23.73 6.65 2.93
C GLN D 154 -24.49 7.89 3.32
N LYS D 155 -24.75 8.02 4.62
CA LYS D 155 -25.50 9.16 5.13
C LYS D 155 -24.57 10.34 5.36
N GLU D 156 -23.27 10.05 5.46
CA GLU D 156 -22.26 11.07 5.68
C GLU D 156 -20.94 10.57 5.12
N LYS D 157 -20.00 11.48 4.89
CA LYS D 157 -18.65 11.12 4.47
C LYS D 157 -17.95 10.32 5.57
N TYR D 158 -17.05 9.43 5.19
CA TYR D 158 -16.34 8.57 6.15
C TYR D 158 -17.31 7.71 6.96
N GLY D 159 -18.59 7.75 6.59
CA GLY D 159 -19.59 6.98 7.31
C GLY D 159 -19.69 5.56 6.81
N ASP D 160 -20.51 4.74 7.47
CA ASP D 160 -20.73 3.35 7.06
C ASP D 160 -21.47 3.28 5.73
N THR D 161 -21.07 2.32 4.89
CA THR D 161 -21.73 2.10 3.61
C THR D 161 -22.97 1.23 3.81
N TYR D 162 -24.15 1.79 3.52
CA TYR D 162 -25.41 1.08 3.70
C TYR D 162 -25.80 0.41 2.38
N GLU D 163 -26.71 -0.56 2.46
CA GLU D 163 -27.12 -1.33 1.29
C GLU D 163 -28.64 -1.48 1.20
N GLN D 164 -29.21 -1.01 0.10
CA GLN D 164 -30.65 -1.17 -0.11
C GLN D 164 -30.90 -2.11 -1.28
N PRO D 165 -31.43 -3.30 -0.99
CA PRO D 165 -31.71 -4.34 -1.98
C PRO D 165 -32.93 -4.00 -2.85
N ILE D 166 -32.77 -4.12 -4.16
CA ILE D 166 -33.88 -3.94 -5.08
C ILE D 166 -34.34 -5.28 -5.63
N SER D 167 -35.62 -5.58 -5.43
CA SER D 167 -36.22 -6.83 -5.89
C SER D 167 -36.22 -6.92 -7.41
N ASP D 168 -35.95 -8.11 -7.94
CA ASP D 168 -35.99 -8.34 -9.39
C ASP D 168 -37.23 -7.74 -10.05
N SER D 169 -38.39 -8.01 -9.46
CA SER D 169 -39.66 -7.53 -9.98
C SER D 169 -39.75 -6.01 -9.97
N GLU D 170 -39.16 -5.39 -8.94
CA GLU D 170 -39.14 -3.94 -8.82
C GLU D 170 -38.15 -3.36 -9.81
N LEU D 171 -37.04 -4.07 -9.97
CA LEU D 171 -35.97 -3.68 -10.88
C LEU D 171 -36.46 -3.67 -12.32
N LEU D 172 -37.13 -4.76 -12.71
CA LEU D 172 -37.77 -4.85 -14.01
C LEU D 172 -38.81 -3.75 -14.20
N ALA D 173 -39.53 -3.42 -13.12
CA ALA D 173 -40.58 -2.41 -13.21
C ALA D 173 -40.03 -1.05 -13.59
N GLN D 174 -39.04 -0.59 -12.82
CA GLN D 174 -38.40 0.68 -13.10
C GLN D 174 -37.72 0.65 -14.47
N GLY D 175 -37.06 -0.44 -14.79
CA GLY D 175 -36.39 -0.58 -16.08
C GLY D 175 -37.39 -0.32 -17.19
N LYS D 176 -38.54 -0.99 -17.10
CA LYS D 176 -39.56 -0.88 -18.13
C LYS D 176 -40.05 0.54 -18.33
N GLU D 177 -40.26 1.26 -17.23
CA GLU D 177 -40.71 2.66 -17.30
C GLU D 177 -39.63 3.61 -17.84
N MSE D 178 -38.40 3.41 -17.41
CA MSE D 178 -37.30 4.25 -17.88
C MSE D 178 -37.00 4.01 -19.36
O MSE D 178 -36.54 4.90 -20.06
CB MSE D 178 -36.04 4.00 -17.08
CG MSE D 178 -36.15 4.40 -15.64
SE MSE D 178 -34.62 3.63 -14.74
CE MSE D 178 -34.89 4.39 -12.98
N SER D 179 -37.25 2.78 -19.79
CA SER D 179 -37.01 2.42 -21.18
C SER D 179 -37.95 3.17 -22.12
N ALA D 180 -39.16 3.44 -21.65
CA ALA D 180 -40.12 4.19 -22.48
C ALA D 180 -39.67 5.64 -22.56
N THR D 181 -39.28 6.23 -21.44
CA THR D 181 -38.75 7.58 -21.49
C THR D 181 -37.57 7.63 -22.45
N VAL D 182 -36.62 6.70 -22.29
CA VAL D 182 -35.43 6.71 -23.14
C VAL D 182 -35.80 6.67 -24.62
N LEU D 183 -36.69 5.76 -24.99
CA LEU D 183 -37.17 5.67 -26.36
C LEU D 183 -37.73 6.98 -26.87
N ASN D 184 -38.59 7.62 -26.07
CA ASN D 184 -39.18 8.88 -26.50
C ASN D 184 -38.09 9.93 -26.71
N ARG D 185 -37.08 9.91 -25.85
CA ARG D 185 -35.98 10.85 -25.97
C ARG D 185 -35.13 10.58 -27.20
N ILE D 186 -34.87 9.30 -27.48
CA ILE D 186 -34.10 8.95 -28.65
C ILE D 186 -34.83 9.40 -29.91
N ARG D 187 -36.14 9.27 -29.92
CA ARG D 187 -36.92 9.62 -31.09
C ARG D 187 -36.85 11.10 -31.44
N GLN D 188 -36.40 11.91 -30.50
CA GLN D 188 -36.24 13.34 -30.73
C GLN D 188 -34.78 13.71 -30.97
N THR D 189 -33.93 12.69 -31.05
CA THR D 189 -32.50 12.89 -31.25
C THR D 189 -32.17 12.83 -32.74
N LYS D 190 -31.55 13.88 -33.26
CA LYS D 190 -31.25 13.97 -34.68
C LYS D 190 -30.53 12.72 -35.20
N GLY D 191 -31.10 12.12 -36.24
CA GLY D 191 -30.49 10.97 -36.86
C GLY D 191 -30.95 9.67 -36.24
N LEU D 192 -31.74 9.76 -35.19
CA LEU D 192 -32.27 8.58 -34.54
C LEU D 192 -33.80 8.49 -34.63
N GLU D 193 -34.41 9.32 -35.48
CA GLU D 193 -35.86 9.38 -35.56
C GLU D 193 -36.48 8.12 -36.19
N ASN D 194 -35.82 7.57 -37.20
CA ASN D 194 -36.36 6.45 -37.97
C ASN D 194 -35.56 5.17 -37.79
N VAL D 195 -34.73 5.13 -36.78
CA VAL D 195 -33.89 3.97 -36.52
C VAL D 195 -34.55 3.03 -35.51
N PRO D 196 -34.57 1.73 -35.83
CA PRO D 196 -35.00 0.69 -34.88
C PRO D 196 -34.21 0.82 -33.59
N VAL D 197 -34.87 0.74 -32.44
CA VAL D 197 -34.17 0.76 -31.17
C VAL D 197 -34.43 -0.52 -30.40
N THR D 198 -33.37 -1.09 -29.85
CA THR D 198 -33.49 -2.24 -28.97
C THR D 198 -33.00 -1.85 -27.58
N ILE D 199 -33.87 -1.97 -26.58
CA ILE D 199 -33.49 -1.68 -25.20
C ILE D 199 -33.52 -2.95 -24.35
N ALA D 200 -32.49 -3.13 -23.53
CA ALA D 200 -32.34 -4.32 -22.71
C ALA D 200 -32.08 -3.93 -21.26
N ILE D 201 -32.62 -4.72 -20.36
CA ILE D 201 -32.45 -4.45 -18.94
C ILE D 201 -31.43 -5.41 -18.33
N TYR D 202 -30.36 -4.83 -17.81
CA TYR D 202 -29.29 -5.60 -17.21
C TYR D 202 -29.36 -5.43 -15.71
N LYS D 203 -29.16 -6.53 -14.98
CA LYS D 203 -29.12 -6.50 -13.53
C LYS D 203 -27.68 -6.64 -13.09
N GLN D 204 -27.17 -5.61 -12.44
CA GLN D 204 -25.80 -5.63 -11.95
C GLN D 204 -25.75 -6.44 -10.66
N GLY D 205 -24.68 -7.19 -10.46
CA GLY D 205 -24.57 -8.01 -9.26
C GLY D 205 -24.14 -7.23 -8.04
N ALA D 206 -24.09 -7.91 -6.89
CA ALA D 206 -23.59 -7.30 -5.65
C ALA D 206 -22.07 -7.17 -5.69
N ARG D 207 -21.55 -6.19 -4.95
CA ARG D 207 -20.11 -5.97 -4.89
C ARG D 207 -19.38 -7.09 -4.16
N ASP D 208 -20.07 -7.73 -3.21
CA ASP D 208 -19.46 -8.80 -2.42
C ASP D 208 -19.67 -10.20 -3.00
N ALA D 209 -19.96 -10.27 -4.29
CA ALA D 209 -20.12 -11.55 -4.97
C ALA D 209 -19.09 -11.62 -6.08
N VAL D 210 -18.53 -12.80 -6.34
CA VAL D 210 -17.60 -12.92 -7.45
C VAL D 210 -18.33 -12.96 -8.78
N ALA D 211 -19.40 -13.74 -8.84
CA ALA D 211 -20.18 -13.83 -10.07
C ALA D 211 -20.91 -12.51 -10.34
N PRO D 212 -20.77 -11.98 -11.56
CA PRO D 212 -21.45 -10.75 -11.96
C PRO D 212 -22.95 -10.95 -12.08
N GLY D 213 -23.67 -9.90 -12.46
CA GLY D 213 -25.11 -9.96 -12.64
C GLY D 213 -25.43 -10.56 -14.01
N ASN D 214 -26.58 -10.20 -14.57
CA ASN D 214 -27.04 -10.77 -15.83
C ASN D 214 -28.14 -9.92 -16.46
N TYR D 215 -28.35 -10.10 -17.76
CA TYR D 215 -29.48 -9.45 -18.43
C TYR D 215 -30.76 -10.13 -17.99
N ILE D 216 -31.87 -9.40 -17.99
CA ILE D 216 -33.14 -9.97 -17.54
C ILE D 216 -34.29 -9.87 -18.55
N ALA D 217 -34.21 -8.90 -19.45
CA ALA D 217 -35.28 -8.73 -20.46
C ALA D 217 -34.90 -7.75 -21.55
N TYR D 218 -35.59 -7.81 -22.68
CA TYR D 218 -35.37 -6.83 -23.73
C TYR D 218 -36.63 -6.59 -24.53
N ALA D 219 -36.67 -5.45 -25.21
CA ALA D 219 -37.79 -5.07 -26.06
C ALA D 219 -37.26 -4.21 -27.19
N THR D 220 -38.03 -4.16 -28.28
CA THR D 220 -37.60 -3.50 -29.49
C THR D 220 -38.68 -2.53 -29.96
N ALA D 221 -38.26 -1.35 -30.41
CA ALA D 221 -39.19 -0.38 -30.96
C ALA D 221 -38.87 -0.11 -32.43
N ASN D 222 -39.78 -0.53 -33.31
CA ASN D 222 -39.65 -0.20 -34.73
C ASN D 222 -40.09 1.24 -34.95
N GLY D 223 -41.15 1.62 -34.25
CA GLY D 223 -41.69 2.97 -34.36
C GLY D 223 -41.61 3.73 -33.06
N ASP D 224 -42.77 4.16 -32.57
CA ASP D 224 -42.81 5.02 -31.40
C ASP D 224 -42.99 4.27 -30.09
N SER D 225 -43.33 2.98 -30.18
CA SER D 225 -43.62 2.21 -28.96
C SER D 225 -42.74 0.98 -28.82
N LEU D 226 -42.49 0.58 -27.58
CA LEU D 226 -41.75 -0.64 -27.30
C LEU D 226 -42.63 -1.86 -27.45
N SER D 227 -42.07 -2.93 -27.99
CA SER D 227 -42.76 -4.21 -28.07
C SER D 227 -43.01 -4.71 -26.65
N ASN D 228 -43.70 -5.83 -26.54
CA ASN D 228 -43.75 -6.54 -25.27
C ASN D 228 -42.33 -6.96 -24.93
N TRP D 229 -42.03 -7.01 -23.64
CA TRP D 229 -40.72 -7.42 -23.17
C TRP D 229 -40.54 -8.93 -23.23
N LYS D 230 -39.41 -9.37 -23.76
CA LYS D 230 -39.06 -10.79 -23.74
C LYS D 230 -38.08 -11.06 -22.61
N ASP D 231 -38.32 -12.14 -21.87
CA ASP D 231 -37.41 -12.51 -20.78
C ASP D 231 -36.11 -13.12 -21.30
N ILE D 232 -35.03 -12.86 -20.57
CA ILE D 232 -33.72 -13.41 -20.89
C ILE D 232 -33.30 -14.28 -19.72
N ASP D 233 -33.09 -15.57 -19.98
CA ASP D 233 -32.64 -16.48 -18.92
C ASP D 233 -31.13 -16.61 -18.97
N GLU D 234 -30.43 -15.73 -18.27
CA GLU D 234 -28.97 -15.74 -18.22
C GLU D 234 -28.54 -15.63 -16.76
N LYS D 235 -27.50 -16.37 -16.40
CA LYS D 235 -27.05 -16.39 -15.01
C LYS D 235 -25.58 -16.77 -14.94
N ASN D 236 -24.85 -16.15 -14.02
CA ASN D 236 -23.43 -16.40 -13.82
C ASN D 236 -23.17 -17.07 -12.48
N TYR D 237 -22.34 -18.12 -12.48
CA TYR D 237 -22.07 -18.88 -11.27
C TYR D 237 -20.55 -18.98 -11.03
N VAL D 238 -20.19 -19.11 -9.77
CA VAL D 238 -18.83 -19.46 -9.42
C VAL D 238 -18.74 -20.96 -9.18
N LEU D 239 -17.63 -21.56 -9.60
CA LEU D 239 -17.40 -22.98 -9.40
C LEU D 239 -16.03 -23.19 -8.77
N PRO D 240 -15.95 -24.09 -7.78
CA PRO D 240 -17.13 -24.77 -7.24
C PRO D 240 -17.83 -23.88 -6.21
N SER D 241 -19.10 -24.16 -5.94
CA SER D 241 -19.82 -23.45 -4.89
C SER D 241 -21.09 -24.19 -4.57
N THR D 242 -21.68 -23.87 -3.43
CA THR D 242 -22.92 -24.51 -3.02
C THR D 242 -24.03 -24.18 -4.03
N GLU D 243 -24.04 -22.93 -4.48
CA GLU D 243 -25.01 -22.48 -5.49
C GLU D 243 -24.89 -23.33 -6.75
N SER D 244 -23.66 -23.57 -7.18
CA SER D 244 -23.41 -24.39 -8.36
C SER D 244 -23.80 -25.83 -8.13
N ALA D 245 -23.40 -26.37 -6.99
CA ALA D 245 -23.75 -27.74 -6.64
C ALA D 245 -25.25 -27.97 -6.73
N LYS D 246 -26.03 -26.94 -6.39
CA LYS D 246 -27.47 -27.09 -6.27
C LYS D 246 -28.25 -26.82 -7.56
N ASP D 247 -27.75 -25.90 -8.37
CA ASP D 247 -28.47 -25.51 -9.58
C ASP D 247 -27.93 -26.18 -10.83
N HIS D 248 -26.65 -26.52 -10.79
CA HIS D 248 -25.99 -27.16 -11.93
C HIS D 248 -25.01 -28.21 -11.41
N LYS D 249 -25.56 -29.24 -10.80
CA LYS D 249 -24.77 -30.27 -10.12
C LYS D 249 -23.76 -30.99 -11.02
N THR D 250 -24.14 -31.27 -12.25
CA THR D 250 -23.24 -31.97 -13.18
C THR D 250 -22.01 -31.12 -13.46
N ASP D 251 -22.21 -29.92 -13.95
CA ASP D 251 -21.10 -29.00 -14.17
C ASP D 251 -20.28 -28.87 -12.89
N ASN D 252 -20.96 -28.73 -11.76
CA ASN D 252 -20.23 -28.58 -10.49
C ASN D 252 -19.41 -29.81 -10.17
N ASP D 253 -20.01 -30.98 -10.37
CA ASP D 253 -19.33 -32.25 -10.18
C ASP D 253 -18.12 -32.36 -11.11
N ASN D 254 -18.36 -32.17 -12.39
CA ASN D 254 -17.26 -32.19 -13.34
C ASN D 254 -16.14 -31.25 -12.94
N PHE D 255 -16.48 -30.10 -12.37
CA PHE D 255 -15.47 -29.11 -12.04
C PHE D 255 -14.68 -29.52 -10.79
N LEU D 256 -15.39 -30.07 -9.82
CA LEU D 256 -14.78 -30.48 -8.57
C LEU D 256 -13.71 -31.56 -8.80
N ASN D 257 -13.94 -32.43 -9.77
CA ASN D 257 -12.95 -33.43 -10.15
C ASN D 257 -11.73 -32.74 -10.74
N PHE D 258 -11.97 -31.93 -11.76
CA PHE D 258 -10.92 -31.15 -12.41
C PHE D 258 -10.03 -30.55 -11.34
N LYS D 259 -10.63 -29.89 -10.36
CA LYS D 259 -9.88 -29.19 -9.32
C LYS D 259 -9.08 -30.18 -8.48
N LYS D 260 -9.67 -31.35 -8.24
CA LYS D 260 -9.02 -32.39 -7.46
C LYS D 260 -7.77 -32.89 -8.18
N ALA D 261 -7.92 -33.15 -9.48
CA ALA D 261 -6.81 -33.66 -10.28
C ALA D 261 -5.64 -32.68 -10.29
N ILE D 262 -5.93 -31.40 -10.09
CA ILE D 262 -4.89 -30.39 -10.01
C ILE D 262 -4.21 -30.41 -8.64
N GLU D 263 -5.00 -30.54 -7.59
CA GLU D 263 -4.47 -30.67 -6.24
C GLU D 263 -3.73 -32.01 -6.10
N ASP D 264 -4.05 -32.95 -6.98
CA ASP D 264 -3.44 -34.28 -6.97
C ASP D 264 -1.93 -34.20 -7.22
N TYR D 265 -1.54 -34.02 -8.47
CA TYR D 265 -0.12 -33.94 -8.83
C TYR D 265 0.50 -32.62 -8.42
N TYR D 266 -0.34 -31.60 -8.25
CA TYR D 266 0.14 -30.27 -7.87
C TYR D 266 -0.58 -29.72 -6.64
N PRO D 267 -0.36 -30.31 -5.46
CA PRO D 267 -0.92 -29.74 -4.22
C PRO D 267 -0.35 -28.35 -3.96
N ASN D 268 -1.01 -27.57 -3.11
CA ASN D 268 -0.60 -26.20 -2.81
C ASN D 268 -1.14 -25.15 -3.80
N PHE D 269 -1.49 -25.59 -5.01
CA PHE D 269 -2.10 -24.71 -6.01
C PHE D 269 -3.61 -24.64 -5.79
N THR D 270 -4.01 -24.15 -4.63
CA THR D 270 -5.40 -24.26 -4.18
C THR D 270 -6.25 -23.05 -4.54
N GLY D 271 -5.99 -22.43 -5.70
CA GLY D 271 -6.72 -21.24 -6.07
C GLY D 271 -7.56 -21.38 -7.31
N VAL D 272 -7.75 -22.62 -7.79
CA VAL D 272 -8.50 -22.85 -9.02
C VAL D 272 -9.98 -22.51 -8.88
N VAL D 273 -10.46 -21.56 -9.67
CA VAL D 273 -11.86 -21.18 -9.63
C VAL D 273 -12.44 -21.04 -11.02
N GLY D 274 -13.70 -21.40 -11.16
CA GLY D 274 -14.40 -21.26 -12.43
C GLY D 274 -15.50 -20.21 -12.35
N ARG D 275 -15.70 -19.49 -13.44
CA ARG D 275 -16.79 -18.54 -13.59
C ARG D 275 -17.63 -19.03 -14.77
N GLY D 276 -18.85 -19.46 -14.50
CA GLY D 276 -19.68 -20.06 -15.53
C GLY D 276 -20.88 -19.20 -15.93
N ARG D 277 -20.94 -18.84 -17.21
CA ARG D 277 -22.11 -18.15 -17.74
C ARG D 277 -23.12 -19.16 -18.29
N TYR D 278 -24.36 -19.07 -17.79
CA TYR D 278 -25.44 -19.98 -18.17
C TYR D 278 -26.52 -19.24 -18.96
N GLU D 279 -26.95 -19.85 -20.06
CA GLU D 279 -28.01 -19.29 -20.88
C GLU D 279 -29.07 -20.36 -21.06
N ASP D 280 -30.28 -20.06 -20.63
CA ASP D 280 -31.40 -20.98 -20.69
C ASP D 280 -31.08 -22.27 -19.94
N GLY D 281 -30.33 -22.12 -18.85
CA GLY D 281 -30.04 -23.22 -17.95
C GLY D 281 -28.86 -24.06 -18.38
N GLN D 282 -28.25 -23.69 -19.50
CA GLN D 282 -27.16 -24.47 -20.04
C GLN D 282 -25.86 -23.67 -20.02
N LEU D 283 -24.78 -24.34 -19.62
CA LEU D 283 -23.48 -23.71 -19.57
C LEU D 283 -23.05 -23.26 -20.97
N ALA D 284 -22.80 -21.96 -21.12
CA ALA D 284 -22.44 -21.39 -22.42
C ALA D 284 -20.94 -21.08 -22.50
N GLU D 285 -20.39 -20.61 -21.39
CA GLU D 285 -19.00 -20.16 -21.33
C GLU D 285 -18.43 -20.40 -19.94
N LEU D 286 -17.27 -21.04 -19.88
CA LEU D 286 -16.62 -21.26 -18.60
C LEU D 286 -15.22 -20.64 -18.64
N ASN D 287 -14.96 -19.75 -17.68
CA ASN D 287 -13.63 -19.15 -17.53
C ASN D 287 -12.94 -19.67 -16.28
N ILE D 288 -11.83 -20.39 -16.46
CA ILE D 288 -11.13 -20.97 -15.32
C ILE D 288 -9.92 -20.12 -14.98
N ASP D 289 -9.84 -19.67 -13.73
CA ASP D 289 -8.71 -18.86 -13.31
C ASP D 289 -7.77 -19.68 -12.44
N ILE D 290 -6.50 -19.65 -12.77
CA ILE D 290 -5.52 -20.39 -11.98
C ILE D 290 -4.37 -19.46 -11.65
N PRO D 291 -4.49 -18.72 -10.54
CA PRO D 291 -3.38 -17.86 -10.12
C PRO D 291 -2.28 -18.69 -9.46
N LEU D 292 -1.04 -18.51 -9.90
CA LEU D 292 0.10 -19.29 -9.41
C LEU D 292 1.23 -18.39 -8.91
N GLN D 293 2.11 -18.96 -8.10
CA GLN D 293 3.40 -18.34 -7.82
C GLN D 293 4.38 -18.85 -8.86
N PHE D 294 5.31 -18.00 -9.29
CA PHE D 294 6.28 -18.41 -10.30
C PHE D 294 7.52 -19.00 -9.65
N TYR D 295 7.80 -20.26 -9.97
CA TYR D 295 9.01 -20.91 -9.47
C TYR D 295 9.96 -21.33 -10.58
N GLY D 296 9.56 -21.12 -11.83
CA GLY D 296 10.38 -21.55 -12.95
C GLY D 296 9.52 -21.79 -14.18
N GLU D 297 10.11 -21.68 -15.37
CA GLU D 297 9.30 -21.76 -16.59
C GLU D 297 8.94 -23.21 -16.98
N ALA D 298 9.89 -24.13 -16.82
CA ALA D 298 9.61 -25.54 -17.11
C ALA D 298 8.39 -25.99 -16.32
N GLU D 299 8.30 -25.55 -15.08
CA GLU D 299 7.17 -25.92 -14.23
C GLU D 299 5.86 -25.43 -14.80
N ILE D 300 5.85 -24.19 -15.26
CA ILE D 300 4.69 -23.62 -15.95
C ILE D 300 4.30 -24.46 -17.19
N ILE D 301 5.30 -24.83 -17.99
CA ILE D 301 5.04 -25.59 -19.22
C ILE D 301 4.44 -26.96 -18.92
N GLY D 302 5.06 -27.68 -18.00
CA GLY D 302 4.54 -28.98 -17.60
C GLY D 302 3.13 -28.88 -17.03
N PHE D 303 2.92 -27.88 -16.19
CA PHE D 303 1.62 -27.70 -15.55
C PHE D 303 0.55 -27.45 -16.61
N THR D 304 0.87 -26.63 -17.61
CA THR D 304 -0.12 -26.28 -18.62
C THR D 304 -0.47 -27.49 -19.48
N GLN D 305 0.52 -28.35 -19.73
CA GLN D 305 0.28 -29.56 -20.54
C GLN D 305 -0.70 -30.45 -19.79
N TYR D 306 -0.45 -30.64 -18.51
CA TYR D 306 -1.31 -31.44 -17.65
C TYR D 306 -2.71 -30.87 -17.62
N VAL D 307 -2.82 -29.57 -17.35
CA VAL D 307 -4.13 -28.94 -17.27
C VAL D 307 -4.86 -29.06 -18.60
N THR D 308 -4.10 -28.99 -19.70
CA THR D 308 -4.70 -29.16 -21.03
C THR D 308 -5.28 -30.57 -21.19
N ASP D 309 -4.55 -31.57 -20.70
CA ASP D 309 -5.06 -32.93 -20.66
C ASP D 309 -6.38 -32.95 -19.88
N LEU D 310 -6.38 -32.28 -18.72
CA LEU D 310 -7.53 -32.29 -17.81
C LEU D 310 -8.83 -31.69 -18.38
N VAL D 311 -8.74 -30.60 -19.11
CA VAL D 311 -9.96 -30.01 -19.67
C VAL D 311 -10.64 -30.97 -20.65
N GLY D 312 -9.85 -31.80 -21.32
CA GLY D 312 -10.39 -32.82 -22.20
C GLY D 312 -11.09 -33.93 -21.43
N GLN D 313 -10.53 -34.30 -20.28
CA GLN D 313 -11.12 -35.33 -19.43
C GLN D 313 -12.35 -34.86 -18.67
N HIS D 314 -12.25 -33.70 -18.01
CA HIS D 314 -13.25 -33.29 -17.01
C HIS D 314 -14.27 -32.25 -17.47
N ILE D 315 -13.89 -31.37 -18.38
CA ILE D 315 -14.77 -30.27 -18.79
C ILE D 315 -15.54 -30.60 -20.06
N PRO D 316 -16.86 -30.39 -20.03
CA PRO D 316 -17.74 -30.67 -21.16
C PRO D 316 -17.43 -29.77 -22.35
N LYS D 317 -17.51 -30.31 -23.57
CA LYS D 317 -17.17 -29.55 -24.77
C LYS D 317 -18.37 -28.81 -25.37
N THR D 318 -19.44 -28.66 -24.61
CA THR D 318 -20.60 -27.93 -25.09
C THR D 318 -20.47 -26.42 -24.83
N ALA D 319 -19.43 -26.03 -24.09
CA ALA D 319 -19.24 -24.63 -23.71
C ALA D 319 -17.92 -24.06 -24.23
N ASP D 320 -17.90 -22.75 -24.48
CA ASP D 320 -16.66 -22.05 -24.79
C ASP D 320 -15.82 -22.09 -23.51
N LEU D 321 -14.51 -22.32 -23.66
CA LEU D 321 -13.65 -22.51 -22.50
C LEU D 321 -12.41 -21.63 -22.59
N GLN D 322 -12.10 -20.96 -21.49
CA GLN D 322 -10.87 -20.18 -21.36
C GLN D 322 -10.20 -20.54 -20.03
N VAL D 323 -8.91 -20.89 -20.06
CA VAL D 323 -8.18 -21.13 -18.83
C VAL D 323 -7.03 -20.13 -18.73
N ASN D 324 -7.12 -19.21 -17.77
CA ASN D 324 -6.10 -18.19 -17.58
C ASN D 324 -5.17 -18.57 -16.44
N ILE D 325 -3.99 -19.05 -16.78
CA ILE D 325 -2.97 -19.37 -15.77
C ILE D 325 -2.06 -18.13 -15.68
N SER D 326 -1.97 -17.54 -14.50
CA SER D 326 -1.20 -16.31 -14.39
C SER D 326 -0.41 -16.24 -13.09
N THR D 327 0.57 -15.34 -13.08
CA THR D 327 1.30 -14.97 -11.87
C THR D 327 0.99 -13.50 -11.58
N SER D 328 1.58 -12.95 -10.54
CA SER D 328 1.35 -11.54 -10.20
C SER D 328 1.97 -10.61 -11.25
N ASP D 329 2.85 -11.15 -12.09
CA ASP D 329 3.52 -10.33 -13.10
C ASP D 329 2.87 -10.47 -14.46
N GLY D 330 1.80 -11.23 -14.52
CA GLY D 330 1.03 -11.34 -15.74
C GLY D 330 0.74 -12.75 -16.18
N PRO D 331 0.16 -12.89 -17.36
CA PRO D 331 -0.29 -14.20 -17.83
C PRO D 331 0.90 -15.10 -18.03
N ALA D 332 0.72 -16.36 -17.67
CA ALA D 332 1.75 -17.37 -17.84
C ALA D 332 1.35 -18.34 -18.97
N ALA D 333 0.06 -18.67 -19.03
CA ALA D 333 -0.42 -19.56 -20.09
C ALA D 333 -1.91 -19.37 -20.35
N LEU D 334 -2.35 -19.68 -21.57
CA LEU D 334 -3.76 -19.60 -21.91
C LEU D 334 -4.14 -20.92 -22.56
N ILE D 335 -5.24 -21.50 -22.12
CA ILE D 335 -5.79 -22.68 -22.76
C ILE D 335 -7.22 -22.32 -23.16
N THR D 336 -7.58 -22.57 -24.42
CA THR D 336 -8.94 -22.30 -24.88
C THR D 336 -9.50 -23.47 -25.66
N ARG D 337 -10.82 -23.51 -25.72
CA ARG D 337 -11.52 -24.47 -26.57
C ARG D 337 -12.91 -23.95 -26.92
N LYS D 338 -13.28 -24.07 -28.19
CA LYS D 338 -14.57 -23.61 -28.65
C LYS D 338 -15.64 -24.59 -28.21
N ALA D 339 -16.86 -24.09 -28.06
CA ALA D 339 -17.97 -24.98 -27.87
C ALA D 339 -18.00 -25.92 -29.08
N ASN D 340 -18.18 -27.21 -28.81
CA ASN D 340 -18.26 -28.23 -29.87
C ASN D 340 -16.96 -28.49 -30.62
N GLU D 341 -15.86 -27.92 -30.14
CA GLU D 341 -14.54 -28.28 -30.64
C GLU D 341 -14.08 -29.50 -29.83
N ASP D 342 -13.17 -30.29 -30.40
CA ASP D 342 -12.72 -31.50 -29.72
C ASP D 342 -11.42 -31.27 -28.94
N ALA D 343 -10.49 -30.57 -29.57
CA ALA D 343 -9.19 -30.34 -28.96
C ALA D 343 -9.05 -28.92 -28.45
N ALA D 344 -8.54 -28.79 -27.23
CA ALA D 344 -8.21 -27.48 -26.68
C ALA D 344 -6.84 -27.05 -27.21
N THR D 345 -6.59 -25.75 -27.29
CA THR D 345 -5.28 -25.29 -27.71
C THR D 345 -4.66 -24.44 -26.60
N ALA D 346 -3.36 -24.58 -26.39
CA ALA D 346 -2.73 -23.89 -25.29
C ALA D 346 -1.62 -22.99 -25.82
N HIS D 347 -1.40 -21.88 -25.14
CA HIS D 347 -0.26 -21.04 -25.47
C HIS D 347 0.53 -20.72 -24.20
N ILE D 348 1.84 -20.92 -24.26
CA ILE D 348 2.72 -20.48 -23.16
C ILE D 348 3.18 -19.03 -23.41
N TYR D 349 3.00 -18.12 -22.46
CA TYR D 349 3.45 -16.74 -22.69
C TYR D 349 4.98 -16.61 -22.62
N ASP D 350 5.56 -15.98 -23.64
CA ASP D 350 6.99 -15.69 -23.64
C ASP D 350 7.29 -14.20 -23.52
C1 GOL E . -15.31 7.67 12.10
O1 GOL E . -13.94 7.32 12.13
C2 GOL E . -15.42 9.16 11.80
O2 GOL E . -14.26 9.52 11.08
C3 GOL E . -16.65 9.46 10.95
O3 GOL E . -17.84 9.29 11.68
C1 GOL F . -23.56 20.42 -5.98
O1 GOL F . -23.58 21.51 -6.88
C2 GOL F . -24.15 20.88 -4.64
O2 GOL F . -24.89 19.81 -4.07
C3 GOL F . -23.03 21.25 -3.69
O3 GOL F . -22.25 20.11 -3.39
C1 PEG G . -11.28 32.79 21.34
O1 PEG G . -11.37 33.78 22.32
C2 PEG G . -12.29 32.90 20.25
O2 PEG G . -13.51 33.30 20.78
C3 PEG G . -13.72 34.61 21.14
C4 PEG G . -14.93 34.71 22.02
O4 PEG G . -14.94 35.96 22.61
C1 PEG H . -15.55 17.82 -2.65
O1 PEG H . -15.41 17.08 -3.80
C2 PEG H . -16.99 17.95 -2.28
O2 PEG H . -17.12 18.74 -1.16
C3 PEG H . -18.37 19.01 -0.66
C4 PEG H . -18.26 19.40 0.78
O4 PEG H . -18.18 18.28 1.57
C1 PEG I . -39.39 23.88 9.10
O1 PEG I . -38.47 22.99 9.64
C2 PEG I . -38.73 25.10 8.57
O2 PEG I . -39.34 26.21 9.12
C3 PEG I . -38.67 27.42 9.22
C4 PEG I . -37.45 27.25 10.06
O4 PEG I . -37.76 26.92 11.37
C1 BME J . 17.81 4.70 7.87
C2 BME J . 18.06 6.10 8.43
O1 BME J . 19.04 4.10 7.55
S2 BME J . 16.68 7.25 8.15
C1 GOL K . 19.31 0.40 32.68
O1 GOL K . 20.19 -0.15 31.75
C2 GOL K . 19.75 0.04 34.09
O2 GOL K . 21.14 -0.22 34.07
C3 GOL K . 19.43 1.19 35.03
O3 GOL K . 19.90 0.88 36.33
C1 GOL L . 34.85 -3.48 40.56
O1 GOL L . 36.00 -3.65 41.36
C2 GOL L . 35.12 -2.46 39.45
O2 GOL L . 36.50 -2.14 39.41
C3 GOL L . 34.33 -1.19 39.70
O3 GOL L . 34.65 -0.26 38.69
C1 GOL M . 36.99 12.57 16.32
O1 GOL M . 38.27 12.00 16.19
C2 GOL M . 36.87 13.21 17.70
O2 GOL M . 38.15 13.23 18.29
C3 GOL M . 36.34 14.63 17.54
O3 GOL M . 36.15 15.21 18.82
C1 GOL N . 14.53 -24.03 1.42
O1 GOL N . 15.77 -23.77 2.02
C2 GOL N . 13.85 -22.71 1.05
O2 GOL N . 14.55 -21.64 1.66
C3 GOL N . 12.41 -22.70 1.57
O3 GOL N . 11.76 -21.55 1.09
C1 GOL O . 18.98 -10.66 -7.08
O1 GOL O . 19.96 -10.39 -6.09
C2 GOL O . 19.41 -11.86 -7.93
O2 GOL O . 20.39 -12.55 -7.20
C3 GOL O . 18.25 -12.81 -8.23
O3 GOL O . 17.00 -12.12 -8.38
C1 PEG P . 14.00 0.99 40.35
O1 PEG P . 15.22 0.76 40.96
C2 PEG P . 13.34 2.18 40.95
O2 PEG P . 12.56 2.79 39.99
C3 PEG P . 12.40 4.16 39.97
C4 PEG P . 13.17 4.73 38.83
O4 PEG P . 12.83 6.05 38.66
C1 PEG Q . 14.90 -9.59 -8.49
O1 PEG Q . 14.31 -10.80 -8.82
C2 PEG Q . 13.87 -8.60 -8.04
O2 PEG Q . 14.48 -7.54 -7.38
C3 PEG Q . 15.11 -7.75 -6.17
C4 PEG Q . 16.22 -6.75 -5.99
O4 PEG Q . 17.32 -7.36 -5.43
C1 GOL R . 19.59 -22.49 -28.94
O1 GOL R . 18.41 -21.72 -29.05
C2 GOL R . 19.49 -23.66 -29.91
O2 GOL R . 18.56 -23.33 -30.93
C3 GOL R . 20.86 -23.96 -30.52
O3 GOL R . 20.91 -25.27 -31.05
C1 GOL S . 30.93 -10.09 -3.14
O1 GOL S . 32.19 -9.53 -3.42
C2 GOL S . 30.89 -11.53 -3.63
O2 GOL S . 31.50 -12.37 -2.66
C3 GOL S . 29.43 -11.96 -3.81
O3 GOL S . 28.82 -11.16 -4.79
C1 GOL T . 4.24 -7.23 -45.90
O1 GOL T . 5.64 -7.08 -46.01
C2 GOL T . 3.91 -8.52 -45.16
O2 GOL T . 5.08 -9.08 -44.65
C3 GOL T . 3.23 -9.50 -46.12
O3 GOL T . 4.03 -9.67 -47.28
C1 GOL U . 1.37 -3.97 -16.79
O1 GOL U . 2.23 -4.84 -17.49
C2 GOL U . 0.28 -3.45 -17.72
O2 GOL U . 0.37 -4.14 -18.95
C3 GOL U . 0.45 -1.94 -17.97
O3 GOL U . -0.68 -1.42 -18.64
C1 PEG V . 6.72 -14.69 -19.42
O1 PEG V . 5.86 -14.90 -18.37
C2 PEG V . 6.98 -13.23 -19.58
O2 PEG V . 8.04 -12.85 -18.80
C3 PEG V . 8.13 -11.53 -18.37
C4 PEG V . 7.06 -11.25 -17.37
O4 PEG V . 7.35 -10.06 -16.73
C1 GOL W . -27.20 -14.49 -24.43
O1 GOL W . -27.84 -15.42 -25.26
C2 GOL W . -27.98 -13.17 -24.43
O2 GOL W . -29.36 -13.43 -24.58
C3 GOL W . -27.74 -12.42 -23.12
O3 GOL W . -26.46 -11.85 -23.15
C1 GOL X . -40.95 10.67 -21.87
O1 GOL X . -42.36 10.72 -21.86
C2 GOL X . -40.38 12.00 -21.37
O2 GOL X . -39.75 11.81 -20.12
C3 GOL X . -39.37 12.55 -22.39
O3 GOL X . -38.45 13.42 -21.77
C1 PEG Y . -18.33 6.60 -44.62
O1 PEG Y . -17.33 5.66 -44.76
C2 PEG Y . -19.64 5.89 -44.57
O2 PEG Y . -20.66 6.82 -44.59
C3 PEG Y . -21.16 7.33 -43.41
C4 PEG Y . -22.36 8.18 -43.73
O4 PEG Y . -22.94 7.78 -44.91
C1 PEG Z . 11.28 -20.01 -4.45
O1 PEG Z . 12.50 -20.00 -3.82
C2 PEG Z . 11.09 -18.74 -5.23
O2 PEG Z . 10.01 -18.06 -4.73
C3 PEG Z . 8.78 -18.16 -5.32
C4 PEG Z . 7.77 -17.41 -4.51
O4 PEG Z . 8.09 -16.07 -4.50
C1 PEG AA . -27.03 -22.10 -24.99
O1 PEG AA . -28.41 -22.10 -24.93
C2 PEG AA . -26.48 -23.37 -24.44
O2 PEG AA . -25.10 -23.34 -24.45
C3 PEG AA . -24.41 -23.26 -25.65
C4 PEG AA . -23.74 -21.94 -25.79
O4 PEG AA . -22.55 -22.06 -26.49
#